data_1X4A
#
_entry.id   1X4A
#
_entity_poly.entity_id   1
_entity_poly.type   'polypeptide(L)'
_entity_poly.pdbx_seq_one_letter_code
;GSSGSSGMSGGGVIRGPAGNNDCRIYVGNLPPDIRTKDIEDVFYKYGAIRDIDLKNRRGGPPFAFVEFEDPRDAEDAVYG
RDGYDYDGYRLRVEFPRSGRGTGSGPSSG
;
_entity_poly.pdbx_strand_id   A
#
# COMPACT_ATOMS: atom_id res chain seq x y z
N GLY A 1 -18.45 20.75 19.84
CA GLY A 1 -17.33 21.62 19.53
C GLY A 1 -16.34 20.92 18.58
N SER A 2 -15.76 21.72 17.69
CA SER A 2 -14.81 21.19 16.73
C SER A 2 -14.05 22.34 16.07
N SER A 3 -12.94 21.99 15.42
CA SER A 3 -12.12 22.98 14.75
C SER A 3 -10.91 22.29 14.11
N GLY A 4 -10.29 23.00 13.17
CA GLY A 4 -9.13 22.49 12.48
C GLY A 4 -7.87 23.26 12.87
N SER A 5 -6.73 22.67 12.55
CA SER A 5 -5.45 23.30 12.85
C SER A 5 -4.34 22.62 12.06
N SER A 6 -3.20 23.30 11.99
CA SER A 6 -2.06 22.79 11.26
C SER A 6 -2.39 22.65 9.78
N GLY A 7 -1.42 23.03 8.95
CA GLY A 7 -1.61 22.96 7.51
C GLY A 7 -0.51 22.11 6.86
N MET A 8 -0.49 22.13 5.54
CA MET A 8 0.49 21.38 4.78
C MET A 8 0.75 22.00 3.42
N SER A 9 2.02 22.20 3.12
CA SER A 9 2.40 22.79 1.84
C SER A 9 3.93 22.92 1.77
N GLY A 10 4.42 23.06 0.55
CA GLY A 10 5.85 23.20 0.33
C GLY A 10 6.32 22.25 -0.77
N GLY A 11 7.57 21.82 -0.65
CA GLY A 11 8.16 20.90 -1.62
C GLY A 11 9.53 20.41 -1.14
N GLY A 12 9.73 19.12 -1.29
CA GLY A 12 10.99 18.50 -0.90
C GLY A 12 10.97 17.00 -1.13
N VAL A 13 11.80 16.30 -0.37
CA VAL A 13 11.89 14.85 -0.48
C VAL A 13 11.85 14.45 -1.96
N ILE A 14 12.79 15.02 -2.71
CA ILE A 14 12.87 14.73 -4.14
C ILE A 14 12.75 13.22 -4.36
N ARG A 15 13.51 12.48 -3.57
CA ARG A 15 13.51 11.03 -3.67
C ARG A 15 13.67 10.41 -2.28
N GLY A 16 12.85 9.40 -2.02
CA GLY A 16 12.91 8.70 -0.74
C GLY A 16 13.91 7.55 -0.78
N PRO A 17 14.30 7.09 0.44
CA PRO A 17 15.26 6.00 0.55
C PRO A 17 14.59 4.65 0.22
N ALA A 18 15.24 3.92 -0.68
CA ALA A 18 14.72 2.63 -1.09
C ALA A 18 15.81 1.57 -0.93
N GLY A 19 15.38 0.34 -0.74
CA GLY A 19 16.31 -0.77 -0.58
C GLY A 19 15.95 -1.93 -1.50
N ASN A 20 15.45 -3.00 -0.88
CA ASN A 20 15.06 -4.17 -1.63
C ASN A 20 14.35 -5.16 -0.70
N ASN A 21 13.06 -5.34 -0.96
CA ASN A 21 12.25 -6.24 -0.15
C ASN A 21 10.84 -6.31 -0.73
N ASP A 22 10.08 -7.28 -0.24
CA ASP A 22 8.71 -7.46 -0.70
C ASP A 22 7.76 -7.31 0.49
N CYS A 23 6.49 -7.61 0.23
CA CYS A 23 5.47 -7.52 1.26
C CYS A 23 5.43 -6.06 1.76
N ARG A 24 5.71 -5.15 0.84
CA ARG A 24 5.71 -3.74 1.17
C ARG A 24 4.54 -3.04 0.49
N ILE A 25 3.77 -2.32 1.29
CA ILE A 25 2.61 -1.60 0.77
C ILE A 25 2.70 -0.13 1.19
N TYR A 26 2.39 0.74 0.24
CA TYR A 26 2.44 2.16 0.49
C TYR A 26 1.05 2.71 0.81
N VAL A 27 0.98 3.48 1.90
CA VAL A 27 -0.28 4.07 2.31
C VAL A 27 -0.23 5.58 2.11
N GLY A 28 -1.21 6.09 1.39
CA GLY A 28 -1.29 7.51 1.12
C GLY A 28 -2.64 8.09 1.57
N ASN A 29 -2.79 9.38 1.36
CA ASN A 29 -4.01 10.06 1.74
C ASN A 29 -4.27 9.86 3.24
N LEU A 30 -3.21 10.07 4.02
CA LEU A 30 -3.29 9.91 5.46
C LEU A 30 -3.45 11.29 6.11
N PRO A 31 -3.95 11.28 7.37
CA PRO A 31 -4.15 12.51 8.11
C PRO A 31 -2.81 13.06 8.61
N PRO A 32 -2.84 14.38 8.99
CA PRO A 32 -1.65 15.03 9.50
C PRO A 32 -1.34 14.59 10.93
N ASP A 33 -2.38 14.19 11.63
CA ASP A 33 -2.24 13.75 13.01
C ASP A 33 -2.31 12.23 13.05
N ILE A 34 -1.59 11.60 12.13
CA ILE A 34 -1.56 10.15 12.05
C ILE A 34 -0.31 9.62 12.75
N ARG A 35 -0.38 8.38 13.18
CA ARG A 35 0.74 7.75 13.86
C ARG A 35 1.03 6.38 13.24
N THR A 36 2.30 5.99 13.36
CA THR A 36 2.73 4.71 12.81
C THR A 36 2.05 3.55 13.56
N LYS A 37 1.64 3.85 14.78
CA LYS A 37 0.98 2.85 15.62
C LYS A 37 -0.43 2.59 15.08
N ASP A 38 -1.20 3.67 15.00
CA ASP A 38 -2.56 3.57 14.51
C ASP A 38 -2.58 2.74 13.22
N ILE A 39 -1.63 3.06 12.35
CA ILE A 39 -1.53 2.35 11.08
C ILE A 39 -1.15 0.89 11.34
N GLU A 40 -0.39 0.69 12.41
CA GLU A 40 0.05 -0.64 12.79
C GLU A 40 -1.14 -1.48 13.26
N ASP A 41 -1.80 -0.97 14.29
CA ASP A 41 -2.95 -1.66 14.84
C ASP A 41 -4.05 -1.76 13.78
N VAL A 42 -3.88 -0.98 12.73
CA VAL A 42 -4.83 -0.98 11.64
C VAL A 42 -4.62 -2.21 10.76
N PHE A 43 -3.46 -2.24 10.11
CA PHE A 43 -3.11 -3.35 9.25
C PHE A 43 -2.79 -4.61 10.07
N TYR A 44 -2.61 -4.40 11.37
CA TYR A 44 -2.30 -5.51 12.26
C TYR A 44 -3.45 -6.50 12.32
N LYS A 45 -4.65 -6.00 12.05
CA LYS A 45 -5.83 -6.84 12.07
C LYS A 45 -5.72 -7.89 10.96
N TYR A 46 -4.86 -7.60 10.00
CA TYR A 46 -4.64 -8.51 8.88
C TYR A 46 -3.40 -9.38 9.10
N GLY A 47 -3.09 -9.59 10.37
CA GLY A 47 -1.94 -10.39 10.73
C GLY A 47 -0.98 -9.61 11.64
N ALA A 48 0.20 -9.35 11.12
CA ALA A 48 1.21 -8.62 11.87
C ALA A 48 2.04 -7.77 10.91
N ILE A 49 2.84 -6.88 11.49
CA ILE A 49 3.69 -6.00 10.71
C ILE A 49 5.15 -6.24 11.09
N ARG A 50 6.02 -6.12 10.10
CA ARG A 50 7.44 -6.31 10.33
C ARG A 50 8.11 -4.98 10.66
N ASP A 51 7.72 -3.95 9.92
CA ASP A 51 8.27 -2.62 10.14
C ASP A 51 7.47 -1.60 9.31
N ILE A 52 7.33 -0.42 9.87
CA ILE A 52 6.59 0.64 9.21
C ILE A 52 7.50 1.86 9.06
N ASP A 53 7.55 2.38 7.83
CA ASP A 53 8.37 3.54 7.55
C ASP A 53 7.47 4.69 7.11
N LEU A 54 7.46 5.74 7.94
CA LEU A 54 6.65 6.90 7.65
C LEU A 54 7.56 8.11 7.45
N LYS A 55 7.42 8.74 6.29
CA LYS A 55 8.23 9.91 5.97
C LYS A 55 7.69 11.12 6.74
N ASN A 56 6.56 11.63 6.27
CA ASN A 56 5.94 12.78 6.90
C ASN A 56 6.86 14.00 6.75
N ARG A 57 6.64 14.74 5.68
CA ARG A 57 7.44 15.92 5.41
C ARG A 57 6.93 16.63 4.15
N ARG A 58 7.38 17.86 3.99
CA ARG A 58 6.98 18.66 2.83
C ARG A 58 6.94 17.78 1.58
N GLY A 59 5.81 17.86 0.89
CA GLY A 59 5.62 17.08 -0.33
C GLY A 59 4.30 16.33 -0.30
N GLY A 60 3.22 17.09 -0.35
CA GLY A 60 1.89 16.51 -0.33
C GLY A 60 1.53 15.98 1.06
N PRO A 61 0.60 14.99 1.09
CA PRO A 61 0.17 14.39 2.33
C PRO A 61 1.25 13.45 2.89
N PRO A 62 1.01 12.97 4.14
CA PRO A 62 1.94 12.06 4.78
C PRO A 62 1.84 10.66 4.19
N PHE A 63 3.00 10.07 3.94
CA PHE A 63 3.06 8.74 3.36
C PHE A 63 3.98 7.83 4.18
N ALA A 64 3.68 6.54 4.15
CA ALA A 64 4.47 5.57 4.88
C ALA A 64 4.29 4.19 4.23
N PHE A 65 5.26 3.32 4.51
CA PHE A 65 5.22 1.98 3.95
C PHE A 65 5.10 0.93 5.07
N VAL A 66 4.24 -0.04 4.82
CA VAL A 66 4.02 -1.11 5.79
C VAL A 66 4.58 -2.42 5.24
N GLU A 67 5.47 -3.01 6.00
CA GLU A 67 6.09 -4.26 5.61
C GLU A 67 5.47 -5.43 6.38
N PHE A 68 4.69 -6.23 5.66
CA PHE A 68 4.04 -7.38 6.26
C PHE A 68 4.98 -8.58 6.33
N GLU A 69 4.55 -9.59 7.07
CA GLU A 69 5.34 -10.80 7.23
C GLU A 69 5.17 -11.71 6.02
N ASP A 70 3.95 -11.72 5.49
CA ASP A 70 3.65 -12.56 4.33
C ASP A 70 3.03 -11.68 3.25
N PRO A 71 3.24 -12.10 1.97
CA PRO A 71 2.72 -11.38 0.83
C PRO A 71 1.20 -11.60 0.68
N ARG A 72 0.81 -12.86 0.80
CA ARG A 72 -0.59 -13.22 0.68
C ARG A 72 -1.44 -12.31 1.57
N ASP A 73 -0.87 -11.93 2.70
CA ASP A 73 -1.56 -11.06 3.64
C ASP A 73 -1.38 -9.61 3.21
N ALA A 74 -0.13 -9.25 2.98
CA ALA A 74 0.20 -7.89 2.57
C ALA A 74 -0.78 -7.45 1.48
N GLU A 75 -1.18 -8.40 0.66
CA GLU A 75 -2.11 -8.13 -0.42
C GLU A 75 -3.55 -8.08 0.11
N ASP A 76 -3.86 -9.05 0.96
CA ASP A 76 -5.20 -9.14 1.54
C ASP A 76 -5.51 -7.82 2.26
N ALA A 77 -4.47 -7.20 2.79
CA ALA A 77 -4.62 -5.95 3.49
C ALA A 77 -4.96 -4.83 2.49
N VAL A 78 -4.01 -4.59 1.60
CA VAL A 78 -4.18 -3.56 0.58
C VAL A 78 -5.46 -3.84 -0.21
N TYR A 79 -5.75 -5.12 -0.37
CA TYR A 79 -6.93 -5.54 -1.09
C TYR A 79 -8.20 -4.96 -0.46
N GLY A 80 -8.06 -4.53 0.79
CA GLY A 80 -9.17 -3.96 1.52
C GLY A 80 -8.86 -2.53 1.97
N ARG A 81 -7.87 -2.42 2.84
CA ARG A 81 -7.46 -1.12 3.35
C ARG A 81 -7.48 -0.08 2.23
N ASP A 82 -7.20 -0.56 1.03
CA ASP A 82 -7.18 0.32 -0.13
C ASP A 82 -8.59 0.89 -0.36
N GLY A 83 -8.80 2.08 0.20
CA GLY A 83 -10.08 2.74 0.07
C GLY A 83 -10.80 2.84 1.43
N TYR A 84 -10.00 2.73 2.48
CA TYR A 84 -10.53 2.80 3.83
C TYR A 84 -10.70 4.25 4.27
N ASP A 85 -11.64 4.46 5.19
CA ASP A 85 -11.91 5.79 5.70
C ASP A 85 -11.55 5.83 7.19
N TYR A 86 -10.52 6.61 7.50
CA TYR A 86 -10.08 6.76 8.87
C TYR A 86 -10.13 8.22 9.31
N ASP A 87 -10.78 8.43 10.46
CA ASP A 87 -10.91 9.78 11.00
C ASP A 87 -11.69 10.64 10.02
N GLY A 88 -12.44 9.97 9.16
CA GLY A 88 -13.25 10.67 8.16
C GLY A 88 -12.46 10.89 6.88
N TYR A 89 -11.14 10.74 6.99
CA TYR A 89 -10.27 10.92 5.84
C TYR A 89 -10.07 9.60 5.09
N ARG A 90 -10.12 9.69 3.77
CA ARG A 90 -9.95 8.51 2.93
C ARG A 90 -8.47 8.16 2.80
N LEU A 91 -8.19 6.86 2.78
CA LEU A 91 -6.83 6.39 2.65
C LEU A 91 -6.66 5.70 1.30
N ARG A 92 -5.45 5.80 0.78
CA ARG A 92 -5.12 5.19 -0.50
C ARG A 92 -3.98 4.20 -0.35
N VAL A 93 -4.34 2.93 -0.26
CA VAL A 93 -3.35 1.87 -0.12
C VAL A 93 -3.05 1.27 -1.49
N GLU A 94 -1.77 1.24 -1.82
CA GLU A 94 -1.34 0.69 -3.09
C GLU A 94 0.15 0.31 -3.04
N PHE A 95 0.52 -0.65 -3.87
CA PHE A 95 1.89 -1.11 -3.92
C PHE A 95 2.78 -0.10 -4.65
N PRO A 96 4.08 -0.07 -4.25
CA PRO A 96 5.04 0.83 -4.87
C PRO A 96 5.44 0.33 -6.26
N ARG A 97 5.75 1.28 -7.13
CA ARG A 97 6.16 0.96 -8.48
C ARG A 97 7.40 0.07 -8.47
N SER A 98 7.48 -0.80 -9.46
CA SER A 98 8.61 -1.71 -9.56
C SER A 98 8.75 -2.21 -11.00
N GLY A 99 7.64 -2.75 -11.51
CA GLY A 99 7.62 -3.27 -12.86
C GLY A 99 7.08 -4.71 -12.90
N ARG A 100 7.28 -5.35 -14.03
CA ARG A 100 6.83 -6.73 -14.20
C ARG A 100 7.97 -7.70 -13.89
N GLY A 101 7.59 -8.96 -13.71
CA GLY A 101 8.56 -10.00 -13.41
C GLY A 101 7.99 -11.00 -12.41
N THR A 102 7.25 -11.97 -12.94
CA THR A 102 6.65 -13.00 -12.11
C THR A 102 6.72 -14.36 -12.81
N GLY A 103 7.74 -15.13 -12.45
CA GLY A 103 7.93 -16.44 -13.03
C GLY A 103 7.52 -17.53 -12.05
N SER A 104 7.54 -18.77 -12.54
CA SER A 104 7.18 -19.91 -11.71
C SER A 104 7.29 -21.20 -12.53
N GLY A 105 7.20 -22.31 -11.83
CA GLY A 105 7.29 -23.61 -12.47
C GLY A 105 6.02 -24.44 -12.21
N PRO A 106 5.94 -25.59 -12.93
CA PRO A 106 4.79 -26.47 -12.79
C PRO A 106 4.85 -27.26 -11.48
N SER A 107 6.02 -27.88 -11.25
CA SER A 107 6.21 -28.65 -10.04
C SER A 107 7.63 -29.23 -10.03
N SER A 108 7.94 -30.00 -11.06
CA SER A 108 9.25 -30.62 -11.18
C SER A 108 9.48 -31.58 -10.02
N GLY A 109 9.13 -32.84 -10.25
CA GLY A 109 9.29 -33.85 -9.22
C GLY A 109 10.78 -34.07 -8.91
N GLY A 1 -19.07 7.54 14.35
CA GLY A 1 -19.18 7.98 12.97
C GLY A 1 -20.59 7.78 12.43
N SER A 2 -20.82 8.32 11.24
CA SER A 2 -22.12 8.20 10.60
C SER A 2 -21.99 8.46 9.10
N SER A 3 -21.50 9.65 8.78
CA SER A 3 -21.33 10.04 7.39
C SER A 3 -20.09 10.93 7.25
N GLY A 4 -19.50 10.88 6.08
CA GLY A 4 -18.31 11.67 5.79
C GLY A 4 -18.25 12.08 4.32
N SER A 5 -17.49 13.12 4.06
CA SER A 5 -17.34 13.61 2.70
C SER A 5 -16.01 14.37 2.55
N SER A 6 -15.15 13.83 1.72
CA SER A 6 -13.85 14.44 1.49
C SER A 6 -13.36 14.12 0.07
N GLY A 7 -12.55 15.02 -0.45
CA GLY A 7 -12.01 14.86 -1.80
C GLY A 7 -10.64 15.51 -1.92
N MET A 8 -9.76 14.84 -2.65
CA MET A 8 -8.41 15.34 -2.86
C MET A 8 -7.71 14.59 -3.99
N SER A 9 -7.07 15.36 -4.86
CA SER A 9 -6.37 14.78 -5.99
C SER A 9 -4.86 14.78 -5.71
N GLY A 10 -4.18 13.82 -6.33
CA GLY A 10 -2.75 13.69 -6.15
C GLY A 10 -2.34 12.24 -5.89
N GLY A 11 -1.15 11.89 -6.35
CA GLY A 11 -0.64 10.55 -6.18
C GLY A 11 0.34 10.18 -7.29
N GLY A 12 1.45 9.57 -6.88
CA GLY A 12 2.47 9.17 -7.83
C GLY A 12 3.69 8.58 -7.12
N VAL A 13 4.25 7.55 -7.73
CA VAL A 13 5.42 6.89 -7.16
C VAL A 13 6.55 6.92 -8.17
N ILE A 14 7.76 7.08 -7.65
CA ILE A 14 8.94 7.12 -8.49
C ILE A 14 9.30 5.71 -8.95
N ARG A 15 10.05 5.64 -10.03
CA ARG A 15 10.46 4.36 -10.59
C ARG A 15 11.00 3.45 -9.48
N GLY A 16 11.09 2.17 -9.80
CA GLY A 16 11.59 1.19 -8.84
C GLY A 16 11.84 -0.15 -9.52
N PRO A 17 12.73 -0.96 -8.87
CA PRO A 17 13.07 -2.27 -9.39
C PRO A 17 11.93 -3.27 -9.16
N ALA A 18 12.16 -4.50 -9.60
CA ALA A 18 11.17 -5.55 -9.44
C ALA A 18 11.56 -6.44 -8.25
N GLY A 19 10.66 -7.36 -7.93
CA GLY A 19 10.90 -8.27 -6.82
C GLY A 19 9.81 -9.34 -6.75
N ASN A 20 10.04 -10.31 -5.87
CA ASN A 20 9.08 -11.39 -5.70
C ASN A 20 7.89 -10.90 -4.87
N ASN A 21 6.76 -10.74 -5.54
CA ASN A 21 5.55 -10.28 -4.88
C ASN A 21 5.85 -8.96 -4.15
N ASP A 22 4.80 -8.36 -3.62
CA ASP A 22 4.92 -7.11 -2.90
C ASP A 22 4.53 -7.32 -1.44
N CYS A 23 5.54 -7.32 -0.58
CA CYS A 23 5.31 -7.50 0.84
C CYS A 23 5.24 -6.13 1.50
N ARG A 24 5.73 -5.14 0.78
CA ARG A 24 5.74 -3.77 1.29
C ARG A 24 4.63 -2.95 0.61
N ILE A 25 3.66 -2.55 1.42
CA ILE A 25 2.55 -1.76 0.93
C ILE A 25 2.75 -0.30 1.31
N TYR A 26 2.28 0.58 0.43
CA TYR A 26 2.41 2.00 0.67
C TYR A 26 1.04 2.64 0.94
N VAL A 27 0.97 3.38 2.04
CA VAL A 27 -0.27 4.05 2.42
C VAL A 27 -0.13 5.54 2.20
N GLY A 28 -1.15 6.12 1.58
CA GLY A 28 -1.15 7.54 1.30
C GLY A 28 -2.49 8.18 1.69
N ASN A 29 -2.56 9.49 1.50
CA ASN A 29 -3.77 10.22 1.83
C ASN A 29 -4.05 10.09 3.33
N LEU A 30 -2.98 9.97 4.09
CA LEU A 30 -3.09 9.84 5.53
C LEU A 30 -3.32 11.22 6.15
N PRO A 31 -3.86 11.21 7.40
CA PRO A 31 -4.14 12.45 8.11
C PRO A 31 -2.85 13.08 8.64
N PRO A 32 -2.96 14.36 9.05
CA PRO A 32 -1.83 15.09 9.58
C PRO A 32 -1.49 14.63 10.99
N ASP A 33 -2.51 14.16 11.69
CA ASP A 33 -2.33 13.68 13.06
C ASP A 33 -2.42 12.15 13.07
N ILE A 34 -1.66 11.54 12.17
CA ILE A 34 -1.64 10.09 12.07
C ILE A 34 -0.46 9.54 12.87
N ARG A 35 -0.60 8.28 13.27
CA ARG A 35 0.46 7.64 14.04
C ARG A 35 0.78 6.26 13.44
N THR A 36 2.07 5.97 13.36
CA THR A 36 2.52 4.71 12.82
C THR A 36 1.77 3.54 13.46
N LYS A 37 1.68 3.59 14.78
CA LYS A 37 1.00 2.56 15.53
C LYS A 37 -0.43 2.42 15.01
N ASP A 38 -1.15 3.53 15.03
CA ASP A 38 -2.52 3.55 14.56
C ASP A 38 -2.60 2.90 13.18
N ILE A 39 -1.57 3.17 12.38
CA ILE A 39 -1.50 2.62 11.03
C ILE A 39 -1.17 1.13 11.12
N GLU A 40 -0.49 0.77 12.18
CA GLU A 40 -0.09 -0.61 12.41
C GLU A 40 -1.31 -1.46 12.80
N ASP A 41 -1.83 -1.18 13.99
CA ASP A 41 -2.99 -1.89 14.49
C ASP A 41 -4.00 -2.07 13.35
N VAL A 42 -4.15 -1.02 12.57
CA VAL A 42 -5.09 -1.05 11.46
C VAL A 42 -4.88 -2.35 10.66
N PHE A 43 -3.71 -2.45 10.06
CA PHE A 43 -3.39 -3.63 9.27
C PHE A 43 -3.18 -4.85 10.18
N TYR A 44 -2.68 -4.58 11.38
CA TYR A 44 -2.43 -5.65 12.33
C TYR A 44 -3.69 -6.50 12.55
N LYS A 45 -4.83 -5.93 12.17
CA LYS A 45 -6.09 -6.62 12.32
C LYS A 45 -6.09 -7.87 11.44
N TYR A 46 -5.11 -7.93 10.54
CA TYR A 46 -4.98 -9.06 9.66
C TYR A 46 -3.91 -10.04 10.15
N GLY A 47 -2.71 -9.50 10.31
CA GLY A 47 -1.59 -10.32 10.78
C GLY A 47 -0.61 -9.49 11.61
N ALA A 48 0.65 -9.56 11.25
CA ALA A 48 1.68 -8.83 11.94
C ALA A 48 2.42 -7.92 10.95
N ILE A 49 3.13 -6.95 11.51
CA ILE A 49 3.88 -6.02 10.68
C ILE A 49 5.37 -6.19 10.97
N ARG A 50 6.16 -6.09 9.90
CA ARG A 50 7.59 -6.24 10.01
C ARG A 50 8.24 -4.90 10.37
N ASP A 51 7.75 -3.85 9.71
CA ASP A 51 8.27 -2.52 9.94
C ASP A 51 7.41 -1.50 9.19
N ILE A 52 7.36 -0.29 9.73
CA ILE A 52 6.59 0.77 9.12
C ILE A 52 7.48 2.01 8.92
N ASP A 53 7.67 2.36 7.67
CA ASP A 53 8.50 3.51 7.33
C ASP A 53 7.60 4.68 6.93
N LEU A 54 7.57 5.69 7.79
CA LEU A 54 6.76 6.86 7.54
C LEU A 54 7.67 8.08 7.34
N LYS A 55 7.50 8.73 6.20
CA LYS A 55 8.29 9.90 5.87
C LYS A 55 7.85 11.07 6.76
N ASN A 56 6.75 11.69 6.37
CA ASN A 56 6.22 12.81 7.13
C ASN A 56 7.32 13.86 7.31
N ARG A 57 7.23 14.90 6.48
CA ARG A 57 8.21 15.97 6.54
C ARG A 57 7.89 17.03 5.48
N ARG A 58 7.63 16.56 4.27
CA ARG A 58 7.30 17.44 3.16
C ARG A 58 6.95 16.63 1.91
N GLY A 59 6.24 17.29 1.01
CA GLY A 59 5.82 16.64 -0.23
C GLY A 59 4.44 15.99 -0.07
N GLY A 60 3.43 16.75 -0.44
CA GLY A 60 2.05 16.26 -0.34
C GLY A 60 1.73 15.82 1.08
N PRO A 61 0.75 14.88 1.18
CA PRO A 61 0.33 14.37 2.48
C PRO A 61 1.37 13.39 3.04
N PRO A 62 1.13 12.97 4.31
CA PRO A 62 2.04 12.05 4.97
C PRO A 62 1.87 10.63 4.44
N PHE A 63 2.98 10.05 4.00
CA PHE A 63 2.97 8.71 3.46
C PHE A 63 3.97 7.81 4.20
N ALA A 64 3.67 6.51 4.17
CA ALA A 64 4.54 5.55 4.84
C ALA A 64 4.41 4.20 4.13
N PHE A 65 5.39 3.34 4.37
CA PHE A 65 5.40 2.02 3.77
C PHE A 65 5.34 0.93 4.84
N VAL A 66 4.18 0.27 4.90
CA VAL A 66 3.99 -0.79 5.88
C VAL A 66 4.47 -2.11 5.28
N GLU A 67 5.35 -2.78 6.03
CA GLU A 67 5.89 -4.05 5.59
C GLU A 67 5.16 -5.21 6.27
N PHE A 68 4.96 -6.27 5.50
CA PHE A 68 4.28 -7.45 6.01
C PHE A 68 5.20 -8.67 6.00
N GLU A 69 4.97 -9.55 6.96
CA GLU A 69 5.76 -10.75 7.07
C GLU A 69 5.54 -11.66 5.85
N ASP A 70 4.29 -11.70 5.41
CA ASP A 70 3.94 -12.51 4.26
C ASP A 70 3.29 -11.63 3.20
N PRO A 71 3.35 -12.11 1.92
CA PRO A 71 2.77 -11.37 0.82
C PRO A 71 1.25 -11.49 0.82
N ARG A 72 0.79 -12.73 0.95
CA ARG A 72 -0.64 -13.00 0.96
C ARG A 72 -1.38 -11.92 1.75
N ASP A 73 -0.96 -11.77 3.00
CA ASP A 73 -1.57 -10.77 3.87
C ASP A 73 -1.33 -9.37 3.29
N ALA A 74 -0.07 -9.09 3.01
CA ALA A 74 0.31 -7.81 2.45
C ALA A 74 -0.69 -7.41 1.36
N GLU A 75 -1.24 -8.43 0.71
CA GLU A 75 -2.21 -8.20 -0.35
C GLU A 75 -3.61 -8.04 0.25
N ASP A 76 -4.08 -9.11 0.86
CA ASP A 76 -5.40 -9.11 1.47
C ASP A 76 -5.63 -7.77 2.17
N ALA A 77 -4.54 -7.22 2.71
CA ALA A 77 -4.61 -5.94 3.39
C ALA A 77 -4.90 -4.83 2.38
N VAL A 78 -3.92 -4.61 1.52
CA VAL A 78 -4.04 -3.58 0.49
C VAL A 78 -5.34 -3.79 -0.27
N TYR A 79 -5.72 -5.05 -0.42
CA TYR A 79 -6.94 -5.40 -1.13
C TYR A 79 -8.17 -4.90 -0.37
N GLY A 80 -7.95 -4.54 0.88
CA GLY A 80 -9.04 -4.04 1.71
C GLY A 80 -8.73 -2.63 2.22
N ARG A 81 -7.74 -2.54 3.08
CA ARG A 81 -7.33 -1.26 3.64
C ARG A 81 -7.41 -0.18 2.58
N ASP A 82 -7.13 -0.58 1.34
CA ASP A 82 -7.17 0.36 0.24
C ASP A 82 -8.55 1.00 0.14
N GLY A 83 -8.64 2.22 0.67
CA GLY A 83 -9.89 2.95 0.66
C GLY A 83 -10.62 2.80 1.99
N TYR A 84 -9.84 2.85 3.07
CA TYR A 84 -10.41 2.71 4.40
C TYR A 84 -10.77 4.09 4.98
N ASP A 85 -11.78 4.09 5.83
CA ASP A 85 -12.23 5.31 6.46
C ASP A 85 -11.59 5.45 7.85
N TYR A 86 -10.56 6.27 7.91
CA TYR A 86 -9.86 6.49 9.17
C TYR A 86 -10.24 7.84 9.78
N ASP A 87 -11.02 7.77 10.84
CA ASP A 87 -11.46 8.96 11.53
C ASP A 87 -12.12 9.91 10.52
N GLY A 88 -12.68 9.32 9.47
CA GLY A 88 -13.34 10.10 8.44
C GLY A 88 -12.43 10.25 7.21
N TYR A 89 -11.15 10.40 7.49
CA TYR A 89 -10.17 10.56 6.42
C TYR A 89 -10.10 9.31 5.56
N ARG A 90 -9.73 9.51 4.30
CA ARG A 90 -9.62 8.40 3.36
C ARG A 90 -8.15 8.06 3.11
N LEU A 91 -7.83 6.80 3.23
CA LEU A 91 -6.47 6.34 3.02
C LEU A 91 -6.37 5.65 1.65
N ARG A 92 -5.17 5.69 1.10
CA ARG A 92 -4.92 5.07 -0.19
C ARG A 92 -3.79 4.06 -0.10
N VAL A 93 -4.17 2.79 -0.03
CA VAL A 93 -3.21 1.72 0.07
C VAL A 93 -2.98 1.12 -1.32
N GLU A 94 -1.72 1.13 -1.74
CA GLU A 94 -1.36 0.59 -3.04
C GLU A 94 0.13 0.27 -3.09
N PHE A 95 0.47 -0.72 -3.92
CA PHE A 95 1.85 -1.13 -4.06
C PHE A 95 2.65 -0.10 -4.88
N PRO A 96 3.95 0.01 -4.54
CA PRO A 96 4.84 0.94 -5.23
C PRO A 96 5.20 0.42 -6.63
N ARG A 97 5.44 -0.88 -6.69
CA ARG A 97 5.81 -1.52 -7.95
C ARG A 97 4.66 -2.40 -8.45
N SER A 98 4.70 -2.69 -9.73
CA SER A 98 3.68 -3.52 -10.34
C SER A 98 4.12 -3.95 -11.75
N GLY A 99 3.49 -5.01 -12.23
CA GLY A 99 3.80 -5.52 -13.56
C GLY A 99 3.93 -7.04 -13.54
N ARG A 100 2.83 -7.69 -13.17
CA ARG A 100 2.81 -9.15 -13.10
C ARG A 100 1.40 -9.64 -12.79
N GLY A 101 0.97 -10.62 -13.58
CA GLY A 101 -0.36 -11.19 -13.40
C GLY A 101 -1.12 -11.24 -14.73
N THR A 102 -2.43 -11.12 -14.63
CA THR A 102 -3.28 -11.15 -15.81
C THR A 102 -3.16 -12.51 -16.50
N GLY A 103 -4.33 -13.12 -16.73
CA GLY A 103 -4.38 -14.41 -17.39
C GLY A 103 -5.79 -15.00 -17.34
N SER A 104 -5.95 -15.99 -16.47
CA SER A 104 -7.24 -16.64 -16.32
C SER A 104 -7.59 -17.42 -17.58
N GLY A 105 -8.53 -18.33 -17.44
CA GLY A 105 -8.97 -19.15 -18.56
C GLY A 105 -9.45 -20.52 -18.09
N PRO A 106 -10.69 -20.54 -17.54
CA PRO A 106 -11.28 -21.77 -17.05
C PRO A 106 -11.73 -22.66 -18.20
N SER A 107 -10.97 -23.72 -18.45
CA SER A 107 -11.29 -24.65 -19.51
C SER A 107 -12.52 -25.47 -19.14
N SER A 108 -13.44 -25.57 -20.10
CA SER A 108 -14.66 -26.32 -19.88
C SER A 108 -14.75 -27.47 -20.89
N GLY A 109 -14.73 -27.09 -22.17
CA GLY A 109 -14.80 -28.08 -23.23
C GLY A 109 -16.02 -28.99 -23.04
N GLY A 1 -39.65 6.13 -11.13
CA GLY A 1 -38.33 5.51 -11.11
C GLY A 1 -37.79 5.35 -12.53
N SER A 2 -36.52 5.67 -12.68
CA SER A 2 -35.86 5.56 -13.97
C SER A 2 -34.41 6.02 -13.87
N SER A 3 -33.68 5.84 -14.96
CA SER A 3 -32.28 6.24 -15.00
C SER A 3 -31.48 5.45 -13.96
N GLY A 4 -30.18 5.38 -14.20
CA GLY A 4 -29.29 4.66 -13.29
C GLY A 4 -28.24 5.60 -12.69
N SER A 5 -26.99 5.17 -12.78
CA SER A 5 -25.89 5.96 -12.26
C SER A 5 -24.59 5.54 -12.93
N SER A 6 -24.23 4.27 -12.75
CA SER A 6 -23.01 3.75 -13.34
C SER A 6 -21.81 4.55 -12.86
N GLY A 7 -20.64 4.01 -13.12
CA GLY A 7 -19.40 4.67 -12.72
C GLY A 7 -18.24 3.67 -12.67
N MET A 8 -17.18 4.00 -13.41
CA MET A 8 -16.01 3.14 -13.44
C MET A 8 -14.78 3.93 -13.90
N SER A 9 -13.62 3.46 -13.45
CA SER A 9 -12.37 4.11 -13.79
C SER A 9 -11.19 3.32 -13.22
N GLY A 10 -10.01 3.62 -13.72
CA GLY A 10 -8.80 2.95 -13.26
C GLY A 10 -7.77 2.85 -14.39
N GLY A 11 -6.51 2.80 -14.00
CA GLY A 11 -5.42 2.70 -14.96
C GLY A 11 -4.08 3.05 -14.31
N GLY A 12 -3.02 2.65 -14.98
CA GLY A 12 -1.67 2.92 -14.49
C GLY A 12 -0.73 1.75 -14.80
N VAL A 13 0.32 1.66 -14.00
CA VAL A 13 1.29 0.60 -14.16
C VAL A 13 0.70 -0.72 -13.67
N ILE A 14 0.36 -1.57 -14.64
CA ILE A 14 -0.22 -2.87 -14.33
C ILE A 14 0.77 -3.97 -14.72
N ARG A 15 2.03 -3.56 -14.88
CA ARG A 15 3.07 -4.50 -15.24
C ARG A 15 4.44 -3.85 -15.11
N GLY A 16 5.47 -4.66 -15.24
CA GLY A 16 6.84 -4.19 -15.14
C GLY A 16 7.84 -5.30 -15.43
N PRO A 17 9.07 -4.88 -15.83
CA PRO A 17 10.12 -5.83 -16.14
C PRO A 17 10.70 -6.44 -14.86
N ALA A 18 11.64 -7.35 -15.05
CA ALA A 18 12.29 -8.02 -13.94
C ALA A 18 11.22 -8.66 -13.05
N GLY A 19 11.69 -9.50 -12.13
CA GLY A 19 10.78 -10.18 -11.21
C GLY A 19 11.46 -10.42 -9.86
N ASN A 20 10.91 -9.77 -8.84
CA ASN A 20 11.44 -9.90 -7.50
C ASN A 20 10.28 -9.88 -6.50
N ASN A 21 10.58 -10.34 -5.29
CA ASN A 21 9.58 -10.38 -4.23
C ASN A 21 9.42 -8.98 -3.62
N ASP A 22 8.21 -8.70 -3.19
CA ASP A 22 7.91 -7.41 -2.58
C ASP A 22 6.72 -7.54 -1.64
N CYS A 23 6.98 -7.31 -0.37
CA CYS A 23 5.94 -7.41 0.65
C CYS A 23 5.82 -6.06 1.35
N ARG A 24 6.09 -5.01 0.58
CA ARG A 24 6.01 -3.66 1.13
C ARG A 24 4.88 -2.88 0.44
N ILE A 25 3.96 -2.42 1.26
CA ILE A 25 2.81 -1.66 0.76
C ILE A 25 2.98 -0.20 1.16
N TYR A 26 2.26 0.66 0.44
CA TYR A 26 2.30 2.09 0.70
C TYR A 26 0.92 2.63 1.05
N VAL A 27 0.88 3.49 2.05
CA VAL A 27 -0.38 4.08 2.49
C VAL A 27 -0.30 5.60 2.30
N GLY A 28 -1.30 6.14 1.62
CA GLY A 28 -1.36 7.56 1.37
C GLY A 28 -2.71 8.14 1.79
N ASN A 29 -2.90 9.42 1.51
CA ASN A 29 -4.13 10.10 1.85
C ASN A 29 -4.35 10.01 3.37
N LEU A 30 -3.27 9.70 4.07
CA LEU A 30 -3.33 9.59 5.52
C LEU A 30 -3.63 10.95 6.12
N PRO A 31 -4.16 10.94 7.38
CA PRO A 31 -4.49 12.17 8.07
C PRO A 31 -3.23 12.87 8.57
N PRO A 32 -3.41 14.15 8.98
CA PRO A 32 -2.30 14.95 9.49
C PRO A 32 -1.91 14.52 10.90
N ASP A 33 -2.90 14.00 11.62
CA ASP A 33 -2.66 13.54 12.98
C ASP A 33 -2.68 12.00 13.01
N ILE A 34 -1.90 11.42 12.11
CA ILE A 34 -1.80 9.98 12.02
C ILE A 34 -0.57 9.50 12.80
N ARG A 35 -0.63 8.24 13.21
CA ARG A 35 0.48 7.65 13.96
C ARG A 35 0.87 6.31 13.36
N THR A 36 2.17 6.04 13.36
CA THR A 36 2.68 4.79 12.82
C THR A 36 1.96 3.60 13.46
N LYS A 37 1.81 3.68 14.77
CA LYS A 37 1.14 2.61 15.51
C LYS A 37 -0.30 2.49 15.02
N ASP A 38 -0.99 3.62 15.05
CA ASP A 38 -2.38 3.65 14.62
C ASP A 38 -2.50 2.97 13.25
N ILE A 39 -1.54 3.26 12.38
CA ILE A 39 -1.53 2.69 11.05
C ILE A 39 -1.20 1.19 11.15
N GLU A 40 -0.50 0.84 12.21
CA GLU A 40 -0.13 -0.55 12.43
C GLU A 40 -1.33 -1.36 12.89
N ASP A 41 -1.84 -1.00 14.07
CA ASP A 41 -2.99 -1.69 14.63
C ASP A 41 -4.11 -1.73 13.58
N VAL A 42 -4.04 -0.81 12.64
CA VAL A 42 -5.02 -0.72 11.58
C VAL A 42 -4.92 -1.96 10.69
N PHE A 43 -3.71 -2.21 10.22
CA PHE A 43 -3.46 -3.36 9.36
C PHE A 43 -3.27 -4.64 10.18
N TYR A 44 -2.92 -4.43 11.45
CA TYR A 44 -2.71 -5.55 12.35
C TYR A 44 -3.97 -6.41 12.47
N LYS A 45 -5.07 -5.85 12.01
CA LYS A 45 -6.34 -6.55 12.05
C LYS A 45 -6.29 -7.74 11.10
N TYR A 46 -5.29 -7.73 10.24
CA TYR A 46 -5.12 -8.80 9.27
C TYR A 46 -4.07 -9.81 9.74
N GLY A 47 -2.86 -9.30 9.92
CA GLY A 47 -1.76 -10.14 10.37
C GLY A 47 -0.79 -9.36 11.25
N ALA A 48 0.49 -9.43 10.88
CA ALA A 48 1.52 -8.73 11.63
C ALA A 48 2.32 -7.85 10.67
N ILE A 49 3.07 -6.93 11.26
CA ILE A 49 3.89 -6.02 10.47
C ILE A 49 5.37 -6.26 10.79
N ARG A 50 6.20 -6.11 9.77
CA ARG A 50 7.63 -6.30 9.93
C ARG A 50 8.31 -4.98 10.30
N ASP A 51 7.79 -3.90 9.73
CA ASP A 51 8.33 -2.58 9.99
C ASP A 51 7.47 -1.54 9.27
N ILE A 52 7.54 -0.31 9.79
CA ILE A 52 6.77 0.78 9.22
C ILE A 52 7.69 1.99 9.01
N ASP A 53 7.65 2.52 7.81
CA ASP A 53 8.46 3.66 7.45
C ASP A 53 7.57 4.84 7.08
N LEU A 54 7.57 5.85 7.95
CA LEU A 54 6.76 7.03 7.72
C LEU A 54 7.67 8.24 7.47
N LYS A 55 7.41 8.92 6.37
CA LYS A 55 8.20 10.08 6.00
C LYS A 55 7.38 11.35 6.26
N ASN A 56 7.66 11.97 7.40
CA ASN A 56 6.96 13.18 7.78
C ASN A 56 7.84 14.39 7.46
N ARG A 57 7.66 14.89 6.24
CA ARG A 57 8.42 16.05 5.79
C ARG A 57 8.10 16.36 4.33
N ARG A 58 7.19 17.30 4.15
CA ARG A 58 6.77 17.71 2.81
C ARG A 58 5.53 18.60 2.88
N GLY A 59 5.16 19.12 1.73
CA GLY A 59 3.99 19.98 1.64
C GLY A 59 2.79 19.21 1.09
N GLY A 60 2.25 18.33 1.93
CA GLY A 60 1.11 17.53 1.55
C GLY A 60 0.75 16.52 2.64
N PRO A 61 0.02 15.45 2.22
CA PRO A 61 -0.38 14.41 3.14
C PRO A 61 0.80 13.51 3.51
N PRO A 62 0.77 13.00 4.78
CA PRO A 62 1.82 12.13 5.26
C PRO A 62 1.69 10.72 4.66
N PHE A 63 2.83 10.17 4.28
CA PHE A 63 2.86 8.84 3.70
C PHE A 63 3.85 7.93 4.43
N ALA A 64 3.61 6.63 4.32
CA ALA A 64 4.47 5.66 4.96
C ALA A 64 4.29 4.30 4.29
N PHE A 65 5.22 3.40 4.59
CA PHE A 65 5.18 2.06 4.02
C PHE A 65 5.04 1.00 5.11
N VAL A 66 4.29 -0.04 4.78
CA VAL A 66 4.07 -1.13 5.73
C VAL A 66 4.61 -2.43 5.13
N GLU A 67 5.53 -3.04 5.86
CA GLU A 67 6.14 -4.28 5.41
C GLU A 67 5.51 -5.47 6.16
N PHE A 68 4.83 -6.31 5.39
CA PHE A 68 4.18 -7.48 5.95
C PHE A 68 5.11 -8.69 5.93
N GLU A 69 4.77 -9.68 6.74
CA GLU A 69 5.56 -10.88 6.83
C GLU A 69 5.28 -11.80 5.64
N ASP A 70 3.99 -11.91 5.32
CA ASP A 70 3.56 -12.75 4.21
C ASP A 70 2.94 -11.87 3.13
N PRO A 71 3.06 -12.34 1.87
CA PRO A 71 2.51 -11.61 0.74
C PRO A 71 0.99 -11.75 0.68
N ARG A 72 0.53 -12.97 0.92
CA ARG A 72 -0.89 -13.25 0.90
C ARG A 72 -1.66 -12.20 1.72
N ASP A 73 -1.14 -11.95 2.92
CA ASP A 73 -1.76 -10.98 3.80
C ASP A 73 -1.49 -9.57 3.27
N ALA A 74 -0.21 -9.26 3.14
CA ALA A 74 0.20 -7.96 2.65
C ALA A 74 -0.72 -7.54 1.51
N GLU A 75 -1.17 -8.52 0.75
CA GLU A 75 -2.06 -8.26 -0.38
C GLU A 75 -3.50 -8.11 0.12
N ASP A 76 -4.05 -9.20 0.60
CA ASP A 76 -5.42 -9.20 1.10
C ASP A 76 -5.66 -7.90 1.89
N ALA A 77 -4.60 -7.43 2.54
CA ALA A 77 -4.68 -6.22 3.33
C ALA A 77 -4.82 -5.02 2.39
N VAL A 78 -3.79 -4.82 1.58
CA VAL A 78 -3.78 -3.72 0.62
C VAL A 78 -5.03 -3.79 -0.25
N TYR A 79 -5.46 -5.02 -0.50
CA TYR A 79 -6.64 -5.25 -1.32
C TYR A 79 -7.92 -4.87 -0.55
N GLY A 80 -7.76 -4.66 0.75
CA GLY A 80 -8.88 -4.30 1.59
C GLY A 80 -8.79 -2.83 2.02
N ARG A 81 -7.91 -2.58 2.98
CA ARG A 81 -7.72 -1.24 3.48
C ARG A 81 -7.79 -0.22 2.34
N ASP A 82 -7.26 -0.61 1.20
CA ASP A 82 -7.25 0.25 0.03
C ASP A 82 -8.63 0.91 -0.12
N GLY A 83 -8.72 2.14 0.36
CA GLY A 83 -9.96 2.88 0.29
C GLY A 83 -10.71 2.81 1.61
N TYR A 84 -9.96 2.86 2.70
CA TYR A 84 -10.55 2.80 4.02
C TYR A 84 -10.99 4.19 4.49
N ASP A 85 -11.72 4.19 5.60
CA ASP A 85 -12.22 5.44 6.15
C ASP A 85 -11.72 5.59 7.59
N TYR A 86 -10.67 6.38 7.74
CA TYR A 86 -10.09 6.61 9.06
C TYR A 86 -10.57 7.94 9.64
N ASP A 87 -11.60 7.84 10.48
CA ASP A 87 -12.16 9.03 11.11
C ASP A 87 -12.55 10.03 10.03
N GLY A 88 -12.96 9.50 8.89
CA GLY A 88 -13.37 10.34 7.77
C GLY A 88 -12.26 10.44 6.72
N TYR A 89 -11.03 10.45 7.21
CA TYR A 89 -9.88 10.54 6.33
C TYR A 89 -9.70 9.25 5.53
N ARG A 90 -9.99 9.33 4.24
CA ARG A 90 -9.86 8.17 3.37
C ARG A 90 -8.38 7.89 3.09
N LEU A 91 -8.01 6.63 3.32
CA LEU A 91 -6.63 6.22 3.10
C LEU A 91 -6.52 5.58 1.72
N ARG A 92 -5.33 5.68 1.15
CA ARG A 92 -5.07 5.12 -0.17
C ARG A 92 -3.92 4.11 -0.10
N VAL A 93 -4.29 2.84 -0.01
CA VAL A 93 -3.30 1.78 0.07
C VAL A 93 -3.08 1.20 -1.33
N GLU A 94 -1.80 1.18 -1.72
CA GLU A 94 -1.45 0.66 -3.03
C GLU A 94 0.04 0.27 -3.05
N PHE A 95 0.34 -0.74 -3.85
CA PHE A 95 1.71 -1.21 -3.97
C PHE A 95 2.58 -0.19 -4.71
N PRO A 96 3.88 -0.18 -4.36
CA PRO A 96 4.83 0.73 -4.98
C PRO A 96 5.18 0.27 -6.40
N ARG A 97 5.48 -1.01 -6.51
CA ARG A 97 5.82 -1.60 -7.80
C ARG A 97 5.83 -3.12 -7.71
N SER A 98 5.60 -3.75 -8.86
CA SER A 98 5.58 -5.20 -8.93
C SER A 98 5.63 -5.66 -10.39
N GLY A 99 5.97 -6.92 -10.56
CA GLY A 99 6.06 -7.50 -11.89
C GLY A 99 5.09 -8.67 -12.06
N ARG A 100 4.29 -8.60 -13.11
CA ARG A 100 3.33 -9.65 -13.38
C ARG A 100 3.20 -9.86 -14.90
N GLY A 101 3.33 -11.12 -15.30
CA GLY A 101 3.22 -11.47 -16.70
C GLY A 101 4.26 -12.52 -17.08
N THR A 102 4.00 -13.19 -18.20
CA THR A 102 4.90 -14.23 -18.68
C THR A 102 5.16 -14.06 -20.17
N GLY A 103 6.20 -14.72 -20.64
CA GLY A 103 6.57 -14.66 -22.05
C GLY A 103 6.23 -15.96 -22.77
N SER A 104 6.49 -15.96 -24.07
CA SER A 104 6.22 -17.13 -24.88
C SER A 104 7.25 -17.24 -26.00
N GLY A 105 7.48 -18.48 -26.44
CA GLY A 105 8.44 -18.74 -27.49
C GLY A 105 7.79 -19.48 -28.66
N PRO A 106 7.39 -18.70 -29.69
CA PRO A 106 6.75 -19.28 -30.87
C PRO A 106 7.78 -19.99 -31.75
N SER A 107 8.84 -19.25 -32.09
CA SER A 107 9.89 -19.79 -32.93
C SER A 107 9.33 -20.18 -34.29
N SER A 108 10.22 -20.58 -35.18
CA SER A 108 9.83 -20.98 -36.52
C SER A 108 10.71 -22.14 -37.00
N GLY A 109 10.26 -22.78 -38.07
CA GLY A 109 10.99 -23.89 -38.64
C GLY A 109 12.36 -23.44 -39.16
N GLY A 1 1.24 22.21 12.06
CA GLY A 1 2.26 23.23 11.87
C GLY A 1 2.54 23.47 10.38
N SER A 2 3.64 24.14 10.12
CA SER A 2 4.04 24.43 8.75
C SER A 2 5.43 25.04 8.73
N SER A 3 6.31 24.41 7.96
CA SER A 3 7.68 24.89 7.83
C SER A 3 7.96 25.32 6.39
N GLY A 4 8.34 26.58 6.25
CA GLY A 4 8.65 27.12 4.94
C GLY A 4 7.43 27.01 4.00
N SER A 5 7.51 27.74 2.90
CA SER A 5 6.44 27.73 1.92
C SER A 5 5.97 26.30 1.66
N SER A 6 4.65 26.14 1.60
CA SER A 6 4.06 24.84 1.36
C SER A 6 3.93 24.59 -0.14
N GLY A 7 3.85 23.32 -0.50
CA GLY A 7 3.73 22.93 -1.90
C GLY A 7 5.09 22.91 -2.58
N MET A 8 5.53 21.69 -2.91
CA MET A 8 6.81 21.52 -3.57
C MET A 8 6.64 20.82 -4.92
N SER A 9 6.03 19.66 -4.87
CA SER A 9 5.79 18.87 -6.08
C SER A 9 7.13 18.45 -6.69
N GLY A 10 7.53 17.24 -6.35
CA GLY A 10 8.79 16.69 -6.86
C GLY A 10 8.88 15.19 -6.61
N GLY A 11 9.51 14.50 -7.54
CA GLY A 11 9.68 13.06 -7.43
C GLY A 11 10.30 12.68 -6.08
N GLY A 12 10.27 11.39 -5.79
CA GLY A 12 10.83 10.88 -4.56
C GLY A 12 11.33 9.45 -4.72
N VAL A 13 12.59 9.26 -4.34
CA VAL A 13 13.21 7.94 -4.45
C VAL A 13 12.99 7.39 -5.85
N ILE A 14 13.91 7.75 -6.74
CA ILE A 14 13.82 7.30 -8.13
C ILE A 14 13.86 5.77 -8.16
N ARG A 15 14.87 5.22 -7.51
CA ARG A 15 15.04 3.78 -7.45
C ARG A 15 15.48 3.34 -6.06
N GLY A 16 15.23 2.08 -5.75
CA GLY A 16 15.59 1.53 -4.46
C GLY A 16 16.00 0.06 -4.59
N PRO A 17 16.79 -0.41 -3.59
CA PRO A 17 17.25 -1.79 -3.57
C PRO A 17 16.12 -2.74 -3.17
N ALA A 18 15.76 -3.62 -4.10
CA ALA A 18 14.71 -4.58 -3.84
C ALA A 18 15.29 -5.81 -3.13
N GLY A 19 14.47 -6.41 -2.30
CA GLY A 19 14.89 -7.58 -1.55
C GLY A 19 14.25 -8.85 -2.11
N ASN A 20 13.59 -9.59 -1.22
CA ASN A 20 12.93 -10.81 -1.62
C ASN A 20 11.48 -10.79 -1.12
N ASN A 21 10.57 -11.07 -2.04
CA ASN A 21 9.16 -11.08 -1.71
C ASN A 21 8.71 -9.67 -1.33
N ASP A 22 8.14 -8.98 -2.31
CA ASP A 22 7.66 -7.63 -2.09
C ASP A 22 6.43 -7.66 -1.18
N CYS A 23 6.70 -7.63 0.11
CA CYS A 23 5.62 -7.65 1.10
C CYS A 23 5.48 -6.25 1.68
N ARG A 24 5.78 -5.26 0.85
CA ARG A 24 5.68 -3.87 1.27
C ARG A 24 4.53 -3.17 0.55
N ILE A 25 3.80 -2.36 1.30
CA ILE A 25 2.68 -1.64 0.74
C ILE A 25 2.75 -0.17 1.17
N TYR A 26 2.50 0.71 0.22
CA TYR A 26 2.55 2.14 0.48
C TYR A 26 1.15 2.67 0.81
N VAL A 27 1.07 3.42 1.90
CA VAL A 27 -0.19 3.99 2.33
C VAL A 27 -0.13 5.51 2.17
N GLY A 28 -1.10 6.03 1.42
CA GLY A 28 -1.16 7.47 1.18
C GLY A 28 -2.50 8.04 1.65
N ASN A 29 -2.63 9.35 1.52
CA ASN A 29 -3.85 10.02 1.92
C ASN A 29 -4.14 9.71 3.39
N LEU A 30 -3.23 10.14 4.25
CA LEU A 30 -3.38 9.91 5.67
C LEU A 30 -3.59 11.25 6.38
N PRO A 31 -4.15 11.17 7.61
CA PRO A 31 -4.40 12.36 8.40
C PRO A 31 -3.11 12.93 8.99
N PRO A 32 -3.19 14.22 9.41
CA PRO A 32 -2.03 14.89 9.99
C PRO A 32 -1.77 14.40 11.41
N ASP A 33 -2.84 13.95 12.05
CA ASP A 33 -2.74 13.45 13.42
C ASP A 33 -2.67 11.93 13.39
N ILE A 34 -2.06 11.41 12.33
CA ILE A 34 -1.92 9.97 12.18
C ILE A 34 -0.66 9.50 12.92
N ARG A 35 -0.66 8.23 13.28
CA ARG A 35 0.48 7.65 13.97
C ARG A 35 0.93 6.37 13.27
N THR A 36 2.18 6.00 13.53
CA THR A 36 2.75 4.81 12.93
C THR A 36 2.13 3.55 13.56
N LYS A 37 1.82 3.66 14.84
CA LYS A 37 1.23 2.55 15.57
C LYS A 37 -0.23 2.39 15.14
N ASP A 38 -0.96 3.50 15.21
CA ASP A 38 -2.36 3.49 14.84
C ASP A 38 -2.53 2.79 13.49
N ILE A 39 -1.64 3.12 12.57
CA ILE A 39 -1.68 2.54 11.24
C ILE A 39 -1.33 1.05 11.34
N GLU A 40 -0.53 0.72 12.35
CA GLU A 40 -0.11 -0.65 12.57
C GLU A 40 -1.28 -1.48 13.12
N ASP A 41 -1.88 -0.95 14.18
CA ASP A 41 -3.01 -1.62 14.80
C ASP A 41 -4.14 -1.79 13.79
N VAL A 42 -4.09 -0.96 12.75
CA VAL A 42 -5.09 -1.01 11.70
C VAL A 42 -4.90 -2.29 10.89
N PHE A 43 -3.78 -2.35 10.19
CA PHE A 43 -3.48 -3.52 9.38
C PHE A 43 -3.26 -4.77 10.24
N TYR A 44 -2.76 -4.53 11.44
CA TYR A 44 -2.50 -5.62 12.38
C TYR A 44 -3.74 -6.51 12.53
N LYS A 45 -4.89 -5.91 12.26
CA LYS A 45 -6.15 -6.63 12.37
C LYS A 45 -6.11 -7.85 11.45
N TYR A 46 -5.18 -7.81 10.52
CA TYR A 46 -5.02 -8.90 9.57
C TYR A 46 -3.87 -9.83 9.98
N GLY A 47 -2.69 -9.24 10.10
CA GLY A 47 -1.51 -9.99 10.49
C GLY A 47 -0.58 -9.13 11.35
N ALA A 48 0.71 -9.27 11.08
CA ALA A 48 1.72 -8.53 11.82
C ALA A 48 2.59 -7.75 10.84
N ILE A 49 3.10 -6.62 11.31
CA ILE A 49 3.96 -5.78 10.50
C ILE A 49 5.42 -6.05 10.84
N ARG A 50 6.28 -5.92 9.84
CA ARG A 50 7.71 -6.14 10.03
C ARG A 50 8.41 -4.82 10.32
N ASP A 51 7.85 -3.75 9.79
CA ASP A 51 8.42 -2.42 9.98
C ASP A 51 7.59 -1.40 9.21
N ILE A 52 7.47 -0.21 9.79
CA ILE A 52 6.72 0.86 9.17
C ILE A 52 7.62 2.08 9.00
N ASP A 53 7.69 2.54 7.75
CA ASP A 53 8.52 3.70 7.44
C ASP A 53 7.62 4.88 7.10
N LEU A 54 7.64 5.87 7.98
CA LEU A 54 6.82 7.06 7.80
C LEU A 54 7.74 8.25 7.50
N LYS A 55 7.47 8.88 6.37
CA LYS A 55 8.26 10.04 5.95
C LYS A 55 7.65 11.31 6.55
N ASN A 56 6.46 11.63 6.06
CA ASN A 56 5.76 12.82 6.54
C ASN A 56 6.71 14.02 6.50
N ARG A 57 6.72 14.67 5.35
CA ARG A 57 7.58 15.84 5.16
C ARG A 57 7.45 16.38 3.74
N ARG A 58 7.74 15.49 2.79
CA ARG A 58 7.66 15.87 1.37
C ARG A 58 6.30 16.48 1.06
N GLY A 59 6.32 17.47 0.17
CA GLY A 59 5.10 18.14 -0.22
C GLY A 59 3.95 17.15 -0.35
N GLY A 60 2.83 17.51 0.28
CA GLY A 60 1.64 16.67 0.23
C GLY A 60 1.33 16.10 1.62
N PRO A 61 0.42 15.09 1.64
CA PRO A 61 0.03 14.45 2.88
C PRO A 61 1.13 13.51 3.38
N PRO A 62 0.93 13.03 4.64
CA PRO A 62 1.90 12.13 5.25
C PRO A 62 1.78 10.72 4.65
N PHE A 63 2.91 10.21 4.20
CA PHE A 63 2.95 8.88 3.61
C PHE A 63 3.92 7.98 4.37
N ALA A 64 3.66 6.68 4.28
CA ALA A 64 4.51 5.70 4.95
C ALA A 64 4.31 4.33 4.29
N PHE A 65 5.31 3.48 4.45
CA PHE A 65 5.27 2.15 3.89
C PHE A 65 5.22 1.09 4.99
N VAL A 66 4.39 0.08 4.76
CA VAL A 66 4.25 -1.00 5.73
C VAL A 66 4.83 -2.29 5.13
N GLU A 67 5.66 -2.94 5.92
CA GLU A 67 6.30 -4.17 5.49
C GLU A 67 5.67 -5.37 6.21
N PHE A 68 4.82 -6.08 5.49
CA PHE A 68 4.16 -7.24 6.06
C PHE A 68 5.10 -8.44 6.10
N GLU A 69 4.70 -9.44 6.88
CA GLU A 69 5.50 -10.64 7.01
C GLU A 69 5.30 -11.56 5.80
N ASP A 70 4.04 -11.68 5.40
CA ASP A 70 3.69 -12.51 4.25
C ASP A 70 3.02 -11.65 3.18
N PRO A 71 3.15 -12.11 1.91
CA PRO A 71 2.57 -11.39 0.79
C PRO A 71 1.05 -11.60 0.75
N ARG A 72 0.65 -12.85 0.90
CA ARG A 72 -0.76 -13.19 0.89
C ARG A 72 -1.56 -12.18 1.72
N ASP A 73 -1.03 -11.89 2.90
CA ASP A 73 -1.69 -10.95 3.80
C ASP A 73 -1.42 -9.52 3.31
N ALA A 74 -0.16 -9.25 3.00
CA ALA A 74 0.23 -7.94 2.53
C ALA A 74 -0.69 -7.51 1.38
N GLU A 75 -1.23 -8.51 0.70
CA GLU A 75 -2.13 -8.26 -0.41
C GLU A 75 -3.57 -8.18 0.08
N ASP A 76 -3.95 -9.16 0.88
CA ASP A 76 -5.29 -9.22 1.43
C ASP A 76 -5.60 -7.91 2.14
N ALA A 77 -4.56 -7.30 2.69
CA ALA A 77 -4.71 -6.05 3.40
C ALA A 77 -5.02 -4.94 2.40
N VAL A 78 -4.06 -4.69 1.52
CA VAL A 78 -4.23 -3.66 0.51
C VAL A 78 -5.50 -3.95 -0.32
N TYR A 79 -5.77 -5.24 -0.47
CA TYR A 79 -6.94 -5.67 -1.23
C TYR A 79 -8.22 -5.12 -0.60
N GLY A 80 -8.08 -4.64 0.63
CA GLY A 80 -9.22 -4.09 1.34
C GLY A 80 -8.97 -2.64 1.74
N ARG A 81 -8.04 -2.47 2.68
CA ARG A 81 -7.69 -1.14 3.16
C ARG A 81 -7.69 -0.14 2.00
N ASP A 82 -7.21 -0.60 0.86
CA ASP A 82 -7.14 0.23 -0.32
C ASP A 82 -8.54 0.80 -0.61
N GLY A 83 -8.79 1.97 -0.03
CA GLY A 83 -10.07 2.64 -0.22
C GLY A 83 -10.85 2.71 1.10
N TYR A 84 -10.09 2.69 2.19
CA TYR A 84 -10.69 2.75 3.51
C TYR A 84 -10.85 4.20 3.98
N ASP A 85 -11.68 4.38 4.99
CA ASP A 85 -11.93 5.70 5.53
C ASP A 85 -11.71 5.68 7.04
N TYR A 86 -10.61 6.32 7.46
CA TYR A 86 -10.27 6.38 8.86
C TYR A 86 -10.37 7.81 9.39
N ASP A 87 -10.99 7.94 10.55
CA ASP A 87 -11.17 9.24 11.18
C ASP A 87 -11.95 10.16 10.23
N GLY A 88 -12.66 9.52 9.31
CA GLY A 88 -13.46 10.26 8.34
C GLY A 88 -12.64 10.58 7.09
N TYR A 89 -11.33 10.46 7.23
CA TYR A 89 -10.43 10.72 6.12
C TYR A 89 -10.18 9.45 5.31
N ARG A 90 -10.25 9.61 3.99
CA ARG A 90 -10.04 8.49 3.09
C ARG A 90 -8.54 8.22 2.92
N LEU A 91 -8.20 6.95 2.81
CA LEU A 91 -6.81 6.55 2.64
C LEU A 91 -6.64 5.84 1.30
N ARG A 92 -5.40 5.82 0.83
CA ARG A 92 -5.11 5.18 -0.44
C ARG A 92 -3.97 4.16 -0.27
N VAL A 93 -4.36 2.89 -0.21
CA VAL A 93 -3.38 1.82 -0.04
C VAL A 93 -3.05 1.22 -1.41
N GLU A 94 -1.77 1.23 -1.73
CA GLU A 94 -1.31 0.69 -3.00
C GLU A 94 0.18 0.36 -2.93
N PHE A 95 0.59 -0.57 -3.78
CA PHE A 95 1.98 -0.98 -3.82
C PHE A 95 2.84 0.05 -4.55
N PRO A 96 4.12 0.16 -4.12
CA PRO A 96 5.05 1.10 -4.73
C PRO A 96 5.53 0.59 -6.09
N ARG A 97 4.61 0.64 -7.05
CA ARG A 97 4.92 0.18 -8.40
C ARG A 97 5.29 -1.30 -8.40
N SER A 98 5.40 -1.85 -9.59
CA SER A 98 5.74 -3.26 -9.73
C SER A 98 6.51 -3.48 -11.04
N GLY A 99 7.78 -3.83 -10.88
CA GLY A 99 8.64 -4.07 -12.03
C GLY A 99 7.87 -4.79 -13.15
N ARG A 100 8.23 -4.45 -14.38
CA ARG A 100 7.59 -5.05 -15.54
C ARG A 100 8.23 -6.40 -15.87
N GLY A 101 7.41 -7.34 -16.29
CA GLY A 101 7.88 -8.66 -16.64
C GLY A 101 6.78 -9.49 -17.29
N THR A 102 6.38 -9.06 -18.48
CA THR A 102 5.33 -9.76 -19.21
C THR A 102 5.78 -10.02 -20.65
N GLY A 103 5.59 -11.26 -21.08
CA GLY A 103 5.95 -11.65 -22.42
C GLY A 103 5.54 -13.10 -22.71
N SER A 104 6.44 -14.02 -22.42
CA SER A 104 6.17 -15.43 -22.63
C SER A 104 4.92 -15.85 -21.85
N GLY A 105 4.43 -17.03 -22.19
CA GLY A 105 3.25 -17.57 -21.52
C GLY A 105 3.64 -18.40 -20.30
N PRO A 106 2.81 -19.43 -20.02
CA PRO A 106 3.04 -20.31 -18.89
C PRO A 106 4.21 -21.26 -19.17
N SER A 107 5.40 -20.82 -18.80
CA SER A 107 6.59 -21.63 -19.01
C SER A 107 6.37 -23.05 -18.46
N SER A 108 6.97 -24.00 -19.14
CA SER A 108 6.86 -25.40 -18.74
C SER A 108 8.05 -25.79 -17.87
N GLY A 109 7.79 -26.70 -16.95
CA GLY A 109 8.83 -27.18 -16.04
C GLY A 109 9.95 -27.86 -16.82
N GLY A 1 -24.21 -22.44 -32.10
CA GLY A 1 -23.40 -22.41 -30.91
C GLY A 1 -24.28 -22.55 -29.65
N SER A 2 -24.83 -21.42 -29.23
CA SER A 2 -25.69 -21.40 -28.06
C SER A 2 -24.89 -21.81 -26.83
N SER A 3 -24.82 -20.90 -25.87
CA SER A 3 -24.09 -21.15 -24.64
C SER A 3 -24.41 -20.06 -23.60
N GLY A 4 -23.98 -20.31 -22.38
CA GLY A 4 -24.21 -19.37 -21.30
C GLY A 4 -22.96 -19.21 -20.44
N SER A 5 -22.91 -18.09 -19.73
CA SER A 5 -21.77 -17.80 -18.86
C SER A 5 -22.12 -16.64 -17.92
N SER A 6 -21.19 -16.37 -17.02
CA SER A 6 -21.39 -15.30 -16.05
C SER A 6 -20.07 -14.54 -15.85
N GLY A 7 -20.21 -13.29 -15.42
CA GLY A 7 -19.06 -12.44 -15.19
C GLY A 7 -19.30 -11.48 -14.03
N MET A 8 -19.14 -10.20 -14.32
CA MET A 8 -19.34 -9.17 -13.32
C MET A 8 -18.44 -9.40 -12.11
N SER A 9 -17.26 -8.79 -12.17
CA SER A 9 -16.30 -8.93 -11.09
C SER A 9 -15.21 -7.85 -11.22
N GLY A 10 -14.58 -7.84 -12.37
CA GLY A 10 -13.52 -6.87 -12.64
C GLY A 10 -12.28 -7.56 -13.23
N GLY A 11 -11.14 -6.92 -13.02
CA GLY A 11 -9.88 -7.45 -13.52
C GLY A 11 -8.73 -7.12 -12.57
N GLY A 12 -7.79 -8.04 -12.49
CA GLY A 12 -6.63 -7.86 -11.62
C GLY A 12 -6.07 -9.20 -11.17
N VAL A 13 -4.80 -9.17 -10.76
CA VAL A 13 -4.13 -10.38 -10.30
C VAL A 13 -4.52 -11.55 -11.21
N ILE A 14 -4.12 -11.44 -12.48
CA ILE A 14 -4.42 -12.48 -13.45
C ILE A 14 -3.10 -13.03 -14.00
N ARG A 15 -2.02 -12.74 -13.29
CA ARG A 15 -0.70 -13.20 -13.71
C ARG A 15 0.32 -12.95 -12.60
N GLY A 16 1.56 -13.35 -12.87
CA GLY A 16 2.62 -13.18 -11.91
C GLY A 16 2.95 -14.50 -11.22
N PRO A 17 4.21 -14.57 -10.70
CA PRO A 17 4.66 -15.78 -10.01
C PRO A 17 4.04 -15.87 -8.61
N ALA A 18 4.37 -16.95 -7.92
CA ALA A 18 3.85 -17.17 -6.57
C ALA A 18 4.98 -17.71 -5.69
N GLY A 19 5.23 -16.99 -4.61
CA GLY A 19 6.27 -17.38 -3.68
C GLY A 19 6.74 -16.17 -2.85
N ASN A 20 8.02 -16.19 -2.52
CA ASN A 20 8.61 -15.12 -1.74
C ASN A 20 8.69 -13.85 -2.60
N ASN A 21 7.84 -12.90 -2.26
CA ASN A 21 7.79 -11.64 -2.99
C ASN A 21 6.68 -10.76 -2.41
N ASP A 22 6.83 -9.47 -2.63
CA ASP A 22 5.85 -8.52 -2.14
C ASP A 22 5.76 -8.61 -0.61
N CYS A 23 5.33 -7.53 0.00
CA CYS A 23 5.19 -7.49 1.45
C CYS A 23 5.06 -6.03 1.88
N ARG A 24 5.72 -5.15 1.13
CA ARG A 24 5.69 -3.73 1.42
C ARG A 24 4.48 -3.08 0.73
N ILE A 25 3.73 -2.33 1.52
CA ILE A 25 2.55 -1.65 1.00
C ILE A 25 2.65 -0.16 1.31
N TYR A 26 2.23 0.64 0.34
CA TYR A 26 2.27 2.08 0.50
C TYR A 26 0.89 2.63 0.84
N VAL A 27 0.84 3.39 1.94
CA VAL A 27 -0.40 3.98 2.39
C VAL A 27 -0.34 5.49 2.22
N GLY A 28 -1.22 5.99 1.36
CA GLY A 28 -1.27 7.42 1.09
C GLY A 28 -2.57 8.02 1.61
N ASN A 29 -2.72 9.32 1.39
CA ASN A 29 -3.91 10.03 1.83
C ASN A 29 -4.14 9.76 3.32
N LEU A 30 -3.20 10.22 4.13
CA LEU A 30 -3.29 10.04 5.56
C LEU A 30 -3.52 11.39 6.24
N PRO A 31 -4.07 11.33 7.48
CA PRO A 31 -4.35 12.53 8.24
C PRO A 31 -3.05 13.13 8.80
N PRO A 32 -3.16 14.42 9.24
CA PRO A 32 -2.01 15.12 9.80
C PRO A 32 -1.71 14.63 11.21
N ASP A 33 -2.74 14.13 11.87
CA ASP A 33 -2.60 13.62 13.22
C ASP A 33 -2.61 12.09 13.20
N ILE A 34 -1.83 11.54 12.28
CA ILE A 34 -1.75 10.09 12.14
C ILE A 34 -0.46 9.60 12.82
N ARG A 35 -0.50 8.32 13.19
CA ARG A 35 0.64 7.72 13.86
C ARG A 35 0.98 6.37 13.20
N THR A 36 2.22 5.96 13.38
CA THR A 36 2.68 4.70 12.81
C THR A 36 1.99 3.53 13.50
N LYS A 37 1.82 3.65 14.81
CA LYS A 37 1.16 2.61 15.58
C LYS A 37 -0.27 2.43 15.07
N ASP A 38 -1.03 3.53 15.15
CA ASP A 38 -2.41 3.51 14.72
C ASP A 38 -2.50 2.79 13.36
N ILE A 39 -1.60 3.18 12.47
CA ILE A 39 -1.58 2.59 11.13
C ILE A 39 -1.21 1.11 11.25
N GLU A 40 -0.37 0.82 12.24
CA GLU A 40 0.07 -0.55 12.46
C GLU A 40 -1.09 -1.41 12.96
N ASP A 41 -1.58 -1.07 14.14
CA ASP A 41 -2.69 -1.79 14.74
C ASP A 41 -3.83 -1.89 13.72
N VAL A 42 -3.91 -0.88 12.87
CA VAL A 42 -4.95 -0.85 11.85
C VAL A 42 -4.85 -2.10 10.99
N PHE A 43 -3.74 -2.21 10.28
CA PHE A 43 -3.51 -3.36 9.41
C PHE A 43 -3.36 -4.65 10.24
N TYR A 44 -2.89 -4.48 11.46
CA TYR A 44 -2.70 -5.61 12.35
C TYR A 44 -3.96 -6.45 12.46
N LYS A 45 -5.07 -5.82 12.11
CA LYS A 45 -6.36 -6.50 12.16
C LYS A 45 -6.34 -7.70 11.22
N TYR A 46 -5.35 -7.72 10.34
CA TYR A 46 -5.21 -8.80 9.38
C TYR A 46 -4.16 -9.81 9.86
N GLY A 47 -2.96 -9.32 10.08
CA GLY A 47 -1.87 -10.17 10.53
C GLY A 47 -0.90 -9.38 11.43
N ALA A 48 0.37 -9.44 11.07
CA ALA A 48 1.40 -8.75 11.82
C ALA A 48 2.18 -7.83 10.89
N ILE A 49 2.92 -6.91 11.49
CA ILE A 49 3.72 -5.97 10.74
C ILE A 49 5.20 -6.16 11.09
N ARG A 50 6.04 -6.11 10.06
CA ARG A 50 7.46 -6.28 10.25
C ARG A 50 8.11 -4.93 10.60
N ASP A 51 7.83 -3.94 9.77
CA ASP A 51 8.38 -2.62 9.97
C ASP A 51 7.52 -1.60 9.22
N ILE A 52 7.60 -0.35 9.69
CA ILE A 52 6.84 0.72 9.08
C ILE A 52 7.73 1.95 8.92
N ASP A 53 7.60 2.60 7.77
CA ASP A 53 8.39 3.78 7.49
C ASP A 53 7.46 4.93 7.08
N LEU A 54 7.46 5.96 7.90
CA LEU A 54 6.62 7.12 7.65
C LEU A 54 7.51 8.34 7.40
N LYS A 55 7.30 8.95 6.24
CA LYS A 55 8.08 10.13 5.87
C LYS A 55 7.41 11.38 6.45
N ASN A 56 7.77 11.68 7.69
CA ASN A 56 7.22 12.83 8.37
C ASN A 56 8.03 14.08 7.99
N ARG A 57 7.31 15.18 7.83
CA ARG A 57 7.94 16.43 7.47
C ARG A 57 8.54 16.34 6.07
N ARG A 58 7.89 17.00 5.13
CA ARG A 58 8.35 17.00 3.75
C ARG A 58 7.44 17.88 2.88
N GLY A 59 6.21 17.43 2.73
CA GLY A 59 5.23 18.16 1.93
C GLY A 59 3.97 17.33 1.71
N GLY A 60 3.03 17.93 1.00
CA GLY A 60 1.77 17.26 0.71
C GLY A 60 1.30 16.45 1.92
N PRO A 61 0.48 15.40 1.61
CA PRO A 61 -0.05 14.54 2.65
C PRO A 61 1.02 13.59 3.17
N PRO A 62 0.83 13.14 4.45
CA PRO A 62 1.78 12.23 5.07
C PRO A 62 1.62 10.81 4.51
N PHE A 63 2.75 10.21 4.17
CA PHE A 63 2.75 8.86 3.63
C PHE A 63 3.76 7.97 4.38
N ALA A 64 3.48 6.68 4.34
CA ALA A 64 4.34 5.72 5.00
C ALA A 64 4.19 4.35 4.33
N PHE A 65 5.11 3.46 4.66
CA PHE A 65 5.09 2.12 4.09
C PHE A 65 4.96 1.06 5.19
N VAL A 66 4.31 -0.03 4.85
CA VAL A 66 4.11 -1.12 5.80
C VAL A 66 4.59 -2.43 5.16
N GLU A 67 5.47 -3.11 5.89
CA GLU A 67 6.01 -4.37 5.41
C GLU A 67 5.41 -5.54 6.20
N PHE A 68 4.62 -6.35 5.50
CA PHE A 68 3.99 -7.50 6.12
C PHE A 68 4.93 -8.70 6.12
N GLU A 69 4.60 -9.66 6.99
CA GLU A 69 5.40 -10.86 7.11
C GLU A 69 5.16 -11.78 5.91
N ASP A 70 3.90 -11.89 5.53
CA ASP A 70 3.53 -12.72 4.40
C ASP A 70 2.87 -11.85 3.33
N PRO A 71 2.97 -12.34 2.06
CA PRO A 71 2.38 -11.63 0.93
C PRO A 71 0.86 -11.79 0.92
N ARG A 72 0.42 -13.02 1.16
CA ARG A 72 -1.00 -13.32 1.16
C ARG A 72 -1.77 -12.21 1.88
N ASP A 73 -1.24 -11.81 3.03
CA ASP A 73 -1.86 -10.76 3.82
C ASP A 73 -1.53 -9.40 3.20
N ALA A 74 -0.24 -9.17 3.01
CA ALA A 74 0.22 -7.92 2.43
C ALA A 74 -0.72 -7.51 1.31
N GLU A 75 -1.18 -8.50 0.56
CA GLU A 75 -2.09 -8.25 -0.55
C GLU A 75 -3.49 -7.94 -0.02
N ASP A 76 -4.12 -8.96 0.53
CA ASP A 76 -5.47 -8.82 1.07
C ASP A 76 -5.56 -7.47 1.80
N ALA A 77 -4.46 -7.07 2.41
CA ALA A 77 -4.42 -5.81 3.14
C ALA A 77 -4.44 -4.65 2.14
N VAL A 78 -3.44 -4.64 1.28
CA VAL A 78 -3.34 -3.59 0.26
C VAL A 78 -4.62 -3.56 -0.57
N TYR A 79 -5.23 -4.73 -0.68
CA TYR A 79 -6.47 -4.86 -1.45
C TYR A 79 -7.68 -4.52 -0.58
N GLY A 80 -7.54 -4.78 0.70
CA GLY A 80 -8.62 -4.51 1.64
C GLY A 80 -8.63 -3.04 2.06
N ARG A 81 -7.72 -2.71 2.96
CA ARG A 81 -7.61 -1.34 3.46
C ARG A 81 -7.83 -0.35 2.32
N ASP A 82 -7.27 -0.69 1.15
CA ASP A 82 -7.40 0.17 -0.01
C ASP A 82 -8.82 0.73 -0.08
N GLY A 83 -8.96 1.96 0.39
CA GLY A 83 -10.25 2.63 0.40
C GLY A 83 -10.89 2.57 1.78
N TYR A 84 -10.06 2.76 2.79
CA TYR A 84 -10.52 2.73 4.17
C TYR A 84 -10.89 4.14 4.65
N ASP A 85 -11.80 4.18 5.60
CA ASP A 85 -12.25 5.45 6.15
C ASP A 85 -11.71 5.60 7.57
N TYR A 86 -10.68 6.43 7.70
CA TYR A 86 -10.06 6.67 8.99
C TYR A 86 -10.56 7.99 9.59
N ASP A 87 -11.55 7.86 10.47
CA ASP A 87 -12.12 9.04 11.12
C ASP A 87 -12.64 10.00 10.06
N GLY A 88 -12.97 9.45 8.91
CA GLY A 88 -13.49 10.24 7.81
C GLY A 88 -12.43 10.41 6.71
N TYR A 89 -11.17 10.35 7.13
CA TYR A 89 -10.07 10.49 6.20
C TYR A 89 -9.86 9.21 5.39
N ARG A 90 -10.21 9.29 4.12
CA ARG A 90 -10.06 8.14 3.23
C ARG A 90 -8.58 7.93 2.86
N LEU A 91 -8.10 6.73 3.15
CA LEU A 91 -6.72 6.39 2.86
C LEU A 91 -6.65 5.70 1.49
N ARG A 92 -5.44 5.64 0.96
CA ARG A 92 -5.22 5.01 -0.33
C ARG A 92 -4.05 4.02 -0.25
N VAL A 93 -4.39 2.75 -0.08
CA VAL A 93 -3.39 1.71 0.01
C VAL A 93 -3.17 1.09 -1.37
N GLU A 94 -1.90 1.02 -1.76
CA GLU A 94 -1.55 0.44 -3.05
C GLU A 94 -0.08 0.02 -3.05
N PHE A 95 0.20 -1.01 -3.84
CA PHE A 95 1.55 -1.53 -3.95
C PHE A 95 2.46 -0.56 -4.71
N PRO A 96 3.77 -0.58 -4.35
CA PRO A 96 4.74 0.28 -4.99
C PRO A 96 5.09 -0.23 -6.40
N ARG A 97 4.89 0.64 -7.37
CA ARG A 97 5.17 0.30 -8.75
C ARG A 97 4.93 1.51 -9.66
N SER A 98 6.00 2.23 -9.95
CA SER A 98 5.92 3.40 -10.80
C SER A 98 7.22 3.56 -11.60
N GLY A 99 7.07 3.65 -12.90
CA GLY A 99 8.21 3.81 -13.79
C GLY A 99 8.41 2.57 -14.66
N ARG A 100 9.53 2.55 -15.36
CA ARG A 100 9.85 1.44 -16.24
C ARG A 100 10.88 0.52 -15.59
N GLY A 101 10.70 -0.77 -15.79
CA GLY A 101 11.60 -1.76 -15.23
C GLY A 101 10.87 -3.06 -14.91
N THR A 102 10.68 -3.87 -15.95
CA THR A 102 9.99 -5.14 -15.80
C THR A 102 10.19 -6.00 -17.05
N GLY A 103 10.73 -7.19 -16.83
CA GLY A 103 10.96 -8.12 -17.92
C GLY A 103 9.66 -8.45 -18.64
N SER A 104 9.81 -8.98 -19.85
CA SER A 104 8.66 -9.35 -20.66
C SER A 104 9.00 -10.57 -21.52
N GLY A 105 8.01 -11.44 -21.67
CA GLY A 105 8.18 -12.65 -22.47
C GLY A 105 8.37 -13.87 -21.57
N PRO A 106 7.99 -15.05 -22.13
CA PRO A 106 8.11 -16.30 -21.39
C PRO A 106 9.57 -16.75 -21.31
N SER A 107 9.87 -17.47 -20.24
CA SER A 107 11.23 -17.98 -20.03
C SER A 107 12.22 -16.81 -20.07
N SER A 108 13.44 -17.12 -19.65
CA SER A 108 14.49 -16.11 -19.63
C SER A 108 14.07 -14.92 -18.77
N GLY A 109 14.48 -14.97 -17.51
CA GLY A 109 14.14 -13.91 -16.57
C GLY A 109 13.13 -14.39 -15.53
N GLY A 1 -14.22 15.03 16.22
CA GLY A 1 -13.95 15.94 15.12
C GLY A 1 -14.51 15.39 13.80
N SER A 2 -15.34 16.21 13.17
CA SER A 2 -15.96 15.82 11.91
C SER A 2 -16.10 17.04 10.99
N SER A 3 -15.04 17.32 10.25
CA SER A 3 -15.04 18.45 9.34
C SER A 3 -13.74 18.48 8.54
N GLY A 4 -13.77 19.18 7.42
CA GLY A 4 -12.62 19.30 6.56
C GLY A 4 -13.00 19.11 5.09
N SER A 5 -12.38 18.10 4.47
CA SER A 5 -12.65 17.80 3.08
C SER A 5 -12.44 19.05 2.22
N SER A 6 -11.31 19.07 1.52
CA SER A 6 -10.99 20.19 0.67
C SER A 6 -10.58 19.69 -0.73
N GLY A 7 -9.47 18.96 -0.75
CA GLY A 7 -8.97 18.42 -2.00
C GLY A 7 -7.44 18.42 -2.03
N MET A 8 -6.88 17.23 -2.13
CA MET A 8 -5.44 17.08 -2.16
C MET A 8 -5.02 15.90 -3.05
N SER A 9 -3.91 16.08 -3.74
CA SER A 9 -3.39 15.05 -4.61
C SER A 9 -1.89 14.85 -4.38
N GLY A 10 -1.42 13.65 -4.69
CA GLY A 10 -0.02 13.33 -4.52
C GLY A 10 0.34 12.04 -5.26
N GLY A 11 1.63 11.77 -5.31
CA GLY A 11 2.12 10.57 -5.98
C GLY A 11 3.44 10.84 -6.69
N GLY A 12 4.46 10.10 -6.29
CA GLY A 12 5.78 10.25 -6.88
C GLY A 12 6.74 9.17 -6.37
N VAL A 13 7.70 8.83 -7.22
CA VAL A 13 8.67 7.81 -6.87
C VAL A 13 10.00 8.13 -7.55
N ILE A 14 11.04 7.42 -7.14
CA ILE A 14 12.36 7.62 -7.70
C ILE A 14 13.14 6.30 -7.65
N ARG A 15 13.22 5.75 -6.45
CA ARG A 15 13.92 4.49 -6.25
C ARG A 15 13.49 3.46 -7.30
N GLY A 16 14.48 2.99 -8.04
CA GLY A 16 14.22 2.00 -9.08
C GLY A 16 13.53 0.76 -8.50
N PRO A 17 13.12 -0.15 -9.42
CA PRO A 17 12.45 -1.37 -9.01
C PRO A 17 13.44 -2.36 -8.40
N ALA A 18 13.03 -2.97 -7.30
CA ALA A 18 13.86 -3.94 -6.61
C ALA A 18 13.00 -4.71 -5.60
N GLY A 19 12.57 -5.90 -6.02
CA GLY A 19 11.75 -6.75 -5.17
C GLY A 19 11.41 -8.06 -5.87
N ASN A 20 10.87 -8.98 -5.10
CA ASN A 20 10.49 -10.28 -5.64
C ASN A 20 9.14 -10.69 -5.05
N ASN A 21 9.07 -10.65 -3.73
CA ASN A 21 7.85 -11.03 -3.02
C ASN A 21 7.17 -9.77 -2.50
N ASP A 22 5.86 -9.89 -2.29
CA ASP A 22 5.08 -8.76 -1.80
C ASP A 22 5.12 -8.76 -0.27
N CYS A 23 5.08 -7.56 0.29
CA CYS A 23 5.10 -7.40 1.73
C CYS A 23 5.07 -5.91 2.06
N ARG A 24 5.79 -5.15 1.26
CA ARG A 24 5.85 -3.70 1.45
C ARG A 24 4.72 -3.02 0.67
N ILE A 25 3.82 -2.41 1.42
CA ILE A 25 2.69 -1.71 0.82
C ILE A 25 2.75 -0.23 1.20
N TYR A 26 2.39 0.60 0.24
CA TYR A 26 2.40 2.04 0.45
C TYR A 26 1.01 2.54 0.81
N VAL A 27 0.93 3.25 1.93
CA VAL A 27 -0.34 3.80 2.38
C VAL A 27 -0.33 5.32 2.18
N GLY A 28 -1.12 5.75 1.21
CA GLY A 28 -1.21 7.18 0.90
C GLY A 28 -2.56 7.74 1.38
N ASN A 29 -2.64 9.06 1.34
CA ASN A 29 -3.86 9.74 1.77
C ASN A 29 -4.13 9.41 3.23
N LEU A 30 -3.35 10.02 4.11
CA LEU A 30 -3.49 9.79 5.54
C LEU A 30 -3.67 11.14 6.24
N PRO A 31 -4.20 11.06 7.50
CA PRO A 31 -4.42 12.26 8.28
C PRO A 31 -3.11 12.80 8.83
N PRO A 32 -3.14 14.11 9.22
CA PRO A 32 -1.96 14.76 9.77
C PRO A 32 -1.70 14.31 11.21
N ASP A 33 -2.77 13.88 11.86
CA ASP A 33 -2.67 13.41 13.23
C ASP A 33 -2.54 11.89 13.24
N ILE A 34 -2.03 11.36 12.15
CA ILE A 34 -1.85 9.93 12.03
C ILE A 34 -0.52 9.52 12.67
N ARG A 35 -0.45 8.27 13.08
CA ARG A 35 0.74 7.75 13.72
C ARG A 35 1.15 6.42 13.08
N THR A 36 2.26 5.88 13.57
CA THR A 36 2.76 4.62 13.06
C THR A 36 2.10 3.44 13.78
N LYS A 37 1.78 3.67 15.04
CA LYS A 37 1.14 2.64 15.85
C LYS A 37 -0.29 2.42 15.35
N ASP A 38 -1.00 3.54 15.21
CA ASP A 38 -2.38 3.49 14.75
C ASP A 38 -2.45 2.77 13.41
N ILE A 39 -1.57 3.20 12.51
CA ILE A 39 -1.51 2.62 11.18
C ILE A 39 -1.04 1.16 11.28
N GLU A 40 -0.44 0.86 12.43
CA GLU A 40 0.07 -0.49 12.67
C GLU A 40 -1.07 -1.41 13.13
N ASP A 41 -1.59 -1.11 14.31
CA ASP A 41 -2.68 -1.90 14.87
C ASP A 41 -3.84 -1.92 13.88
N VAL A 42 -3.89 -0.90 13.05
CA VAL A 42 -4.95 -0.80 12.06
C VAL A 42 -4.87 -1.99 11.11
N PHE A 43 -3.75 -2.08 10.40
CA PHE A 43 -3.55 -3.17 9.46
C PHE A 43 -3.39 -4.51 10.20
N TYR A 44 -2.93 -4.42 11.44
CA TYR A 44 -2.75 -5.60 12.25
C TYR A 44 -4.03 -6.43 12.33
N LYS A 45 -5.13 -5.78 12.00
CA LYS A 45 -6.43 -6.44 12.03
C LYS A 45 -6.42 -7.62 11.04
N TYR A 46 -5.41 -7.60 10.17
CA TYR A 46 -5.28 -8.65 9.16
C TYR A 46 -4.25 -9.69 9.61
N GLY A 47 -3.07 -9.21 9.95
CA GLY A 47 -1.99 -10.08 10.37
C GLY A 47 -1.00 -9.33 11.27
N ALA A 48 0.28 -9.45 10.93
CA ALA A 48 1.32 -8.80 11.68
C ALA A 48 2.14 -7.91 10.74
N ILE A 49 2.86 -6.96 11.34
CA ILE A 49 3.68 -6.04 10.58
C ILE A 49 5.14 -6.23 10.96
N ARG A 50 6.00 -6.08 9.97
CA ARG A 50 7.43 -6.23 10.19
C ARG A 50 8.07 -4.89 10.52
N ASP A 51 7.50 -3.84 9.94
CA ASP A 51 8.00 -2.49 10.17
C ASP A 51 7.14 -1.50 9.39
N ILE A 52 7.23 -0.24 9.80
CA ILE A 52 6.47 0.82 9.14
C ILE A 52 7.37 2.04 8.94
N ASP A 53 7.59 2.36 7.68
CA ASP A 53 8.43 3.51 7.33
C ASP A 53 7.54 4.67 6.91
N LEU A 54 7.46 5.67 7.79
CA LEU A 54 6.65 6.84 7.52
C LEU A 54 7.57 8.03 7.25
N LYS A 55 7.40 8.60 6.07
CA LYS A 55 8.21 9.74 5.66
C LYS A 55 7.74 10.99 6.41
N ASN A 56 6.44 11.29 6.24
CA ASN A 56 5.86 12.45 6.90
C ASN A 56 6.77 13.67 6.69
N ARG A 57 6.46 14.43 5.66
CA ARG A 57 7.23 15.62 5.35
C ARG A 57 6.65 16.33 4.12
N ARG A 58 7.02 17.59 3.98
CA ARG A 58 6.54 18.39 2.86
C ARG A 58 6.48 17.53 1.59
N GLY A 59 5.43 17.74 0.83
CA GLY A 59 5.23 17.01 -0.41
C GLY A 59 3.92 16.24 -0.40
N GLY A 60 2.85 16.96 -0.11
CA GLY A 60 1.52 16.36 -0.06
C GLY A 60 1.22 15.82 1.34
N PRO A 61 0.31 14.81 1.37
CA PRO A 61 -0.08 14.20 2.64
C PRO A 61 1.02 13.27 3.15
N PRO A 62 0.82 12.78 4.41
CA PRO A 62 1.78 11.89 5.02
C PRO A 62 1.68 10.48 4.43
N PHE A 63 2.83 9.97 4.01
CA PHE A 63 2.87 8.64 3.42
C PHE A 63 3.86 7.74 4.17
N ALA A 64 3.59 6.45 4.13
CA ALA A 64 4.44 5.48 4.80
C ALA A 64 4.33 4.14 4.08
N PHE A 65 5.32 3.28 4.33
CA PHE A 65 5.35 1.97 3.72
C PHE A 65 5.35 0.87 4.79
N VAL A 66 4.25 0.13 4.83
CA VAL A 66 4.12 -0.95 5.79
C VAL A 66 4.65 -2.24 5.18
N GLU A 67 5.40 -2.98 5.99
CA GLU A 67 5.96 -4.24 5.54
C GLU A 67 5.37 -5.41 6.33
N PHE A 68 4.68 -6.28 5.61
CA PHE A 68 4.07 -7.44 6.23
C PHE A 68 5.02 -8.63 6.24
N GLU A 69 4.64 -9.64 7.01
CA GLU A 69 5.46 -10.84 7.13
C GLU A 69 5.19 -11.79 5.95
N ASP A 70 3.92 -11.87 5.58
CA ASP A 70 3.52 -12.73 4.47
C ASP A 70 2.96 -11.85 3.34
N PRO A 71 3.05 -12.40 2.10
CA PRO A 71 2.55 -11.69 0.94
C PRO A 71 1.02 -11.74 0.88
N ARG A 72 0.48 -12.94 1.11
CA ARG A 72 -0.96 -13.13 1.09
C ARG A 72 -1.65 -11.98 1.81
N ASP A 73 -1.20 -11.74 3.04
CA ASP A 73 -1.78 -10.68 3.86
C ASP A 73 -1.45 -9.32 3.23
N ALA A 74 -0.16 -9.08 3.06
CA ALA A 74 0.31 -7.84 2.47
C ALA A 74 -0.62 -7.46 1.31
N GLU A 75 -1.05 -8.48 0.58
CA GLU A 75 -1.94 -8.26 -0.56
C GLU A 75 -3.35 -7.96 -0.07
N ASP A 76 -4.00 -8.99 0.47
CA ASP A 76 -5.35 -8.84 0.97
C ASP A 76 -5.48 -7.50 1.70
N ALA A 77 -4.38 -7.09 2.32
CA ALA A 77 -4.36 -5.84 3.05
C ALA A 77 -4.46 -4.68 2.07
N VAL A 78 -3.49 -4.61 1.18
CA VAL A 78 -3.45 -3.55 0.18
C VAL A 78 -4.76 -3.58 -0.63
N TYR A 79 -5.31 -4.77 -0.77
CA TYR A 79 -6.55 -4.94 -1.51
C TYR A 79 -7.76 -4.70 -0.61
N GLY A 80 -7.49 -4.68 0.70
CA GLY A 80 -8.56 -4.46 1.66
C GLY A 80 -8.61 -2.99 2.08
N ARG A 81 -7.74 -2.62 3.00
CA ARG A 81 -7.68 -1.26 3.49
C ARG A 81 -7.92 -0.28 2.34
N ASP A 82 -7.48 -0.68 1.16
CA ASP A 82 -7.64 0.15 -0.03
C ASP A 82 -9.08 0.68 -0.08
N GLY A 83 -9.25 1.90 0.39
CA GLY A 83 -10.56 2.52 0.40
C GLY A 83 -11.12 2.62 1.83
N TYR A 84 -10.20 2.61 2.78
CA TYR A 84 -10.59 2.69 4.19
C TYR A 84 -10.90 4.13 4.57
N ASP A 85 -11.96 4.29 5.36
CA ASP A 85 -12.39 5.59 5.81
C ASP A 85 -11.96 5.80 7.27
N TYR A 86 -10.86 6.52 7.44
CA TYR A 86 -10.34 6.79 8.77
C TYR A 86 -10.32 8.28 9.06
N ASP A 87 -10.91 8.65 10.20
CA ASP A 87 -10.97 10.04 10.60
C ASP A 87 -11.88 10.81 9.65
N GLY A 88 -12.74 10.05 8.97
CA GLY A 88 -13.67 10.65 8.02
C GLY A 88 -13.00 10.86 6.66
N TYR A 89 -11.75 10.44 6.57
CA TYR A 89 -11.00 10.58 5.34
C TYR A 89 -10.86 9.24 4.63
N ARG A 90 -10.83 9.31 3.30
CA ARG A 90 -10.70 8.12 2.48
C ARG A 90 -9.23 7.82 2.19
N LEU A 91 -8.69 6.89 2.95
CA LEU A 91 -7.29 6.51 2.79
C LEU A 91 -7.13 5.77 1.46
N ARG A 92 -5.89 5.77 0.98
CA ARG A 92 -5.58 5.11 -0.28
C ARG A 92 -4.41 4.15 -0.10
N VAL A 93 -4.72 2.87 -0.22
CA VAL A 93 -3.70 1.84 -0.07
C VAL A 93 -3.38 1.24 -1.45
N GLU A 94 -2.09 1.23 -1.76
CA GLU A 94 -1.65 0.69 -3.03
C GLU A 94 -0.16 0.32 -2.96
N PHE A 95 0.23 -0.60 -3.83
CA PHE A 95 1.62 -1.03 -3.87
C PHE A 95 2.52 0.05 -4.46
N PRO A 96 3.79 0.07 -3.98
CA PRO A 96 4.76 1.05 -4.44
C PRO A 96 5.27 0.68 -5.84
N ARG A 97 5.58 -0.59 -6.01
CA ARG A 97 6.08 -1.08 -7.28
C ARG A 97 6.16 -2.61 -7.27
N SER A 98 5.58 -3.21 -8.29
CA SER A 98 5.59 -4.66 -8.41
C SER A 98 6.49 -5.09 -9.56
N GLY A 99 7.05 -6.28 -9.42
CA GLY A 99 7.94 -6.83 -10.43
C GLY A 99 7.80 -8.35 -10.53
N ARG A 100 7.86 -8.84 -11.76
CA ARG A 100 7.75 -10.26 -12.00
C ARG A 100 8.86 -11.02 -11.27
N GLY A 101 8.63 -12.31 -11.08
CA GLY A 101 9.60 -13.15 -10.39
C GLY A 101 9.26 -14.63 -10.57
N THR A 102 9.95 -15.26 -11.52
CA THR A 102 9.73 -16.67 -11.80
C THR A 102 11.03 -17.31 -12.29
N GLY A 103 11.84 -17.70 -11.32
CA GLY A 103 13.11 -18.35 -11.63
C GLY A 103 13.42 -19.47 -10.65
N SER A 104 13.12 -20.69 -11.09
CA SER A 104 13.36 -21.86 -10.27
C SER A 104 13.82 -23.04 -11.13
N GLY A 105 14.78 -23.78 -10.60
CA GLY A 105 15.31 -24.93 -11.31
C GLY A 105 16.25 -25.75 -10.41
N PRO A 106 15.66 -26.82 -9.80
CA PRO A 106 16.43 -27.68 -8.92
C PRO A 106 17.35 -28.59 -9.72
N SER A 107 18.35 -29.14 -9.02
CA SER A 107 19.30 -30.02 -9.65
C SER A 107 20.12 -30.75 -8.58
N SER A 108 20.86 -31.75 -9.02
CA SER A 108 21.69 -32.53 -8.13
C SER A 108 20.81 -33.30 -7.14
N GLY A 109 21.44 -34.21 -6.41
CA GLY A 109 20.73 -35.01 -5.44
C GLY A 109 20.36 -34.18 -4.20
N GLY A 1 -47.11 0.11 -4.23
CA GLY A 1 -45.88 -0.36 -3.61
C GLY A 1 -44.97 0.82 -3.26
N SER A 2 -43.80 0.49 -2.75
CA SER A 2 -42.82 1.50 -2.36
C SER A 2 -41.59 0.84 -1.74
N SER A 3 -40.53 0.78 -2.53
CA SER A 3 -39.29 0.19 -2.08
C SER A 3 -38.26 0.20 -3.21
N GLY A 4 -37.18 0.94 -2.97
CA GLY A 4 -36.12 1.05 -3.95
C GLY A 4 -34.91 0.20 -3.55
N SER A 5 -34.08 -0.10 -4.53
CA SER A 5 -32.89 -0.91 -4.29
C SER A 5 -31.64 -0.04 -4.49
N SER A 6 -30.61 -0.37 -3.72
CA SER A 6 -29.35 0.35 -3.81
C SER A 6 -28.20 -0.53 -3.32
N GLY A 7 -27.12 -0.51 -4.07
CA GLY A 7 -25.95 -1.30 -3.73
C GLY A 7 -25.46 -2.10 -4.94
N MET A 8 -24.33 -2.79 -4.73
CA MET A 8 -23.75 -3.59 -5.79
C MET A 8 -24.30 -5.02 -5.76
N SER A 9 -25.25 -5.27 -6.63
CA SER A 9 -25.87 -6.59 -6.72
C SER A 9 -25.00 -7.52 -7.56
N GLY A 10 -23.97 -8.05 -6.93
CA GLY A 10 -23.05 -8.95 -7.60
C GLY A 10 -21.59 -8.58 -7.32
N GLY A 11 -21.06 -7.73 -8.17
CA GLY A 11 -19.68 -7.30 -8.03
C GLY A 11 -18.91 -7.39 -9.35
N GLY A 12 -17.85 -6.61 -9.44
CA GLY A 12 -17.03 -6.61 -10.64
C GLY A 12 -15.55 -6.49 -10.29
N VAL A 13 -14.79 -7.50 -10.67
CA VAL A 13 -13.36 -7.52 -10.41
C VAL A 13 -12.63 -6.81 -11.55
N ILE A 14 -11.86 -5.81 -11.18
CA ILE A 14 -11.11 -5.04 -12.16
C ILE A 14 -9.89 -5.85 -12.60
N ARG A 15 -9.41 -5.55 -13.80
CA ARG A 15 -8.26 -6.23 -14.35
C ARG A 15 -7.21 -6.48 -13.26
N GLY A 16 -6.61 -7.65 -13.31
CA GLY A 16 -5.60 -8.02 -12.34
C GLY A 16 -4.19 -7.89 -12.93
N PRO A 17 -3.20 -7.72 -12.02
CA PRO A 17 -1.81 -7.58 -12.43
C PRO A 17 -1.23 -8.92 -12.88
N ALA A 18 -1.53 -9.94 -12.10
CA ALA A 18 -1.04 -11.29 -12.39
C ALA A 18 0.48 -11.31 -12.28
N GLY A 19 0.95 -11.05 -11.07
CA GLY A 19 2.38 -11.05 -10.80
C GLY A 19 2.66 -10.98 -9.30
N ASN A 20 2.28 -12.04 -8.61
CA ASN A 20 2.49 -12.11 -7.17
C ASN A 20 3.91 -11.67 -6.84
N ASN A 21 4.01 -10.46 -6.32
CA ASN A 21 5.30 -9.91 -5.95
C ASN A 21 5.10 -8.51 -5.36
N ASP A 22 5.16 -8.44 -4.04
CA ASP A 22 4.99 -7.18 -3.34
C ASP A 22 4.53 -7.45 -1.91
N CYS A 23 5.47 -7.37 -0.99
CA CYS A 23 5.18 -7.61 0.42
C CYS A 23 4.99 -6.25 1.09
N ARG A 24 5.69 -5.25 0.57
CA ARG A 24 5.61 -3.91 1.12
C ARG A 24 4.48 -3.13 0.44
N ILE A 25 3.64 -2.52 1.27
CA ILE A 25 2.52 -1.75 0.78
C ILE A 25 2.69 -0.28 1.18
N TYR A 26 2.34 0.60 0.26
CA TYR A 26 2.44 2.03 0.51
C TYR A 26 1.09 2.64 0.85
N VAL A 27 1.08 3.44 1.91
CA VAL A 27 -0.14 4.08 2.36
C VAL A 27 -0.05 5.58 2.08
N GLY A 28 -1.14 6.13 1.55
CA GLY A 28 -1.18 7.54 1.23
C GLY A 28 -2.49 8.17 1.74
N ASN A 29 -2.56 9.49 1.61
CA ASN A 29 -3.75 10.21 2.05
C ASN A 29 -3.98 9.95 3.54
N LEU A 30 -2.96 10.27 4.33
CA LEU A 30 -3.04 10.07 5.77
C LEU A 30 -3.25 11.42 6.44
N PRO A 31 -3.74 11.36 7.72
CA PRO A 31 -3.99 12.57 8.49
C PRO A 31 -2.68 13.18 8.98
N PRO A 32 -2.77 14.47 9.42
CA PRO A 32 -1.60 15.17 9.93
C PRO A 32 -1.23 14.68 11.33
N ASP A 33 -2.23 14.16 12.03
CA ASP A 33 -2.02 13.66 13.37
C ASP A 33 -2.16 12.13 13.37
N ILE A 34 -1.42 11.51 12.46
CA ILE A 34 -1.44 10.06 12.35
C ILE A 34 -0.29 9.47 13.16
N ARG A 35 -0.46 8.22 13.55
CA ARG A 35 0.55 7.52 14.33
C ARG A 35 0.90 6.18 13.67
N THR A 36 2.19 5.93 13.59
CA THR A 36 2.67 4.69 12.99
C THR A 36 1.98 3.48 13.63
N LYS A 37 1.72 3.61 14.92
CA LYS A 37 1.07 2.55 15.67
C LYS A 37 -0.39 2.43 15.21
N ASP A 38 -1.10 3.54 15.30
CA ASP A 38 -2.50 3.57 14.91
C ASP A 38 -2.64 2.93 13.53
N ILE A 39 -1.64 3.18 12.69
CA ILE A 39 -1.64 2.64 11.34
C ILE A 39 -1.35 1.13 11.40
N GLU A 40 -0.54 0.76 12.38
CA GLU A 40 -0.18 -0.63 12.56
C GLU A 40 -1.42 -1.47 12.91
N ASP A 41 -1.97 -1.17 14.07
CA ASP A 41 -3.15 -1.89 14.54
C ASP A 41 -4.12 -2.09 13.36
N VAL A 42 -4.35 -1.00 12.64
CA VAL A 42 -5.25 -1.06 11.49
C VAL A 42 -4.96 -2.32 10.68
N PHE A 43 -3.77 -2.35 10.10
CA PHE A 43 -3.37 -3.50 9.29
C PHE A 43 -3.21 -4.75 10.16
N TYR A 44 -2.75 -4.54 11.39
CA TYR A 44 -2.55 -5.63 12.32
C TYR A 44 -3.82 -6.47 12.44
N LYS A 45 -4.94 -5.88 12.05
CA LYS A 45 -6.21 -6.57 12.11
C LYS A 45 -6.15 -7.83 11.25
N TYR A 46 -5.15 -7.87 10.40
CA TYR A 46 -4.96 -9.00 9.50
C TYR A 46 -3.91 -9.97 10.05
N GLY A 47 -2.72 -9.43 10.26
CA GLY A 47 -1.62 -10.23 10.79
C GLY A 47 -0.64 -9.36 11.59
N ALA A 48 0.63 -9.46 11.22
CA ALA A 48 1.65 -8.69 11.90
C ALA A 48 2.37 -7.79 10.89
N ILE A 49 3.06 -6.80 11.41
CA ILE A 49 3.79 -5.86 10.56
C ILE A 49 5.28 -5.97 10.86
N ARG A 50 6.06 -6.03 9.80
CA ARG A 50 7.50 -6.13 9.92
C ARG A 50 8.11 -4.80 10.35
N ASP A 51 7.63 -3.74 9.70
CA ASP A 51 8.10 -2.40 10.00
C ASP A 51 7.25 -1.38 9.25
N ILE A 52 7.25 -0.16 9.76
CA ILE A 52 6.49 0.91 9.14
C ILE A 52 7.40 2.13 8.93
N ASP A 53 7.68 2.40 7.67
CA ASP A 53 8.53 3.53 7.33
C ASP A 53 7.66 4.72 6.92
N LEU A 54 7.66 5.74 7.78
CA LEU A 54 6.89 6.93 7.53
C LEU A 54 7.83 8.11 7.26
N LYS A 55 7.62 8.75 6.13
CA LYS A 55 8.45 9.89 5.75
C LYS A 55 8.07 11.09 6.62
N ASN A 56 6.93 11.67 6.31
CA ASN A 56 6.45 12.83 7.05
C ASN A 56 7.37 14.02 6.78
N ARG A 57 6.91 14.90 5.90
CA ARG A 57 7.68 16.08 5.55
C ARG A 57 7.01 16.82 4.39
N ARG A 58 7.48 18.05 4.16
CA ARG A 58 6.94 18.86 3.09
C ARG A 58 6.93 18.07 1.78
N GLY A 59 5.75 18.04 1.15
CA GLY A 59 5.59 17.33 -0.10
C GLY A 59 4.27 16.56 -0.13
N GLY A 60 3.20 17.29 0.16
CA GLY A 60 1.87 16.68 0.16
C GLY A 60 1.54 16.09 1.54
N PRO A 61 0.63 15.09 1.53
CA PRO A 61 0.23 14.44 2.77
C PRO A 61 1.32 13.48 3.26
N PRO A 62 1.14 13.02 4.53
CA PRO A 62 2.09 12.12 5.13
C PRO A 62 1.95 10.70 4.56
N PHE A 63 3.05 10.16 4.08
CA PHE A 63 3.05 8.83 3.51
C PHE A 63 4.04 7.92 4.26
N ALA A 64 3.78 6.62 4.16
CA ALA A 64 4.62 5.63 4.81
C ALA A 64 4.49 4.29 4.10
N PHE A 65 5.47 3.43 4.31
CA PHE A 65 5.47 2.12 3.71
C PHE A 65 5.38 1.02 4.76
N VAL A 66 4.24 0.34 4.77
CA VAL A 66 4.02 -0.74 5.73
C VAL A 66 4.50 -2.05 5.13
N GLU A 67 5.32 -2.76 5.89
CA GLU A 67 5.85 -4.03 5.44
C GLU A 67 5.20 -5.19 6.21
N PHE A 68 4.93 -6.26 5.49
CA PHE A 68 4.31 -7.43 6.08
C PHE A 68 5.27 -8.62 6.08
N GLU A 69 4.97 -9.58 6.95
CA GLU A 69 5.80 -10.78 7.06
C GLU A 69 5.52 -11.72 5.89
N ASP A 70 4.27 -11.71 5.45
CA ASP A 70 3.87 -12.56 4.34
C ASP A 70 3.24 -11.69 3.24
N PRO A 71 3.37 -12.18 1.98
CA PRO A 71 2.82 -11.47 0.84
C PRO A 71 1.29 -11.61 0.78
N ARG A 72 0.84 -12.84 0.98
CA ARG A 72 -0.59 -13.11 0.95
C ARG A 72 -1.35 -12.01 1.69
N ASP A 73 -1.07 -11.92 2.99
CA ASP A 73 -1.73 -10.92 3.81
C ASP A 73 -1.50 -9.53 3.22
N ALA A 74 -0.22 -9.22 3.01
CA ALA A 74 0.15 -7.93 2.44
C ALA A 74 -0.82 -7.58 1.31
N GLU A 75 -1.27 -8.62 0.62
CA GLU A 75 -2.20 -8.43 -0.48
C GLU A 75 -3.63 -8.26 0.04
N ASP A 76 -3.98 -9.09 1.01
CA ASP A 76 -5.29 -9.05 1.60
C ASP A 76 -5.50 -7.68 2.27
N ALA A 77 -4.42 -7.15 2.81
CA ALA A 77 -4.47 -5.87 3.47
C ALA A 77 -4.72 -4.77 2.44
N VAL A 78 -3.84 -4.73 1.45
CA VAL A 78 -3.96 -3.73 0.39
C VAL A 78 -5.27 -3.96 -0.37
N TYR A 79 -5.69 -5.21 -0.42
CA TYR A 79 -6.91 -5.57 -1.10
C TYR A 79 -8.13 -4.99 -0.38
N GLY A 80 -7.91 -4.59 0.86
CA GLY A 80 -8.98 -4.03 1.67
C GLY A 80 -8.63 -2.61 2.11
N ARG A 81 -7.63 -2.53 2.99
CA ARG A 81 -7.20 -1.24 3.50
C ARG A 81 -7.24 -0.18 2.39
N ASP A 82 -7.02 -0.65 1.17
CA ASP A 82 -7.03 0.24 0.01
C ASP A 82 -8.42 0.88 -0.12
N GLY A 83 -8.54 2.07 0.45
CA GLY A 83 -9.81 2.78 0.40
C GLY A 83 -10.49 2.79 1.77
N TYR A 84 -9.67 2.87 2.81
CA TYR A 84 -10.18 2.89 4.16
C TYR A 84 -10.44 4.32 4.63
N ASP A 85 -11.49 4.46 5.43
CA ASP A 85 -11.85 5.77 5.96
C ASP A 85 -11.43 5.87 7.42
N TYR A 86 -10.25 6.46 7.63
CA TYR A 86 -9.72 6.63 8.96
C TYR A 86 -10.18 7.95 9.58
N ASP A 87 -11.18 7.84 10.45
CA ASP A 87 -11.73 9.02 11.12
C ASP A 87 -12.14 10.04 10.07
N GLY A 88 -12.62 9.54 8.94
CA GLY A 88 -13.06 10.40 7.86
C GLY A 88 -11.98 10.48 6.77
N TYR A 89 -10.74 10.51 7.21
CA TYR A 89 -9.62 10.58 6.29
C TYR A 89 -9.47 9.28 5.49
N ARG A 90 -9.88 9.35 4.24
CA ARG A 90 -9.79 8.19 3.36
C ARG A 90 -8.34 7.93 2.97
N LEU A 91 -7.83 6.78 3.43
CA LEU A 91 -6.47 6.40 3.13
C LEU A 91 -6.40 5.79 1.73
N ARG A 92 -5.19 5.73 1.20
CA ARG A 92 -4.97 5.18 -0.12
C ARG A 92 -3.83 4.16 -0.09
N VAL A 93 -4.20 2.90 -0.02
CA VAL A 93 -3.22 1.82 0.00
C VAL A 93 -3.03 1.28 -1.41
N GLU A 94 -1.77 1.17 -1.80
CA GLU A 94 -1.43 0.66 -3.13
C GLU A 94 0.03 0.19 -3.15
N PHE A 95 0.29 -0.74 -4.06
CA PHE A 95 1.63 -1.28 -4.20
C PHE A 95 2.54 -0.32 -4.98
N PRO A 96 3.86 -0.38 -4.65
CA PRO A 96 4.83 0.48 -5.30
C PRO A 96 5.13 0.00 -6.72
N ARG A 97 4.95 0.90 -7.67
CA ARG A 97 5.20 0.57 -9.06
C ARG A 97 4.31 -0.59 -9.51
N SER A 98 3.22 -0.24 -10.19
CA SER A 98 2.28 -1.25 -10.66
C SER A 98 2.20 -1.19 -12.19
N GLY A 99 1.64 -2.25 -12.75
CA GLY A 99 1.48 -2.34 -14.19
C GLY A 99 2.76 -2.86 -14.85
N ARG A 100 2.90 -4.17 -14.83
CA ARG A 100 4.07 -4.82 -15.41
C ARG A 100 4.14 -4.51 -16.92
N GLY A 101 5.30 -4.80 -17.49
CA GLY A 101 5.52 -4.56 -18.91
C GLY A 101 5.85 -5.87 -19.63
N THR A 102 7.11 -5.98 -20.04
CA THR A 102 7.56 -7.17 -20.74
C THR A 102 7.54 -8.38 -19.82
N GLY A 103 7.11 -9.51 -20.38
CA GLY A 103 7.03 -10.74 -19.61
C GLY A 103 6.19 -11.79 -20.35
N SER A 104 6.85 -12.85 -20.76
CA SER A 104 6.18 -13.92 -21.48
C SER A 104 7.00 -15.21 -21.38
N GLY A 105 6.30 -16.29 -21.06
CA GLY A 105 6.95 -17.59 -20.93
C GLY A 105 6.06 -18.56 -20.17
N PRO A 106 5.04 -19.12 -20.89
CA PRO A 106 4.12 -20.06 -20.29
C PRO A 106 4.78 -21.43 -20.11
N SER A 107 4.24 -22.20 -19.18
CA SER A 107 4.76 -23.53 -18.91
C SER A 107 3.79 -24.31 -18.02
N SER A 108 3.90 -25.62 -18.08
CA SER A 108 3.03 -26.49 -17.30
C SER A 108 3.44 -27.95 -17.50
N GLY A 109 3.27 -28.72 -16.43
CA GLY A 109 3.61 -30.13 -16.48
C GLY A 109 4.99 -30.34 -17.08
N GLY A 1 -16.23 -31.41 -29.56
CA GLY A 1 -15.82 -30.63 -28.40
C GLY A 1 -17.02 -30.29 -27.51
N SER A 2 -16.72 -30.05 -26.24
CA SER A 2 -17.76 -29.72 -25.27
C SER A 2 -17.13 -29.23 -23.98
N SER A 3 -17.91 -28.44 -23.23
CA SER A 3 -17.44 -27.89 -21.97
C SER A 3 -18.55 -27.08 -21.31
N GLY A 4 -18.31 -26.71 -20.06
CA GLY A 4 -19.28 -25.93 -19.32
C GLY A 4 -18.77 -25.65 -17.90
N SER A 5 -18.86 -24.38 -17.51
CA SER A 5 -18.41 -23.96 -16.19
C SER A 5 -18.76 -22.49 -15.97
N SER A 6 -18.81 -22.11 -14.70
CA SER A 6 -19.12 -20.74 -14.34
C SER A 6 -17.85 -19.89 -14.36
N GLY A 7 -18.05 -18.59 -14.33
CA GLY A 7 -16.93 -17.65 -14.34
C GLY A 7 -17.31 -16.32 -13.69
N MET A 8 -16.30 -15.67 -13.14
CA MET A 8 -16.52 -14.39 -12.47
C MET A 8 -15.24 -13.54 -12.50
N SER A 9 -15.09 -12.79 -13.59
CA SER A 9 -13.93 -11.94 -13.74
C SER A 9 -14.02 -11.18 -15.07
N GLY A 10 -13.50 -9.95 -15.05
CA GLY A 10 -13.51 -9.13 -16.24
C GLY A 10 -12.09 -8.68 -16.61
N GLY A 11 -11.95 -7.37 -16.80
CA GLY A 11 -10.66 -6.80 -17.15
C GLY A 11 -9.90 -6.36 -15.90
N GLY A 12 -8.77 -5.71 -16.13
CA GLY A 12 -7.94 -5.24 -15.05
C GLY A 12 -7.52 -3.79 -15.26
N VAL A 13 -8.42 -2.88 -14.89
CA VAL A 13 -8.16 -1.47 -15.04
C VAL A 13 -7.48 -0.93 -13.77
N ILE A 14 -6.79 0.18 -13.93
CA ILE A 14 -6.08 0.79 -12.81
C ILE A 14 -5.36 -0.30 -12.01
N ARG A 15 -5.10 0.03 -10.75
CA ARG A 15 -4.42 -0.91 -9.87
C ARG A 15 -3.03 -1.22 -10.39
N GLY A 16 -2.95 -2.27 -11.20
CA GLY A 16 -1.68 -2.68 -11.78
C GLY A 16 -1.86 -3.87 -12.73
N PRO A 17 -0.74 -4.28 -13.36
CA PRO A 17 -0.77 -5.40 -14.30
C PRO A 17 -0.87 -6.73 -13.54
N ALA A 18 0.03 -6.89 -12.59
CA ALA A 18 0.06 -8.12 -11.79
C ALA A 18 1.25 -8.06 -10.83
N GLY A 19 0.93 -7.89 -9.56
CA GLY A 19 1.96 -7.83 -8.53
C GLY A 19 2.68 -9.18 -8.38
N ASN A 20 3.92 -9.10 -7.92
CA ASN A 20 4.71 -10.30 -7.73
C ASN A 20 5.13 -10.40 -6.26
N ASN A 21 4.27 -11.04 -5.47
CA ASN A 21 4.54 -11.21 -4.06
C ASN A 21 5.13 -9.91 -3.50
N ASP A 22 4.24 -9.01 -3.09
CA ASP A 22 4.65 -7.75 -2.54
C ASP A 22 4.22 -7.66 -1.07
N CYS A 23 5.19 -7.91 -0.19
CA CYS A 23 4.92 -7.87 1.23
C CYS A 23 4.91 -6.41 1.68
N ARG A 24 5.61 -5.58 0.92
CA ARG A 24 5.69 -4.16 1.22
C ARG A 24 4.54 -3.41 0.54
N ILE A 25 3.75 -2.74 1.37
CA ILE A 25 2.62 -1.98 0.86
C ILE A 25 2.79 -0.51 1.23
N TYR A 26 2.13 0.35 0.46
CA TYR A 26 2.20 1.78 0.70
C TYR A 26 0.82 2.35 1.03
N VAL A 27 0.80 3.23 2.01
CA VAL A 27 -0.44 3.85 2.44
C VAL A 27 -0.35 5.36 2.23
N GLY A 28 -1.38 5.89 1.58
CA GLY A 28 -1.43 7.33 1.30
C GLY A 28 -2.73 7.93 1.82
N ASN A 29 -2.91 9.22 1.52
CA ASN A 29 -4.09 9.93 1.95
C ASN A 29 -4.29 9.72 3.46
N LEU A 30 -3.27 10.07 4.21
CA LEU A 30 -3.31 9.93 5.66
C LEU A 30 -3.53 11.30 6.30
N PRO A 31 -4.02 11.28 7.57
CA PRO A 31 -4.28 12.51 8.29
C PRO A 31 -2.97 13.15 8.77
N PRO A 32 -3.08 14.43 9.20
CA PRO A 32 -1.92 15.16 9.68
C PRO A 32 -1.51 14.69 11.08
N ASP A 33 -2.50 14.16 11.80
CA ASP A 33 -2.26 13.67 13.15
C ASP A 33 -2.30 12.14 13.14
N ILE A 34 -1.56 11.57 12.19
CA ILE A 34 -1.51 10.12 12.07
C ILE A 34 -0.26 9.60 12.78
N ARG A 35 -0.33 8.34 13.18
CA ARG A 35 0.79 7.71 13.87
C ARG A 35 1.14 6.38 13.21
N THR A 36 2.36 5.93 13.49
CA THR A 36 2.83 4.68 12.92
C THR A 36 2.20 3.49 13.66
N LYS A 37 1.73 3.78 14.87
CA LYS A 37 1.11 2.75 15.69
C LYS A 37 -0.33 2.53 15.22
N ASP A 38 -1.07 3.63 15.12
CA ASP A 38 -2.45 3.58 14.70
C ASP A 38 -2.53 2.87 13.34
N ILE A 39 -1.55 3.16 12.50
CA ILE A 39 -1.50 2.56 11.18
C ILE A 39 -1.07 1.09 11.30
N GLU A 40 -0.42 0.79 12.42
CA GLU A 40 0.05 -0.56 12.67
C GLU A 40 -1.11 -1.45 13.10
N ASP A 41 -1.67 -1.12 14.27
CA ASP A 41 -2.78 -1.89 14.79
C ASP A 41 -3.88 -1.99 13.73
N VAL A 42 -4.01 -0.92 12.95
CA VAL A 42 -5.01 -0.89 11.90
C VAL A 42 -4.89 -2.15 11.04
N PHE A 43 -3.74 -2.29 10.40
CA PHE A 43 -3.50 -3.44 9.56
C PHE A 43 -3.33 -4.71 10.39
N TYR A 44 -2.78 -4.54 11.58
CA TYR A 44 -2.57 -5.66 12.49
C TYR A 44 -3.82 -6.52 12.60
N LYS A 45 -4.96 -5.90 12.30
CA LYS A 45 -6.23 -6.59 12.36
C LYS A 45 -6.21 -7.78 11.38
N TYR A 46 -5.26 -7.72 10.45
CA TYR A 46 -5.12 -8.78 9.47
C TYR A 46 -4.07 -9.81 9.90
N GLY A 47 -2.88 -9.30 10.18
CA GLY A 47 -1.79 -10.17 10.62
C GLY A 47 -0.81 -9.41 11.52
N ALA A 48 0.46 -9.53 11.19
CA ALA A 48 1.50 -8.86 11.96
C ALA A 48 2.28 -7.92 11.04
N ILE A 49 3.07 -7.05 11.67
CA ILE A 49 3.87 -6.10 10.94
C ILE A 49 5.35 -6.31 11.26
N ARG A 50 6.19 -5.95 10.31
CA ARG A 50 7.63 -6.10 10.48
C ARG A 50 8.27 -4.75 10.77
N ASP A 51 7.79 -3.74 10.05
CA ASP A 51 8.32 -2.39 10.21
C ASP A 51 7.44 -1.42 9.42
N ILE A 52 7.44 -0.17 9.87
CA ILE A 52 6.66 0.86 9.22
C ILE A 52 7.56 2.07 8.94
N ASP A 53 7.63 2.44 7.67
CA ASP A 53 8.45 3.57 7.27
C ASP A 53 7.53 4.75 6.92
N LEU A 54 7.57 5.77 7.76
CA LEU A 54 6.76 6.95 7.55
C LEU A 54 7.66 8.14 7.22
N LYS A 55 7.39 8.75 6.07
CA LYS A 55 8.17 9.88 5.62
C LYS A 55 7.66 11.15 6.32
N ASN A 56 6.41 11.47 6.06
CA ASN A 56 5.80 12.64 6.66
C ASN A 56 6.70 13.86 6.42
N ARG A 57 6.37 14.61 5.38
CA ARG A 57 7.13 15.79 5.03
C ARG A 57 6.57 16.43 3.76
N ARG A 58 7.05 17.63 3.49
CA ARG A 58 6.60 18.36 2.31
C ARG A 58 6.48 17.42 1.11
N GLY A 59 5.43 17.63 0.34
CA GLY A 59 5.19 16.80 -0.84
C GLY A 59 3.85 16.05 -0.71
N GLY A 60 2.80 16.83 -0.50
CA GLY A 60 1.47 16.26 -0.36
C GLY A 60 1.22 15.80 1.08
N PRO A 61 0.29 14.82 1.22
CA PRO A 61 -0.05 14.28 2.52
C PRO A 61 1.06 13.36 3.04
N PRO A 62 0.90 12.95 4.33
CA PRO A 62 1.87 12.07 4.95
C PRO A 62 1.71 10.63 4.44
N PHE A 63 2.81 10.09 3.96
CA PHE A 63 2.82 8.73 3.44
C PHE A 63 3.82 7.85 4.19
N ALA A 64 3.58 6.55 4.13
CA ALA A 64 4.44 5.60 4.80
C ALA A 64 4.32 4.24 4.12
N PHE A 65 5.32 3.40 4.35
CA PHE A 65 5.34 2.07 3.77
C PHE A 65 5.34 0.99 4.85
N VAL A 66 4.31 0.15 4.82
CA VAL A 66 4.19 -0.92 5.80
C VAL A 66 4.83 -2.19 5.23
N GLU A 67 5.57 -2.88 6.09
CA GLU A 67 6.22 -4.11 5.69
C GLU A 67 5.59 -5.31 6.40
N PHE A 68 4.89 -6.10 5.62
CA PHE A 68 4.22 -7.28 6.16
C PHE A 68 5.16 -8.49 6.14
N GLU A 69 4.86 -9.45 7.01
CA GLU A 69 5.67 -10.65 7.10
C GLU A 69 5.39 -11.56 5.90
N ASP A 70 4.13 -11.61 5.51
CA ASP A 70 3.73 -12.43 4.38
C ASP A 70 3.07 -11.55 3.32
N PRO A 71 3.18 -12.00 2.04
CA PRO A 71 2.60 -11.26 0.94
C PRO A 71 1.08 -11.43 0.90
N ARG A 72 0.65 -12.67 1.04
CA ARG A 72 -0.76 -13.00 1.02
C ARG A 72 -1.56 -11.92 1.78
N ASP A 73 -1.09 -11.62 2.98
CA ASP A 73 -1.75 -10.62 3.81
C ASP A 73 -1.47 -9.23 3.23
N ALA A 74 -0.19 -8.95 3.03
CA ALA A 74 0.24 -7.67 2.50
C ALA A 74 -0.68 -7.30 1.33
N GLU A 75 -1.17 -8.32 0.65
CA GLU A 75 -2.05 -8.11 -0.49
C GLU A 75 -3.48 -7.89 -0.01
N ASP A 76 -4.05 -8.92 0.59
CA ASP A 76 -5.41 -8.85 1.10
C ASP A 76 -5.64 -7.47 1.73
N ALA A 77 -4.61 -6.99 2.40
CA ALA A 77 -4.68 -5.69 3.05
C ALA A 77 -4.77 -4.59 2.00
N VAL A 78 -3.71 -4.50 1.20
CA VAL A 78 -3.65 -3.50 0.14
C VAL A 78 -4.91 -3.61 -0.73
N TYR A 79 -5.46 -4.82 -0.77
CA TYR A 79 -6.66 -5.07 -1.56
C TYR A 79 -7.91 -4.64 -0.80
N GLY A 80 -7.83 -4.77 0.52
CA GLY A 80 -8.96 -4.40 1.36
C GLY A 80 -8.84 -2.95 1.82
N ARG A 81 -7.89 -2.72 2.72
CA ARG A 81 -7.67 -1.38 3.25
C ARG A 81 -7.83 -0.34 2.13
N ASP A 82 -7.30 -0.67 0.97
CA ASP A 82 -7.38 0.23 -0.17
C ASP A 82 -8.77 0.87 -0.22
N GLY A 83 -8.83 2.10 0.28
CA GLY A 83 -10.09 2.82 0.30
C GLY A 83 -10.74 2.74 1.68
N TYR A 84 -9.91 2.84 2.71
CA TYR A 84 -10.40 2.78 4.08
C TYR A 84 -10.90 4.15 4.54
N ASP A 85 -11.54 4.15 5.70
CA ASP A 85 -12.07 5.37 6.26
C ASP A 85 -11.58 5.52 7.70
N TYR A 86 -10.49 6.26 7.85
CA TYR A 86 -9.91 6.49 9.16
C TYR A 86 -10.47 7.76 9.79
N ASP A 87 -11.49 7.58 10.62
CA ASP A 87 -12.12 8.71 11.29
C ASP A 87 -12.51 9.76 10.25
N GLY A 88 -12.97 9.28 9.10
CA GLY A 88 -13.38 10.16 8.02
C GLY A 88 -12.27 10.29 6.97
N TYR A 89 -11.04 10.34 7.45
CA TYR A 89 -9.89 10.46 6.57
C TYR A 89 -9.68 9.18 5.76
N ARG A 90 -10.00 9.26 4.48
CA ARG A 90 -9.85 8.12 3.59
C ARG A 90 -8.37 7.87 3.30
N LEU A 91 -8.00 6.60 3.36
CA LEU A 91 -6.62 6.21 3.10
C LEU A 91 -6.53 5.60 1.70
N ARG A 92 -5.30 5.56 1.19
CA ARG A 92 -5.05 5.01 -0.13
C ARG A 92 -3.94 3.96 -0.07
N VAL A 93 -4.35 2.71 0.00
CA VAL A 93 -3.41 1.60 0.07
C VAL A 93 -3.20 1.03 -1.33
N GLU A 94 -1.94 0.94 -1.72
CA GLU A 94 -1.59 0.42 -3.03
C GLU A 94 -0.13 -0.04 -3.06
N PHE A 95 0.26 -0.60 -4.19
CA PHE A 95 1.63 -1.08 -4.35
C PHE A 95 2.49 -0.06 -5.11
N PRO A 96 3.81 -0.06 -4.77
CA PRO A 96 4.74 0.86 -5.41
C PRO A 96 5.05 0.42 -6.84
N ARG A 97 5.48 1.37 -7.65
CA ARG A 97 5.82 1.09 -9.03
C ARG A 97 7.04 1.91 -9.45
N SER A 98 7.84 1.33 -10.34
CA SER A 98 9.04 1.99 -10.82
C SER A 98 8.98 2.10 -12.35
N GLY A 99 9.72 3.07 -12.86
CA GLY A 99 9.77 3.30 -14.30
C GLY A 99 10.87 2.46 -14.95
N ARG A 100 11.06 2.69 -16.24
CA ARG A 100 12.08 1.97 -16.99
C ARG A 100 11.88 0.46 -16.82
N GLY A 101 11.36 -0.15 -17.86
CA GLY A 101 11.11 -1.59 -17.85
C GLY A 101 10.06 -1.98 -18.88
N THR A 102 10.47 -2.83 -19.82
CA THR A 102 9.57 -3.29 -20.85
C THR A 102 9.81 -4.77 -21.16
N GLY A 103 8.80 -5.57 -20.89
CA GLY A 103 8.89 -7.00 -21.13
C GLY A 103 7.50 -7.65 -21.11
N SER A 104 7.47 -8.89 -20.66
CA SER A 104 6.22 -9.63 -20.57
C SER A 104 5.53 -9.63 -21.94
N GLY A 105 6.08 -10.41 -22.85
CA GLY A 105 5.53 -10.50 -24.20
C GLY A 105 5.16 -11.94 -24.55
N PRO A 106 3.86 -12.26 -24.36
CA PRO A 106 3.37 -13.60 -24.65
C PRO A 106 3.26 -13.83 -26.16
N SER A 107 3.97 -14.83 -26.63
CA SER A 107 3.95 -15.17 -28.04
C SER A 107 4.18 -16.67 -28.23
N SER A 108 3.07 -17.39 -28.34
CA SER A 108 3.14 -18.84 -28.52
C SER A 108 1.79 -19.37 -29.00
N GLY A 109 1.85 -20.37 -29.85
CA GLY A 109 0.65 -20.98 -30.39
C GLY A 109 0.58 -20.82 -31.91
N GLY A 1 3.09 -36.51 -25.24
CA GLY A 1 3.03 -36.32 -23.81
C GLY A 1 1.58 -36.15 -23.34
N SER A 2 1.44 -35.59 -22.15
CA SER A 2 0.13 -35.38 -21.57
C SER A 2 0.22 -34.44 -20.36
N SER A 3 -0.92 -33.88 -19.98
CA SER A 3 -0.97 -32.99 -18.85
C SER A 3 -2.42 -32.61 -18.55
N GLY A 4 -2.61 -31.94 -17.42
CA GLY A 4 -3.93 -31.52 -17.00
C GLY A 4 -3.93 -30.07 -16.55
N SER A 5 -5.03 -29.66 -15.96
CA SER A 5 -5.18 -28.29 -15.48
C SER A 5 -6.47 -28.14 -14.68
N SER A 6 -6.60 -26.98 -14.04
CA SER A 6 -7.79 -26.71 -13.24
C SER A 6 -8.59 -25.58 -13.88
N GLY A 7 -9.83 -25.45 -13.42
CA GLY A 7 -10.71 -24.42 -13.95
C GLY A 7 -10.96 -23.34 -12.90
N MET A 8 -12.24 -23.10 -12.64
CA MET A 8 -12.63 -22.09 -11.67
C MET A 8 -11.88 -20.77 -11.90
N SER A 9 -12.54 -19.88 -12.63
CA SER A 9 -11.95 -18.59 -12.94
C SER A 9 -12.84 -17.47 -12.40
N GLY A 10 -12.23 -16.32 -12.18
CA GLY A 10 -12.95 -15.17 -11.67
C GLY A 10 -12.41 -14.72 -10.31
N GLY A 11 -11.52 -13.75 -10.36
CA GLY A 11 -10.92 -13.23 -9.15
C GLY A 11 -10.05 -12.00 -9.44
N GLY A 12 -8.74 -12.17 -9.28
CA GLY A 12 -7.81 -11.10 -9.53
C GLY A 12 -7.03 -11.33 -10.83
N VAL A 13 -7.71 -11.13 -11.94
CA VAL A 13 -7.09 -11.32 -13.24
C VAL A 13 -6.87 -9.95 -13.90
N ILE A 14 -7.02 -8.91 -13.10
CA ILE A 14 -6.84 -7.55 -13.58
C ILE A 14 -5.67 -6.90 -12.84
N ARG A 15 -5.48 -5.61 -13.12
CA ARG A 15 -4.40 -4.87 -12.50
C ARG A 15 -3.06 -5.56 -12.74
N GLY A 16 -2.46 -5.23 -13.86
CA GLY A 16 -1.17 -5.80 -14.23
C GLY A 16 -1.35 -6.95 -15.23
N PRO A 17 -0.22 -7.65 -15.51
CA PRO A 17 -0.24 -8.77 -16.43
C PRO A 17 -0.88 -10.00 -15.80
N ALA A 18 -0.39 -10.34 -14.62
CA ALA A 18 -0.90 -11.49 -13.90
C ALA A 18 -1.16 -11.10 -12.44
N GLY A 19 -0.09 -10.68 -11.78
CA GLY A 19 -0.17 -10.27 -10.39
C GLY A 19 1.04 -9.43 -9.97
N ASN A 20 1.25 -9.34 -8.68
CA ASN A 20 2.36 -8.58 -8.14
C ASN A 20 2.46 -8.81 -6.63
N ASN A 21 3.37 -9.68 -6.25
CA ASN A 21 3.58 -9.99 -4.84
C ASN A 21 4.59 -9.02 -4.25
N ASP A 22 4.14 -8.27 -3.25
CA ASP A 22 5.00 -7.31 -2.59
C ASP A 22 4.61 -7.22 -1.11
N CYS A 23 5.40 -7.88 -0.29
CA CYS A 23 5.16 -7.87 1.15
C CYS A 23 5.04 -6.42 1.62
N ARG A 24 5.84 -5.57 0.99
CA ARG A 24 5.83 -4.16 1.33
C ARG A 24 4.69 -3.44 0.60
N ILE A 25 3.97 -2.62 1.35
CA ILE A 25 2.86 -1.88 0.80
C ILE A 25 3.00 -0.40 1.16
N TYR A 26 2.53 0.46 0.26
CA TYR A 26 2.61 1.89 0.48
C TYR A 26 1.22 2.47 0.78
N VAL A 27 1.17 3.25 1.86
CA VAL A 27 -0.07 3.87 2.27
C VAL A 27 -0.03 5.36 1.93
N GLY A 28 -1.03 5.79 1.17
CA GLY A 28 -1.12 7.19 0.78
C GLY A 28 -2.38 7.84 1.35
N ASN A 29 -2.49 9.14 1.13
CA ASN A 29 -3.63 9.89 1.61
C ASN A 29 -3.88 9.54 3.09
N LEU A 30 -3.11 10.19 3.95
CA LEU A 30 -3.24 9.97 5.38
C LEU A 30 -3.43 11.31 6.09
N PRO A 31 -3.96 11.22 7.35
CA PRO A 31 -4.19 12.41 8.14
C PRO A 31 -2.88 12.98 8.68
N PRO A 32 -2.95 14.27 9.11
CA PRO A 32 -1.77 14.95 9.64
C PRO A 32 -1.47 14.47 11.06
N ASP A 33 -2.51 14.01 11.73
CA ASP A 33 -2.37 13.53 13.09
C ASP A 33 -2.44 11.99 13.09
N ILE A 34 -1.67 11.40 12.21
CA ILE A 34 -1.64 9.95 12.09
C ILE A 34 -0.42 9.41 12.86
N ARG A 35 -0.53 8.15 13.26
CA ARG A 35 0.55 7.51 14.00
C ARG A 35 0.93 6.19 13.33
N THR A 36 2.21 5.85 13.44
CA THR A 36 2.71 4.62 12.85
C THR A 36 2.08 3.41 13.53
N LYS A 37 1.77 3.59 14.81
CA LYS A 37 1.16 2.51 15.58
C LYS A 37 -0.30 2.35 15.15
N ASP A 38 -1.02 3.46 15.19
CA ASP A 38 -2.43 3.44 14.82
C ASP A 38 -2.59 2.73 13.47
N ILE A 39 -1.66 3.02 12.57
CA ILE A 39 -1.68 2.42 11.25
C ILE A 39 -1.34 0.93 11.37
N GLU A 40 -0.56 0.62 12.40
CA GLU A 40 -0.15 -0.76 12.64
C GLU A 40 -1.33 -1.58 13.15
N ASP A 41 -1.99 -1.05 14.17
CA ASP A 41 -3.14 -1.72 14.76
C ASP A 41 -4.26 -1.80 13.74
N VAL A 42 -4.16 -0.95 12.73
CA VAL A 42 -5.17 -0.91 11.67
C VAL A 42 -5.02 -2.16 10.79
N PHE A 43 -3.89 -2.24 10.11
CA PHE A 43 -3.61 -3.36 9.23
C PHE A 43 -3.40 -4.64 10.04
N TYR A 44 -2.95 -4.47 11.28
CA TYR A 44 -2.71 -5.59 12.16
C TYR A 44 -3.93 -6.51 12.21
N LYS A 45 -5.08 -5.93 11.93
CA LYS A 45 -6.33 -6.68 11.93
C LYS A 45 -6.22 -7.84 10.93
N TYR A 46 -5.25 -7.72 10.05
CA TYR A 46 -5.03 -8.74 9.03
C TYR A 46 -3.90 -9.68 9.43
N GLY A 47 -2.75 -9.09 9.73
CA GLY A 47 -1.59 -9.86 10.13
C GLY A 47 -0.67 -9.04 11.03
N ALA A 48 0.62 -9.26 10.87
CA ALA A 48 1.62 -8.55 11.66
C ALA A 48 2.53 -7.74 10.72
N ILE A 49 3.00 -6.63 11.24
CA ILE A 49 3.88 -5.75 10.47
C ILE A 49 5.33 -5.98 10.89
N ARG A 50 6.22 -5.85 9.93
CA ARG A 50 7.64 -6.03 10.19
C ARG A 50 8.31 -4.69 10.49
N ASP A 51 7.80 -3.65 9.83
CA ASP A 51 8.34 -2.32 10.02
C ASP A 51 7.48 -1.31 9.26
N ILE A 52 7.42 -0.10 9.79
CA ILE A 52 6.63 0.95 9.17
C ILE A 52 7.51 2.20 9.01
N ASP A 53 7.71 2.58 7.75
CA ASP A 53 8.52 3.75 7.45
C ASP A 53 7.61 4.91 7.07
N LEU A 54 7.58 5.92 7.93
CA LEU A 54 6.75 7.09 7.70
C LEU A 54 7.66 8.30 7.43
N LYS A 55 7.42 8.91 6.28
CA LYS A 55 8.21 10.08 5.89
C LYS A 55 7.49 11.35 6.36
N ASN A 56 7.63 11.63 7.65
CA ASN A 56 7.01 12.80 8.23
C ASN A 56 7.73 14.05 7.74
N ARG A 57 7.04 15.18 7.83
CA ARG A 57 7.60 16.45 7.40
C ARG A 57 7.98 16.39 5.93
N ARG A 58 7.01 16.70 5.08
CA ARG A 58 7.24 16.69 3.64
C ARG A 58 6.02 17.25 2.91
N GLY A 59 6.27 17.75 1.71
CA GLY A 59 5.21 18.32 0.90
C GLY A 59 4.10 17.29 0.65
N GLY A 60 2.89 17.80 0.50
CA GLY A 60 1.74 16.94 0.26
C GLY A 60 1.32 16.21 1.53
N PRO A 61 0.50 15.15 1.34
CA PRO A 61 0.01 14.36 2.47
C PRO A 61 1.11 13.45 3.01
N PRO A 62 0.91 13.00 4.28
CA PRO A 62 1.87 12.12 4.92
C PRO A 62 1.78 10.70 4.36
N PHE A 63 2.94 10.19 3.95
CA PHE A 63 3.00 8.84 3.40
C PHE A 63 3.97 7.97 4.20
N ALA A 64 3.77 6.67 4.10
CA ALA A 64 4.61 5.72 4.80
C ALA A 64 4.54 4.36 4.10
N PHE A 65 5.52 3.52 4.38
CA PHE A 65 5.58 2.19 3.80
C PHE A 65 5.52 1.11 4.87
N VAL A 66 4.48 0.28 4.77
CA VAL A 66 4.30 -0.79 5.73
C VAL A 66 4.82 -2.10 5.13
N GLU A 67 5.54 -2.85 5.95
CA GLU A 67 6.10 -4.12 5.51
C GLU A 67 5.43 -5.28 6.26
N PHE A 68 4.90 -6.21 5.50
CA PHE A 68 4.24 -7.37 6.08
C PHE A 68 5.15 -8.60 6.03
N GLU A 69 4.89 -9.52 6.95
CA GLU A 69 5.68 -10.74 7.02
C GLU A 69 5.50 -11.57 5.75
N ASP A 70 4.23 -11.72 5.36
CA ASP A 70 3.91 -12.48 4.17
C ASP A 70 3.18 -11.58 3.18
N PRO A 71 3.34 -11.93 1.87
CA PRO A 71 2.71 -11.15 0.81
C PRO A 71 1.20 -11.43 0.74
N ARG A 72 0.87 -12.71 0.91
CA ARG A 72 -0.52 -13.13 0.86
C ARG A 72 -1.41 -12.09 1.56
N ASP A 73 -1.20 -11.96 2.86
CA ASP A 73 -1.97 -11.02 3.65
C ASP A 73 -1.70 -9.60 3.15
N ALA A 74 -0.43 -9.33 2.90
CA ALA A 74 -0.03 -8.02 2.40
C ALA A 74 -1.01 -7.55 1.33
N GLU A 75 -1.40 -8.51 0.49
CA GLU A 75 -2.34 -8.21 -0.58
C GLU A 75 -3.76 -8.09 -0.04
N ASP A 76 -4.17 -9.12 0.69
CA ASP A 76 -5.50 -9.15 1.27
C ASP A 76 -5.71 -7.89 2.11
N ALA A 77 -4.60 -7.33 2.56
CA ALA A 77 -4.65 -6.12 3.38
C ALA A 77 -4.67 -4.90 2.47
N VAL A 78 -3.58 -4.73 1.72
CA VAL A 78 -3.47 -3.60 0.80
C VAL A 78 -4.74 -3.50 -0.02
N TYR A 79 -5.29 -4.65 -0.36
CA TYR A 79 -6.51 -4.70 -1.15
C TYR A 79 -7.74 -4.35 -0.30
N GLY A 80 -7.69 -4.79 0.95
CA GLY A 80 -8.78 -4.52 1.87
C GLY A 80 -8.87 -3.03 2.21
N ARG A 81 -8.01 -2.61 3.12
CA ARG A 81 -7.98 -1.22 3.54
C ARG A 81 -8.20 -0.30 2.34
N ASP A 82 -7.56 -0.65 1.23
CA ASP A 82 -7.68 0.13 0.01
C ASP A 82 -9.12 0.59 -0.16
N GLY A 83 -9.36 1.82 0.25
CA GLY A 83 -10.70 2.39 0.14
C GLY A 83 -11.35 2.51 1.52
N TYR A 84 -10.51 2.75 2.52
CA TYR A 84 -10.99 2.88 3.88
C TYR A 84 -11.15 4.36 4.26
N ASP A 85 -11.94 4.58 5.31
CA ASP A 85 -12.19 5.94 5.78
C ASP A 85 -11.69 6.06 7.22
N TYR A 86 -10.65 6.88 7.38
CA TYR A 86 -10.08 7.10 8.70
C TYR A 86 -10.16 8.58 9.09
N ASP A 87 -10.85 8.82 10.20
CA ASP A 87 -11.00 10.18 10.69
C ASP A 87 -11.91 10.97 9.73
N GLY A 88 -12.61 10.23 8.90
CA GLY A 88 -13.51 10.83 7.93
C GLY A 88 -12.79 11.11 6.61
N TYR A 89 -11.51 10.78 6.59
CA TYR A 89 -10.70 10.98 5.40
C TYR A 89 -10.57 9.68 4.59
N ARG A 90 -10.49 9.84 3.28
CA ARG A 90 -10.36 8.70 2.39
C ARG A 90 -8.89 8.38 2.14
N LEU A 91 -8.45 7.26 2.69
CA LEU A 91 -7.07 6.83 2.53
C LEU A 91 -6.93 6.09 1.20
N ARG A 92 -5.68 5.96 0.77
CA ARG A 92 -5.38 5.27 -0.48
C ARG A 92 -4.24 4.27 -0.28
N VAL A 93 -4.63 3.01 -0.16
CA VAL A 93 -3.66 1.94 0.03
C VAL A 93 -3.33 1.31 -1.32
N GLU A 94 -2.03 1.22 -1.60
CA GLU A 94 -1.57 0.64 -2.86
C GLU A 94 -0.10 0.21 -2.73
N PHE A 95 0.33 -0.57 -3.70
CA PHE A 95 1.70 -1.05 -3.72
C PHE A 95 2.65 0.01 -4.29
N PRO A 96 3.90 0.00 -3.77
CA PRO A 96 4.91 0.95 -4.23
C PRO A 96 5.44 0.57 -5.61
N ARG A 97 4.96 1.26 -6.62
CA ARG A 97 5.38 1.01 -7.99
C ARG A 97 6.89 0.76 -8.04
N SER A 98 7.63 1.67 -7.41
CA SER A 98 9.07 1.56 -7.39
C SER A 98 9.49 0.19 -6.85
N GLY A 99 10.28 -0.51 -7.66
CA GLY A 99 10.75 -1.82 -7.28
C GLY A 99 11.15 -2.64 -8.51
N ARG A 100 12.39 -3.10 -8.50
CA ARG A 100 12.91 -3.89 -9.61
C ARG A 100 12.45 -5.35 -9.48
N GLY A 101 12.25 -5.97 -10.63
CA GLY A 101 11.82 -7.36 -10.66
C GLY A 101 12.28 -8.05 -11.95
N THR A 102 13.57 -8.38 -11.97
CA THR A 102 14.15 -9.04 -13.12
C THR A 102 14.77 -10.38 -12.71
N GLY A 103 14.69 -11.34 -13.62
CA GLY A 103 15.25 -12.66 -13.36
C GLY A 103 14.99 -13.60 -14.54
N SER A 104 15.58 -14.78 -14.45
CA SER A 104 15.43 -15.78 -15.50
C SER A 104 16.08 -17.09 -15.07
N GLY A 105 15.76 -18.14 -15.81
CA GLY A 105 16.31 -19.46 -15.52
C GLY A 105 16.03 -20.43 -16.66
N PRO A 106 17.06 -20.60 -17.54
CA PRO A 106 16.94 -21.49 -18.69
C PRO A 106 17.03 -22.95 -18.24
N SER A 107 16.70 -23.83 -19.17
CA SER A 107 16.75 -25.26 -18.90
C SER A 107 17.24 -26.02 -20.13
N SER A 108 17.53 -27.29 -19.92
CA SER A 108 18.02 -28.13 -21.00
C SER A 108 17.72 -29.61 -20.70
N GLY A 109 17.89 -30.43 -21.71
CA GLY A 109 17.64 -31.86 -21.58
C GLY A 109 18.61 -32.49 -20.58
N GLY A 1 -4.41 41.69 -18.79
CA GLY A 1 -4.44 40.31 -19.24
C GLY A 1 -5.60 39.56 -18.60
N SER A 2 -5.49 38.23 -18.64
CA SER A 2 -6.53 37.39 -18.07
C SER A 2 -6.09 35.92 -18.13
N SER A 3 -6.86 35.08 -17.46
CA SER A 3 -6.57 33.66 -17.43
C SER A 3 -7.74 32.89 -16.81
N GLY A 4 -7.67 31.57 -16.92
CA GLY A 4 -8.71 30.72 -16.37
C GLY A 4 -8.15 29.76 -15.33
N SER A 5 -8.59 28.52 -15.40
CA SER A 5 -8.13 27.50 -14.47
C SER A 5 -8.79 26.16 -14.80
N SER A 6 -7.95 25.18 -15.08
CA SER A 6 -8.42 23.85 -15.42
C SER A 6 -7.24 22.91 -15.67
N GLY A 7 -7.54 21.62 -15.65
CA GLY A 7 -6.51 20.61 -15.88
C GLY A 7 -6.91 19.28 -15.24
N MET A 8 -7.29 18.34 -16.08
CA MET A 8 -7.68 17.02 -15.62
C MET A 8 -7.96 16.08 -16.79
N SER A 9 -7.68 14.81 -16.57
CA SER A 9 -7.89 13.81 -17.61
C SER A 9 -8.20 12.46 -16.96
N GLY A 10 -7.25 11.99 -16.15
CA GLY A 10 -7.41 10.72 -15.47
C GLY A 10 -7.51 9.57 -16.47
N GLY A 11 -7.43 8.36 -15.95
CA GLY A 11 -7.50 7.17 -16.78
C GLY A 11 -6.12 6.52 -16.95
N GLY A 12 -6.13 5.21 -17.11
CA GLY A 12 -4.89 4.47 -17.28
C GLY A 12 -4.74 3.40 -16.20
N VAL A 13 -3.65 3.50 -15.46
CA VAL A 13 -3.38 2.54 -14.40
C VAL A 13 -3.47 1.13 -14.96
N ILE A 14 -2.37 0.67 -15.54
CA ILE A 14 -2.31 -0.66 -16.11
C ILE A 14 -1.06 -1.37 -15.64
N ARG A 15 -0.94 -2.64 -16.01
CA ARG A 15 0.21 -3.44 -15.63
C ARG A 15 0.29 -3.56 -14.10
N GLY A 16 1.14 -4.47 -13.65
CA GLY A 16 1.30 -4.70 -12.23
C GLY A 16 2.78 -4.57 -11.83
N PRO A 17 3.00 -4.29 -10.52
CA PRO A 17 4.35 -4.14 -10.00
C PRO A 17 5.03 -5.51 -9.85
N ALA A 18 5.29 -6.13 -10.99
CA ALA A 18 5.94 -7.42 -11.00
C ALA A 18 5.08 -8.41 -10.21
N GLY A 19 5.52 -9.67 -10.22
CA GLY A 19 4.81 -10.72 -9.51
C GLY A 19 5.79 -11.75 -8.94
N ASN A 20 6.23 -11.50 -7.72
CA ASN A 20 7.16 -12.40 -7.07
C ASN A 20 6.99 -12.29 -5.55
N ASN A 21 7.09 -11.06 -5.06
CA ASN A 21 6.95 -10.80 -3.63
C ASN A 21 6.45 -9.37 -3.44
N ASP A 22 5.53 -9.23 -2.49
CA ASP A 22 4.97 -7.93 -2.19
C ASP A 22 4.56 -7.88 -0.71
N CYS A 23 5.52 -7.49 0.13
CA CYS A 23 5.26 -7.41 1.55
C CYS A 23 5.19 -5.92 1.94
N ARG A 24 5.82 -5.10 1.12
CA ARG A 24 5.83 -3.67 1.36
C ARG A 24 4.67 -3.00 0.63
N ILE A 25 3.82 -2.34 1.41
CA ILE A 25 2.66 -1.66 0.85
C ILE A 25 2.72 -0.18 1.23
N TYR A 26 2.22 0.65 0.34
CA TYR A 26 2.20 2.09 0.55
C TYR A 26 0.81 2.58 0.93
N VAL A 27 0.75 3.34 2.00
CA VAL A 27 -0.53 3.87 2.47
C VAL A 27 -0.49 5.40 2.40
N GLY A 28 -1.33 5.94 1.53
CA GLY A 28 -1.39 7.38 1.35
C GLY A 28 -2.76 7.92 1.78
N ASN A 29 -2.93 9.21 1.60
CA ASN A 29 -4.19 9.87 1.96
C ASN A 29 -4.45 9.64 3.45
N LEU A 30 -3.44 9.93 4.25
CA LEU A 30 -3.56 9.77 5.69
C LEU A 30 -3.81 11.12 6.34
N PRO A 31 -4.34 11.08 7.58
CA PRO A 31 -4.64 12.30 8.32
C PRO A 31 -3.34 12.92 8.87
N PRO A 32 -3.47 14.21 9.30
CA PRO A 32 -2.33 14.93 9.84
C PRO A 32 -2.00 14.44 11.25
N ASP A 33 -3.02 13.91 11.92
CA ASP A 33 -2.85 13.41 13.27
C ASP A 33 -2.75 11.88 13.24
N ILE A 34 -2.01 11.39 12.25
CA ILE A 34 -1.83 9.96 12.09
C ILE A 34 -0.48 9.55 12.69
N ARG A 35 -0.37 8.28 13.02
CA ARG A 35 0.85 7.75 13.60
C ARG A 35 1.31 6.50 12.84
N THR A 36 2.45 5.98 13.26
CA THR A 36 3.01 4.79 12.63
C THR A 36 2.46 3.53 13.31
N LYS A 37 2.05 3.71 14.55
CA LYS A 37 1.51 2.59 15.32
C LYS A 37 0.01 2.44 15.03
N ASP A 38 -0.69 3.56 15.09
CA ASP A 38 -2.11 3.58 14.83
C ASP A 38 -2.39 2.90 13.48
N ILE A 39 -1.48 3.14 12.54
CA ILE A 39 -1.62 2.57 11.21
C ILE A 39 -1.29 1.07 11.28
N GLU A 40 -0.46 0.72 12.25
CA GLU A 40 -0.06 -0.66 12.43
C GLU A 40 -1.22 -1.49 12.96
N ASP A 41 -1.58 -1.21 14.21
CA ASP A 41 -2.68 -1.92 14.85
C ASP A 41 -3.84 -2.05 13.86
N VAL A 42 -3.99 -1.04 13.03
CA VAL A 42 -5.05 -1.02 12.03
C VAL A 42 -4.88 -2.23 11.11
N PHE A 43 -3.78 -2.22 10.37
CA PHE A 43 -3.49 -3.31 9.44
C PHE A 43 -3.25 -4.62 10.20
N TYR A 44 -2.82 -4.48 11.44
CA TYR A 44 -2.55 -5.64 12.27
C TYR A 44 -3.78 -6.53 12.39
N LYS A 45 -4.92 -5.96 12.04
CA LYS A 45 -6.18 -6.67 12.11
C LYS A 45 -6.18 -7.80 11.07
N TYR A 46 -5.27 -7.68 10.12
CA TYR A 46 -5.15 -8.66 9.07
C TYR A 46 -4.04 -9.67 9.37
N GLY A 47 -2.86 -9.14 9.66
CA GLY A 47 -1.72 -9.98 9.97
C GLY A 47 -0.75 -9.25 10.91
N ALA A 48 0.53 -9.49 10.70
CA ALA A 48 1.56 -8.88 11.51
C ALA A 48 2.46 -8.01 10.64
N ILE A 49 2.92 -6.91 11.21
CA ILE A 49 3.79 -5.99 10.50
C ILE A 49 5.24 -6.22 10.94
N ARG A 50 6.13 -6.11 9.96
CA ARG A 50 7.55 -6.30 10.23
C ARG A 50 8.22 -4.96 10.56
N ASP A 51 7.71 -3.92 9.91
CA ASP A 51 8.25 -2.58 10.11
C ASP A 51 7.42 -1.58 9.32
N ILE A 52 7.53 -0.32 9.72
CA ILE A 52 6.79 0.74 9.05
C ILE A 52 7.74 1.92 8.79
N ASP A 53 7.54 2.57 7.65
CA ASP A 53 8.36 3.71 7.29
C ASP A 53 7.46 4.94 7.10
N LEU A 54 7.46 5.79 8.12
CA LEU A 54 6.65 7.00 8.07
C LEU A 54 7.50 8.15 7.53
N LYS A 55 7.08 8.67 6.39
CA LYS A 55 7.79 9.76 5.76
C LYS A 55 7.47 11.07 6.50
N ASN A 56 6.29 11.60 6.22
CA ASN A 56 5.87 12.83 6.85
C ASN A 56 6.78 13.97 6.42
N ARG A 57 6.28 14.80 5.52
CA ARG A 57 7.05 15.93 5.02
C ARG A 57 6.29 16.62 3.89
N ARG A 58 6.77 17.81 3.54
CA ARG A 58 6.14 18.58 2.48
C ARG A 58 6.04 17.76 1.20
N GLY A 59 4.89 17.88 0.53
CA GLY A 59 4.66 17.16 -0.70
C GLY A 59 3.35 16.37 -0.64
N GLY A 60 2.30 17.07 -0.22
CA GLY A 60 0.98 16.47 -0.11
C GLY A 60 0.75 15.94 1.31
N PRO A 61 -0.16 14.94 1.40
CA PRO A 61 -0.49 14.35 2.69
C PRO A 61 0.62 13.43 3.18
N PRO A 62 0.48 12.97 4.44
CA PRO A 62 1.47 12.09 5.04
C PRO A 62 1.35 10.67 4.49
N PHE A 63 2.50 10.09 4.16
CA PHE A 63 2.53 8.74 3.63
C PHE A 63 3.56 7.89 4.36
N ALA A 64 3.30 6.59 4.38
CA ALA A 64 4.19 5.64 5.04
C ALA A 64 4.01 4.26 4.42
N PHE A 65 5.03 3.43 4.60
CA PHE A 65 5.01 2.09 4.07
C PHE A 65 4.87 1.05 5.19
N VAL A 66 4.35 -0.11 4.82
CA VAL A 66 4.17 -1.18 5.78
C VAL A 66 4.70 -2.49 5.18
N GLU A 67 5.50 -3.18 5.97
CA GLU A 67 6.08 -4.44 5.54
C GLU A 67 5.47 -5.60 6.32
N PHE A 68 4.70 -6.42 5.62
CA PHE A 68 4.05 -7.56 6.24
C PHE A 68 4.98 -8.79 6.24
N GLU A 69 4.73 -9.68 7.18
CA GLU A 69 5.54 -10.89 7.31
C GLU A 69 5.27 -11.82 6.14
N ASP A 70 4.03 -11.77 5.64
CA ASP A 70 3.65 -12.61 4.52
C ASP A 70 2.95 -11.75 3.46
N PRO A 71 3.02 -12.22 2.20
CA PRO A 71 2.41 -11.50 1.09
C PRO A 71 0.89 -11.68 1.11
N ARG A 72 0.47 -12.92 1.33
CA ARG A 72 -0.95 -13.24 1.37
C ARG A 72 -1.72 -12.13 2.09
N ASP A 73 -1.18 -11.73 3.24
CA ASP A 73 -1.80 -10.68 4.03
C ASP A 73 -1.47 -9.32 3.42
N ALA A 74 -0.18 -9.12 3.15
CA ALA A 74 0.27 -7.87 2.57
C ALA A 74 -0.64 -7.50 1.39
N GLU A 75 -1.11 -8.52 0.71
CA GLU A 75 -1.99 -8.31 -0.43
C GLU A 75 -3.41 -8.02 0.04
N ASP A 76 -4.02 -9.02 0.66
CA ASP A 76 -5.38 -8.89 1.16
C ASP A 76 -5.55 -7.49 1.78
N ALA A 77 -4.49 -7.03 2.42
CA ALA A 77 -4.51 -5.72 3.04
C ALA A 77 -4.62 -4.64 1.98
N VAL A 78 -3.58 -4.54 1.17
CA VAL A 78 -3.55 -3.56 0.09
C VAL A 78 -4.82 -3.69 -0.75
N TYR A 79 -5.33 -4.91 -0.81
CA TYR A 79 -6.53 -5.19 -1.57
C TYR A 79 -7.78 -4.77 -0.80
N GLY A 80 -7.64 -4.75 0.52
CA GLY A 80 -8.75 -4.37 1.38
C GLY A 80 -8.70 -2.87 1.71
N ARG A 81 -7.79 -2.53 2.60
CA ARG A 81 -7.63 -1.14 3.01
C ARG A 81 -7.82 -0.21 1.82
N ASP A 82 -7.32 -0.64 0.68
CA ASP A 82 -7.43 0.14 -0.55
C ASP A 82 -8.86 0.64 -0.69
N GLY A 83 -9.07 1.87 -0.24
CA GLY A 83 -10.40 2.47 -0.31
C GLY A 83 -11.09 2.45 1.06
N TYR A 84 -10.27 2.58 2.09
CA TYR A 84 -10.79 2.57 3.45
C TYR A 84 -10.99 4.00 3.97
N ASP A 85 -11.77 4.11 5.03
CA ASP A 85 -12.05 5.41 5.62
C ASP A 85 -11.75 5.34 7.12
N TYR A 86 -10.71 6.07 7.52
CA TYR A 86 -10.32 6.10 8.92
C TYR A 86 -10.40 7.53 9.47
N ASP A 87 -10.97 7.64 10.65
CA ASP A 87 -11.12 8.93 11.30
C ASP A 87 -11.98 9.84 10.42
N GLY A 88 -12.68 9.22 9.48
CA GLY A 88 -13.54 9.96 8.58
C GLY A 88 -12.80 10.31 7.28
N TYR A 89 -11.49 10.18 7.34
CA TYR A 89 -10.65 10.49 6.19
C TYR A 89 -10.43 9.24 5.33
N ARG A 90 -10.44 9.44 4.03
CA ARG A 90 -10.24 8.34 3.09
C ARG A 90 -8.75 8.07 2.92
N LEU A 91 -8.41 6.79 2.86
CA LEU A 91 -7.03 6.38 2.69
C LEU A 91 -6.85 5.76 1.30
N ARG A 92 -5.60 5.74 0.86
CA ARG A 92 -5.29 5.18 -0.44
C ARG A 92 -4.14 4.17 -0.32
N VAL A 93 -4.51 2.90 -0.28
CA VAL A 93 -3.52 1.83 -0.17
C VAL A 93 -3.23 1.27 -1.56
N GLU A 94 -1.95 1.18 -1.86
CA GLU A 94 -1.53 0.66 -3.15
C GLU A 94 -0.07 0.20 -3.09
N PHE A 95 0.28 -0.71 -3.98
CA PHE A 95 1.63 -1.25 -4.03
C PHE A 95 2.59 -0.24 -4.67
N PRO A 96 3.87 -0.31 -4.23
CA PRO A 96 4.90 0.59 -4.75
C PRO A 96 5.31 0.18 -6.16
N ARG A 97 6.03 1.09 -6.82
CA ARG A 97 6.51 0.83 -8.17
C ARG A 97 7.87 1.48 -8.38
N SER A 98 8.65 0.88 -9.28
CA SER A 98 9.97 1.38 -9.58
C SER A 98 10.30 1.13 -11.06
N GLY A 99 10.31 -0.14 -11.42
CA GLY A 99 10.60 -0.52 -12.80
C GLY A 99 11.02 -1.99 -12.89
N ARG A 100 11.59 -2.35 -14.03
CA ARG A 100 12.04 -3.71 -14.25
C ARG A 100 10.85 -4.67 -14.14
N GLY A 101 10.54 -5.31 -15.27
CA GLY A 101 9.45 -6.26 -15.31
C GLY A 101 9.58 -7.19 -16.52
N THR A 102 9.99 -8.42 -16.23
CA THR A 102 10.17 -9.41 -17.28
C THR A 102 10.26 -10.82 -16.67
N GLY A 103 9.58 -11.75 -17.31
CA GLY A 103 9.57 -13.13 -16.85
C GLY A 103 9.24 -14.09 -17.99
N SER A 104 10.27 -14.44 -18.76
CA SER A 104 10.10 -15.34 -19.88
C SER A 104 11.34 -16.24 -20.01
N GLY A 105 11.14 -17.38 -20.66
CA GLY A 105 12.21 -18.32 -20.86
C GLY A 105 11.67 -19.73 -21.10
N PRO A 106 11.30 -20.01 -22.38
CA PRO A 106 10.77 -21.30 -22.75
C PRO A 106 11.88 -22.36 -22.81
N SER A 107 11.45 -23.61 -22.87
CA SER A 107 12.40 -24.72 -22.93
C SER A 107 11.75 -25.92 -23.59
N SER A 108 12.59 -26.88 -23.97
CA SER A 108 12.11 -28.09 -24.63
C SER A 108 13.16 -29.18 -24.53
N GLY A 109 12.71 -30.41 -24.74
CA GLY A 109 13.60 -31.56 -24.68
C GLY A 109 13.52 -32.39 -25.96
N GLY A 1 -1.52 -18.65 -38.72
CA GLY A 1 -2.38 -18.75 -37.57
C GLY A 1 -2.27 -20.12 -36.91
N SER A 2 -2.69 -20.19 -35.67
CA SER A 2 -2.65 -21.44 -34.92
C SER A 2 -3.34 -21.27 -33.56
N SER A 3 -4.14 -22.27 -33.21
CA SER A 3 -4.85 -22.25 -31.95
C SER A 3 -5.39 -23.64 -31.63
N GLY A 4 -5.89 -23.78 -30.40
CA GLY A 4 -6.43 -25.05 -29.96
C GLY A 4 -6.53 -25.10 -28.43
N SER A 5 -6.15 -26.24 -27.89
CA SER A 5 -6.18 -26.43 -26.44
C SER A 5 -7.60 -26.19 -25.92
N SER A 6 -7.84 -26.65 -24.71
CA SER A 6 -9.13 -26.49 -24.08
C SER A 6 -9.11 -27.03 -22.65
N GLY A 7 -10.07 -26.58 -21.86
CA GLY A 7 -10.16 -27.01 -20.47
C GLY A 7 -10.62 -25.85 -19.58
N MET A 8 -10.87 -26.19 -18.31
CA MET A 8 -11.30 -25.20 -17.35
C MET A 8 -10.14 -24.73 -16.48
N SER A 9 -9.58 -23.59 -16.85
CA SER A 9 -8.46 -23.02 -16.11
C SER A 9 -8.40 -21.51 -16.34
N GLY A 10 -8.21 -20.79 -15.24
CA GLY A 10 -8.12 -19.34 -15.30
C GLY A 10 -6.86 -18.83 -14.60
N GLY A 11 -6.54 -17.58 -14.88
CA GLY A 11 -5.36 -16.97 -14.29
C GLY A 11 -5.35 -15.45 -14.51
N GLY A 12 -4.47 -15.02 -15.41
CA GLY A 12 -4.36 -13.60 -15.71
C GLY A 12 -3.41 -12.90 -14.74
N VAL A 13 -2.17 -13.36 -14.75
CA VAL A 13 -1.16 -12.78 -13.88
C VAL A 13 -0.51 -11.58 -14.58
N ILE A 14 -0.50 -10.46 -13.87
CA ILE A 14 0.08 -9.25 -14.42
C ILE A 14 1.60 -9.36 -14.40
N ARG A 15 2.22 -8.83 -15.44
CA ARG A 15 3.67 -8.87 -15.55
C ARG A 15 4.31 -8.53 -14.21
N GLY A 16 3.76 -7.51 -13.56
CA GLY A 16 4.28 -7.08 -12.27
C GLY A 16 5.75 -6.69 -12.38
N PRO A 17 6.33 -6.32 -11.20
CA PRO A 17 7.72 -5.92 -11.14
C PRO A 17 8.65 -7.13 -11.26
N ALA A 18 8.29 -8.19 -10.55
CA ALA A 18 9.07 -9.41 -10.58
C ALA A 18 10.47 -9.12 -10.00
N GLY A 19 10.56 -9.24 -8.68
CA GLY A 19 11.82 -9.00 -8.00
C GLY A 19 12.18 -10.17 -7.09
N ASN A 20 11.83 -10.03 -5.82
CA ASN A 20 12.11 -11.06 -4.84
C ASN A 20 11.31 -10.79 -3.57
N ASN A 21 10.17 -11.46 -3.47
CA ASN A 21 9.31 -11.30 -2.31
C ASN A 21 8.83 -9.85 -2.23
N ASP A 22 7.52 -9.69 -2.31
CA ASP A 22 6.92 -8.37 -2.25
C ASP A 22 5.88 -8.33 -1.12
N CYS A 23 6.31 -7.82 0.02
CA CYS A 23 5.43 -7.72 1.17
C CYS A 23 5.44 -6.28 1.66
N ARG A 24 5.68 -5.37 0.72
CA ARG A 24 5.72 -3.95 1.05
C ARG A 24 4.53 -3.24 0.41
N ILE A 25 3.81 -2.50 1.26
CA ILE A 25 2.64 -1.76 0.80
C ILE A 25 2.82 -0.29 1.13
N TYR A 26 2.19 0.56 0.32
CA TYR A 26 2.27 1.99 0.52
C TYR A 26 0.90 2.57 0.90
N VAL A 27 0.91 3.38 1.94
CA VAL A 27 -0.32 4.00 2.42
C VAL A 27 -0.25 5.52 2.19
N GLY A 28 -1.33 6.06 1.69
CA GLY A 28 -1.41 7.49 1.42
C GLY A 28 -2.75 8.06 1.88
N ASN A 29 -2.90 9.36 1.64
CA ASN A 29 -4.13 10.04 2.02
C ASN A 29 -4.35 9.88 3.53
N LEU A 30 -3.25 9.84 4.26
CA LEU A 30 -3.31 9.69 5.70
C LEU A 30 -3.51 11.06 6.34
N PRO A 31 -4.00 11.04 7.61
CA PRO A 31 -4.25 12.27 8.35
C PRO A 31 -2.93 12.88 8.83
N PRO A 32 -3.01 14.18 9.21
CA PRO A 32 -1.84 14.90 9.69
C PRO A 32 -1.50 14.46 11.12
N ASP A 33 -2.52 14.00 11.83
CA ASP A 33 -2.33 13.57 13.20
C ASP A 33 -2.36 12.03 13.25
N ILE A 34 -1.72 11.43 12.27
CA ILE A 34 -1.66 9.98 12.18
C ILE A 34 -0.45 9.48 12.95
N ARG A 35 -0.54 8.22 13.38
CA ARG A 35 0.55 7.61 14.12
C ARG A 35 0.89 6.24 13.54
N THR A 36 2.19 5.94 13.54
CA THR A 36 2.66 4.68 13.02
C THR A 36 1.95 3.51 13.71
N LYS A 37 1.82 3.64 15.02
CA LYS A 37 1.17 2.60 15.81
C LYS A 37 -0.29 2.46 15.35
N ASP A 38 -1.01 3.56 15.43
CA ASP A 38 -2.41 3.56 15.02
C ASP A 38 -2.54 2.91 13.64
N ILE A 39 -1.60 3.25 12.77
CA ILE A 39 -1.59 2.70 11.42
C ILE A 39 -1.23 1.22 11.48
N GLU A 40 -0.46 0.87 12.50
CA GLU A 40 -0.03 -0.51 12.68
C GLU A 40 -1.22 -1.38 13.12
N ASP A 41 -1.74 -1.05 14.29
CA ASP A 41 -2.88 -1.79 14.83
C ASP A 41 -3.97 -1.91 13.77
N VAL A 42 -4.02 -0.89 12.91
CA VAL A 42 -5.00 -0.86 11.84
C VAL A 42 -4.85 -2.10 10.97
N PHE A 43 -3.71 -2.16 10.29
CA PHE A 43 -3.42 -3.30 9.42
C PHE A 43 -3.31 -4.60 10.23
N TYR A 44 -3.01 -4.43 11.50
CA TYR A 44 -2.85 -5.58 12.39
C TYR A 44 -4.16 -6.39 12.46
N LYS A 45 -5.22 -5.77 11.97
CA LYS A 45 -6.52 -6.41 11.97
C LYS A 45 -6.47 -7.65 11.07
N TYR A 46 -5.42 -7.72 10.27
CA TYR A 46 -5.25 -8.84 9.36
C TYR A 46 -4.21 -9.83 9.89
N GLY A 47 -3.00 -9.31 10.08
CA GLY A 47 -1.91 -10.13 10.58
C GLY A 47 -0.94 -9.30 11.43
N ALA A 48 0.34 -9.42 11.10
CA ALA A 48 1.37 -8.69 11.83
C ALA A 48 2.16 -7.84 10.84
N ILE A 49 2.88 -6.87 11.38
CA ILE A 49 3.69 -5.98 10.56
C ILE A 49 5.17 -6.17 10.92
N ARG A 50 6.01 -6.01 9.91
CA ARG A 50 7.44 -6.16 10.10
C ARG A 50 8.08 -4.81 10.43
N ASP A 51 7.50 -3.76 9.86
CA ASP A 51 8.00 -2.42 10.08
C ASP A 51 7.13 -1.42 9.32
N ILE A 52 7.19 -0.16 9.75
CA ILE A 52 6.42 0.88 9.12
C ILE A 52 7.31 2.12 8.89
N ASP A 53 7.57 2.40 7.63
CA ASP A 53 8.40 3.54 7.28
C ASP A 53 7.51 4.71 6.86
N LEU A 54 7.49 5.73 7.70
CA LEU A 54 6.69 6.91 7.42
C LEU A 54 7.61 8.08 7.09
N LYS A 55 7.39 8.66 5.91
CA LYS A 55 8.19 9.79 5.47
C LYS A 55 7.71 11.05 6.18
N ASN A 56 6.47 11.42 5.89
CA ASN A 56 5.88 12.60 6.48
C ASN A 56 6.91 13.73 6.49
N ARG A 57 6.95 14.47 5.39
CA ARG A 57 7.88 15.58 5.25
C ARG A 57 7.65 16.30 3.93
N ARG A 58 6.60 17.11 3.91
CA ARG A 58 6.26 17.88 2.72
C ARG A 58 6.05 16.93 1.54
N GLY A 59 5.40 17.46 0.51
CA GLY A 59 5.13 16.68 -0.69
C GLY A 59 3.80 15.93 -0.56
N GLY A 60 2.73 16.70 -0.47
CA GLY A 60 1.40 16.13 -0.34
C GLY A 60 1.14 15.67 1.09
N PRO A 61 0.21 14.68 1.21
CA PRO A 61 -0.14 14.14 2.52
C PRO A 61 0.96 13.22 3.04
N PRO A 62 0.79 12.79 4.33
CA PRO A 62 1.75 11.91 4.95
C PRO A 62 1.62 10.48 4.42
N PHE A 63 2.74 9.96 3.94
CA PHE A 63 2.76 8.60 3.41
C PHE A 63 3.80 7.74 4.14
N ALA A 64 3.55 6.44 4.11
CA ALA A 64 4.45 5.50 4.76
C ALA A 64 4.39 4.15 4.03
N PHE A 65 5.38 3.32 4.31
CA PHE A 65 5.45 2.00 3.69
C PHE A 65 5.40 0.91 4.74
N VAL A 66 4.30 0.16 4.73
CA VAL A 66 4.13 -0.93 5.68
C VAL A 66 4.67 -2.22 5.07
N GLU A 67 5.36 -2.98 5.90
CA GLU A 67 5.93 -4.25 5.45
C GLU A 67 5.33 -5.41 6.25
N PHE A 68 4.67 -6.30 5.52
CA PHE A 68 4.05 -7.45 6.14
C PHE A 68 4.99 -8.66 6.14
N GLU A 69 4.75 -9.57 7.06
CA GLU A 69 5.56 -10.77 7.16
C GLU A 69 5.34 -11.67 5.94
N ASP A 70 4.07 -11.88 5.62
CA ASP A 70 3.71 -12.70 4.48
C ASP A 70 3.09 -11.83 3.39
N PRO A 71 3.18 -12.33 2.13
CA PRO A 71 2.63 -11.61 1.00
C PRO A 71 1.11 -11.72 0.96
N ARG A 72 0.64 -12.95 1.09
CA ARG A 72 -0.80 -13.21 1.08
C ARG A 72 -1.54 -12.10 1.82
N ASP A 73 -1.16 -11.89 3.07
CA ASP A 73 -1.77 -10.87 3.89
C ASP A 73 -1.46 -9.49 3.31
N ALA A 74 -0.19 -9.28 3.02
CA ALA A 74 0.26 -8.01 2.46
C ALA A 74 -0.70 -7.60 1.33
N GLU A 75 -1.17 -8.62 0.61
CA GLU A 75 -2.09 -8.37 -0.49
C GLU A 75 -3.51 -8.15 0.04
N ASP A 76 -4.02 -9.16 0.72
CA ASP A 76 -5.35 -9.08 1.28
C ASP A 76 -5.54 -7.74 1.98
N ALA A 77 -4.43 -7.17 2.42
CA ALA A 77 -4.44 -5.89 3.10
C ALA A 77 -4.56 -4.77 2.06
N VAL A 78 -3.50 -4.61 1.29
CA VAL A 78 -3.46 -3.58 0.26
C VAL A 78 -4.77 -3.63 -0.53
N TYR A 79 -5.31 -4.83 -0.67
CA TYR A 79 -6.55 -5.02 -1.40
C TYR A 79 -7.73 -4.39 -0.65
N GLY A 80 -7.85 -4.77 0.62
CA GLY A 80 -8.92 -4.25 1.45
C GLY A 80 -8.64 -2.80 1.88
N ARG A 81 -7.62 -2.66 2.72
CA ARG A 81 -7.24 -1.35 3.21
C ARG A 81 -7.41 -0.30 2.12
N ASP A 82 -7.05 -0.70 0.90
CA ASP A 82 -7.15 0.20 -0.24
C ASP A 82 -8.59 0.72 -0.34
N GLY A 83 -8.82 1.85 0.31
CA GLY A 83 -10.13 2.47 0.30
C GLY A 83 -10.80 2.34 1.67
N TYR A 84 -9.99 2.47 2.71
CA TYR A 84 -10.49 2.38 4.07
C TYR A 84 -10.87 3.75 4.61
N ASP A 85 -11.56 3.73 5.74
CA ASP A 85 -11.98 4.97 6.37
C ASP A 85 -11.46 5.01 7.82
N TYR A 86 -10.54 5.93 8.05
CA TYR A 86 -9.95 6.08 9.38
C TYR A 86 -10.50 7.33 10.07
N ASP A 87 -11.50 7.12 10.90
CA ASP A 87 -12.12 8.21 11.63
C ASP A 87 -12.64 9.26 10.63
N GLY A 88 -13.00 8.77 9.46
CA GLY A 88 -13.52 9.64 8.42
C GLY A 88 -12.46 9.89 7.33
N TYR A 89 -11.22 9.92 7.77
CA TYR A 89 -10.10 10.14 6.85
C TYR A 89 -9.90 8.93 5.94
N ARG A 90 -10.23 9.13 4.67
CA ARG A 90 -10.08 8.06 3.69
C ARG A 90 -8.61 7.85 3.36
N LEU A 91 -8.19 6.60 3.48
CA LEU A 91 -6.80 6.25 3.18
C LEU A 91 -6.71 5.68 1.77
N ARG A 92 -5.49 5.69 1.24
CA ARG A 92 -5.25 5.18 -0.09
C ARG A 92 -4.06 4.23 -0.10
N VAL A 93 -4.37 2.94 -0.06
CA VAL A 93 -3.33 1.92 -0.05
C VAL A 93 -3.13 1.40 -1.48
N GLU A 94 -1.86 1.24 -1.85
CA GLU A 94 -1.53 0.75 -3.17
C GLU A 94 -0.11 0.20 -3.18
N PHE A 95 0.13 -0.71 -4.11
CA PHE A 95 1.45 -1.32 -4.24
C PHE A 95 2.43 -0.38 -4.93
N PRO A 96 3.74 -0.52 -4.56
CA PRO A 96 4.78 0.31 -5.14
C PRO A 96 5.09 -0.12 -6.57
N ARG A 97 4.97 0.84 -7.48
CA ARG A 97 5.23 0.59 -8.88
C ARG A 97 6.44 1.41 -9.35
N SER A 98 7.49 0.70 -9.74
CA SER A 98 8.70 1.36 -10.22
C SER A 98 8.72 1.36 -11.75
N GLY A 99 8.64 0.17 -12.32
CA GLY A 99 8.65 0.03 -13.76
C GLY A 99 9.93 -0.68 -14.24
N ARG A 100 10.49 -0.14 -15.30
CA ARG A 100 11.71 -0.70 -15.86
C ARG A 100 11.50 -2.16 -16.23
N GLY A 101 10.99 -2.38 -17.44
CA GLY A 101 10.74 -3.72 -17.92
C GLY A 101 11.47 -3.98 -19.24
N THR A 102 12.61 -4.64 -19.12
CA THR A 102 13.42 -4.95 -20.29
C THR A 102 12.71 -5.98 -21.18
N GLY A 103 12.33 -5.54 -22.37
CA GLY A 103 11.64 -6.40 -23.30
C GLY A 103 12.44 -6.56 -24.59
N SER A 104 13.38 -7.50 -24.56
CA SER A 104 14.23 -7.75 -25.71
C SER A 104 14.94 -9.09 -25.54
N GLY A 105 14.67 -10.00 -26.46
CA GLY A 105 15.27 -11.32 -26.43
C GLY A 105 16.13 -11.56 -27.68
N PRO A 106 17.10 -12.50 -27.53
CA PRO A 106 18.00 -12.84 -28.62
C PRO A 106 17.28 -13.68 -29.68
N SER A 107 17.36 -13.23 -30.92
CA SER A 107 16.73 -13.93 -32.03
C SER A 107 17.77 -14.23 -33.11
N SER A 108 17.47 -15.27 -33.88
CA SER A 108 18.37 -15.67 -34.96
C SER A 108 19.67 -16.21 -34.37
N GLY A 109 20.34 -17.04 -35.17
CA GLY A 109 21.60 -17.62 -34.75
C GLY A 109 22.22 -18.44 -35.87
N GLY A 1 -12.30 18.91 15.82
CA GLY A 1 -11.68 20.11 16.35
C GLY A 1 -12.01 21.32 15.47
N SER A 2 -10.96 22.03 15.08
CA SER A 2 -11.12 23.20 14.24
C SER A 2 -9.84 23.47 13.44
N SER A 3 -9.67 22.71 12.36
CA SER A 3 -8.50 22.85 11.53
C SER A 3 -8.85 22.50 10.08
N GLY A 4 -9.07 23.55 9.29
CA GLY A 4 -9.41 23.36 7.89
C GLY A 4 -8.16 23.36 7.01
N SER A 5 -7.66 22.17 6.77
CA SER A 5 -6.46 22.01 5.96
C SER A 5 -6.72 20.99 4.85
N SER A 6 -6.16 21.27 3.68
CA SER A 6 -6.32 20.39 2.54
C SER A 6 -5.10 20.50 1.61
N GLY A 7 -4.82 19.41 0.92
CA GLY A 7 -3.70 19.37 0.01
C GLY A 7 -3.68 18.07 -0.79
N MET A 8 -3.51 18.22 -2.10
CA MET A 8 -3.49 17.07 -2.99
C MET A 8 -2.07 16.81 -3.49
N SER A 9 -1.88 15.62 -4.07
CA SER A 9 -0.58 15.24 -4.60
C SER A 9 -0.67 13.86 -5.23
N GLY A 10 0.40 13.49 -5.93
CA GLY A 10 0.45 12.21 -6.59
C GLY A 10 1.58 11.34 -6.02
N GLY A 11 2.70 11.33 -6.74
CA GLY A 11 3.85 10.55 -6.30
C GLY A 11 4.85 10.39 -7.44
N GLY A 12 5.40 9.19 -7.55
CA GLY A 12 6.38 8.89 -8.58
C GLY A 12 7.79 8.82 -8.01
N VAL A 13 8.59 7.94 -8.58
CA VAL A 13 9.97 7.78 -8.13
C VAL A 13 10.85 7.44 -9.34
N ILE A 14 11.90 8.23 -9.50
CA ILE A 14 12.84 8.04 -10.59
C ILE A 14 13.22 6.56 -10.67
N ARG A 15 13.48 5.98 -9.50
CA ARG A 15 13.86 4.59 -9.42
C ARG A 15 13.30 3.96 -8.14
N GLY A 16 12.84 2.72 -8.28
CA GLY A 16 12.27 2.00 -7.15
C GLY A 16 13.27 0.97 -6.61
N PRO A 17 13.08 0.62 -5.31
CA PRO A 17 13.95 -0.35 -4.67
C PRO A 17 13.62 -1.77 -5.13
N ALA A 18 14.61 -2.39 -5.78
CA ALA A 18 14.45 -3.74 -6.28
C ALA A 18 15.23 -4.70 -5.39
N GLY A 19 14.68 -4.95 -4.20
CA GLY A 19 15.32 -5.84 -3.25
C GLY A 19 14.88 -7.29 -3.49
N ASN A 20 14.87 -8.07 -2.41
CA ASN A 20 14.48 -9.46 -2.48
C ASN A 20 13.10 -9.64 -1.85
N ASN A 21 12.18 -10.16 -2.65
CA ASN A 21 10.82 -10.37 -2.19
C ASN A 21 10.20 -9.04 -1.80
N ASP A 22 9.01 -8.80 -2.34
CA ASP A 22 8.30 -7.55 -2.05
C ASP A 22 7.02 -7.87 -1.27
N CYS A 23 6.90 -7.23 -0.12
CA CYS A 23 5.73 -7.43 0.73
C CYS A 23 5.47 -6.14 1.51
N ARG A 24 5.82 -5.03 0.87
CA ARG A 24 5.62 -3.73 1.48
C ARG A 24 4.60 -2.92 0.69
N ILE A 25 3.62 -2.38 1.41
CA ILE A 25 2.58 -1.58 0.79
C ILE A 25 2.78 -0.11 1.17
N TYR A 26 2.29 0.76 0.31
CA TYR A 26 2.39 2.19 0.54
C TYR A 26 1.03 2.81 0.86
N VAL A 27 0.99 3.51 1.98
CA VAL A 27 -0.25 4.15 2.40
C VAL A 27 -0.17 5.65 2.10
N GLY A 28 -1.26 6.16 1.55
CA GLY A 28 -1.33 7.58 1.21
C GLY A 28 -2.60 8.21 1.76
N ASN A 29 -2.71 9.52 1.55
CA ASN A 29 -3.88 10.25 2.02
C ASN A 29 -4.07 9.99 3.52
N LEU A 30 -3.01 10.25 4.27
CA LEU A 30 -3.05 10.05 5.70
C LEU A 30 -3.28 11.39 6.40
N PRO A 31 -3.77 11.32 7.67
CA PRO A 31 -4.02 12.52 8.45
C PRO A 31 -2.71 13.13 8.95
N PRO A 32 -2.82 14.40 9.42
CA PRO A 32 -1.66 15.12 9.93
C PRO A 32 -1.27 14.60 11.32
N ASP A 33 -2.25 14.05 12.01
CA ASP A 33 -2.03 13.52 13.34
C ASP A 33 -2.13 11.99 13.30
N ILE A 34 -1.39 11.40 12.38
CA ILE A 34 -1.39 9.96 12.22
C ILE A 34 -0.19 9.37 12.96
N ARG A 35 -0.32 8.10 13.32
CA ARG A 35 0.74 7.41 14.04
C ARG A 35 1.04 6.07 13.37
N THR A 36 2.33 5.73 13.36
CA THR A 36 2.77 4.48 12.76
C THR A 36 2.06 3.29 13.43
N LYS A 37 1.58 3.53 14.64
CA LYS A 37 0.89 2.49 15.39
C LYS A 37 -0.57 2.42 14.91
N ASP A 38 -1.28 3.52 15.10
CA ASP A 38 -2.67 3.60 14.70
C ASP A 38 -2.83 2.98 13.33
N ILE A 39 -1.82 3.19 12.49
CA ILE A 39 -1.84 2.65 11.13
C ILE A 39 -1.54 1.15 11.18
N GLU A 40 -0.59 0.80 12.03
CA GLU A 40 -0.20 -0.59 12.17
C GLU A 40 -1.39 -1.44 12.63
N ASP A 41 -1.94 -1.06 13.78
CA ASP A 41 -3.08 -1.77 14.33
C ASP A 41 -4.08 -2.06 13.21
N VAL A 42 -4.43 -1.02 12.48
CA VAL A 42 -5.37 -1.15 11.39
C VAL A 42 -5.05 -2.42 10.59
N PHE A 43 -3.86 -2.41 9.99
CA PHE A 43 -3.42 -3.54 9.19
C PHE A 43 -3.22 -4.78 10.07
N TYR A 44 -2.88 -4.53 11.33
CA TYR A 44 -2.66 -5.61 12.27
C TYR A 44 -3.90 -6.49 12.39
N LYS A 45 -5.01 -5.97 11.91
CA LYS A 45 -6.27 -6.70 11.95
C LYS A 45 -6.17 -7.93 11.05
N TYR A 46 -5.12 -7.95 10.24
CA TYR A 46 -4.90 -9.06 9.33
C TYR A 46 -3.86 -10.03 9.89
N GLY A 47 -2.68 -9.50 10.15
CA GLY A 47 -1.59 -10.31 10.68
C GLY A 47 -0.65 -9.46 11.53
N ALA A 48 0.63 -9.54 11.18
CA ALA A 48 1.65 -8.78 11.90
C ALA A 48 2.43 -7.92 10.91
N ILE A 49 3.10 -6.91 11.45
CA ILE A 49 3.89 -6.01 10.63
C ILE A 49 5.37 -6.24 10.91
N ARG A 50 6.16 -6.21 9.85
CA ARG A 50 7.60 -6.41 9.97
C ARG A 50 8.29 -5.07 10.28
N ASP A 51 7.73 -4.01 9.73
CA ASP A 51 8.28 -2.68 9.95
C ASP A 51 7.43 -1.66 9.19
N ILE A 52 7.48 -0.42 9.66
CA ILE A 52 6.73 0.65 9.04
C ILE A 52 7.66 1.84 8.80
N ASP A 53 7.78 2.21 7.53
CA ASP A 53 8.62 3.33 7.16
C ASP A 53 7.75 4.54 6.84
N LEU A 54 7.81 5.52 7.74
CA LEU A 54 7.03 6.74 7.57
C LEU A 54 7.97 7.91 7.26
N LYS A 55 7.71 8.56 6.14
CA LYS A 55 8.51 9.69 5.72
C LYS A 55 8.09 10.93 6.50
N ASN A 56 6.86 11.35 6.27
CA ASN A 56 6.32 12.52 6.94
C ASN A 56 7.22 13.73 6.64
N ARG A 57 6.74 14.57 5.73
CA ARG A 57 7.48 15.75 5.35
C ARG A 57 6.78 16.47 4.20
N ARG A 58 7.03 17.77 4.11
CA ARG A 58 6.42 18.58 3.07
C ARG A 58 6.38 17.80 1.75
N GLY A 59 5.43 18.19 0.90
CA GLY A 59 5.27 17.54 -0.38
C GLY A 59 4.02 16.66 -0.41
N GLY A 60 2.93 17.23 0.05
CA GLY A 60 1.66 16.51 0.09
C GLY A 60 1.41 15.93 1.48
N PRO A 61 0.50 14.92 1.52
CA PRO A 61 0.16 14.27 2.78
C PRO A 61 1.27 13.33 3.24
N PRO A 62 1.15 12.87 4.51
CA PRO A 62 2.15 11.98 5.07
C PRO A 62 1.99 10.56 4.51
N PHE A 63 3.10 10.03 4.02
CA PHE A 63 3.10 8.70 3.45
C PHE A 63 4.10 7.79 4.17
N ALA A 64 3.80 6.50 4.16
CA ALA A 64 4.66 5.52 4.81
C ALA A 64 4.51 4.18 4.10
N PHE A 65 5.42 3.27 4.44
CA PHE A 65 5.40 1.94 3.85
C PHE A 65 5.30 0.86 4.92
N VAL A 66 4.23 0.10 4.86
CA VAL A 66 3.99 -0.97 5.82
C VAL A 66 4.44 -2.30 5.20
N GLU A 67 5.29 -3.00 5.95
CA GLU A 67 5.79 -4.29 5.48
C GLU A 67 5.17 -5.42 6.31
N PHE A 68 4.90 -6.53 5.62
CA PHE A 68 4.31 -7.68 6.28
C PHE A 68 5.26 -8.87 6.24
N GLU A 69 4.98 -9.85 7.10
CA GLU A 69 5.79 -11.04 7.17
C GLU A 69 5.55 -11.93 5.96
N ASP A 70 4.36 -11.79 5.39
CA ASP A 70 3.98 -12.57 4.23
C ASP A 70 3.27 -11.67 3.22
N PRO A 71 3.27 -12.12 1.93
CA PRO A 71 2.63 -11.37 0.86
C PRO A 71 1.11 -11.50 0.95
N ARG A 72 0.66 -12.73 1.15
CA ARG A 72 -0.77 -13.00 1.25
C ARG A 72 -1.45 -11.96 2.13
N ASP A 73 -0.72 -11.53 3.15
CA ASP A 73 -1.24 -10.53 4.08
C ASP A 73 -0.97 -9.14 3.52
N ALA A 74 0.22 -8.97 2.97
CA ALA A 74 0.61 -7.69 2.41
C ALA A 74 -0.45 -7.25 1.37
N GLU A 75 -0.99 -8.24 0.68
CA GLU A 75 -1.99 -7.99 -0.33
C GLU A 75 -3.38 -7.92 0.30
N ASP A 76 -3.72 -9.00 1.00
CA ASP A 76 -5.02 -9.08 1.67
C ASP A 76 -5.35 -7.71 2.29
N ALA A 77 -4.31 -7.05 2.76
CA ALA A 77 -4.47 -5.75 3.38
C ALA A 77 -4.86 -4.72 2.32
N VAL A 78 -3.93 -4.48 1.41
CA VAL A 78 -4.17 -3.53 0.33
C VAL A 78 -5.47 -3.88 -0.37
N TYR A 79 -5.77 -5.17 -0.41
CA TYR A 79 -6.99 -5.63 -1.04
C TYR A 79 -8.23 -5.21 -0.25
N GLY A 80 -7.97 -4.71 0.95
CA GLY A 80 -9.05 -4.27 1.82
C GLY A 80 -8.84 -2.82 2.27
N ARG A 81 -7.84 -2.65 3.12
CA ARG A 81 -7.51 -1.33 3.63
C ARG A 81 -7.67 -0.28 2.53
N ASP A 82 -7.09 -0.59 1.37
CA ASP A 82 -7.17 0.32 0.24
C ASP A 82 -8.57 0.92 0.16
N GLY A 83 -8.68 2.14 0.67
CA GLY A 83 -9.96 2.83 0.66
C GLY A 83 -10.62 2.78 2.04
N TYR A 84 -9.80 2.93 3.07
CA TYR A 84 -10.29 2.91 4.43
C TYR A 84 -10.71 4.30 4.90
N ASP A 85 -11.40 4.33 6.02
CA ASP A 85 -11.86 5.59 6.59
C ASP A 85 -11.30 5.74 8.00
N TYR A 86 -10.28 6.58 8.10
CA TYR A 86 -9.64 6.84 9.39
C TYR A 86 -10.18 8.13 10.02
N ASP A 87 -11.18 7.97 10.86
CA ASP A 87 -11.79 9.11 11.54
C ASP A 87 -12.19 10.15 10.49
N GLY A 88 -12.66 9.66 9.35
CA GLY A 88 -13.07 10.54 8.28
C GLY A 88 -12.00 10.63 7.20
N TYR A 89 -10.75 10.67 7.65
CA TYR A 89 -9.63 10.76 6.74
C TYR A 89 -9.46 9.46 5.93
N ARG A 90 -9.78 9.55 4.65
CA ARG A 90 -9.68 8.40 3.77
C ARG A 90 -8.21 8.10 3.47
N LEU A 91 -7.89 6.81 3.48
CA LEU A 91 -6.53 6.37 3.20
C LEU A 91 -6.47 5.72 1.82
N ARG A 92 -5.29 5.77 1.23
CA ARG A 92 -5.08 5.19 -0.08
C ARG A 92 -3.92 4.19 -0.05
N VAL A 93 -4.28 2.92 0.07
CA VAL A 93 -3.29 1.86 0.11
C VAL A 93 -3.07 1.32 -1.31
N GLU A 94 -1.79 1.25 -1.68
CA GLU A 94 -1.42 0.76 -2.99
C GLU A 94 0.03 0.28 -2.99
N PHE A 95 0.26 -0.78 -3.77
CA PHE A 95 1.59 -1.35 -3.86
C PHE A 95 2.54 -0.41 -4.61
N PRO A 96 3.85 -0.49 -4.23
CA PRO A 96 4.86 0.34 -4.85
C PRO A 96 5.20 -0.15 -6.26
N ARG A 97 5.44 -1.45 -6.35
CA ARG A 97 5.78 -2.06 -7.62
C ARG A 97 4.56 -2.81 -8.18
N SER A 98 4.08 -3.75 -7.39
CA SER A 98 2.93 -4.55 -7.79
C SER A 98 3.27 -5.36 -9.05
N GLY A 99 2.52 -6.44 -9.23
CA GLY A 99 2.73 -7.31 -10.38
C GLY A 99 3.11 -8.73 -9.93
N ARG A 100 3.52 -9.53 -10.90
CA ARG A 100 3.91 -10.90 -10.63
C ARG A 100 2.70 -11.70 -10.09
N GLY A 101 2.43 -11.47 -8.81
CA GLY A 101 1.31 -12.15 -8.17
C GLY A 101 1.81 -13.03 -7.01
N THR A 102 0.87 -13.43 -6.16
CA THR A 102 1.21 -14.26 -5.02
C THR A 102 0.94 -15.73 -5.34
N GLY A 103 1.83 -16.58 -4.86
CA GLY A 103 1.71 -18.01 -5.09
C GLY A 103 2.72 -18.48 -6.14
N SER A 104 2.89 -19.80 -6.20
CA SER A 104 3.82 -20.39 -7.15
C SER A 104 3.06 -21.28 -8.13
N GLY A 105 3.27 -21.01 -9.41
CA GLY A 105 2.62 -21.78 -10.46
C GLY A 105 2.27 -20.89 -11.65
N PRO A 106 3.16 -20.93 -12.68
CA PRO A 106 2.96 -20.14 -13.88
C PRO A 106 1.87 -20.75 -14.76
N SER A 107 1.23 -19.89 -15.54
CA SER A 107 0.18 -20.33 -16.43
C SER A 107 0.45 -19.82 -17.86
N SER A 108 0.81 -20.77 -18.72
CA SER A 108 1.10 -20.44 -20.10
C SER A 108 0.84 -21.65 -20.99
N GLY A 109 1.57 -22.73 -20.70
CA GLY A 109 1.44 -23.95 -21.46
C GLY A 109 1.66 -23.70 -22.96
N GLY A 1 -8.72 27.29 20.98
CA GLY A 1 -8.80 27.28 19.53
C GLY A 1 -7.83 26.24 18.94
N SER A 2 -8.06 25.90 17.69
CA SER A 2 -7.23 24.94 17.00
C SER A 2 -7.66 24.81 15.54
N SER A 3 -6.69 24.47 14.70
CA SER A 3 -6.96 24.31 13.27
C SER A 3 -5.81 23.54 12.61
N GLY A 4 -6.07 23.10 11.40
CA GLY A 4 -5.07 22.35 10.64
C GLY A 4 -5.45 22.28 9.15
N SER A 5 -4.48 22.62 8.31
CA SER A 5 -4.69 22.60 6.88
C SER A 5 -3.36 22.81 6.14
N SER A 6 -3.20 22.09 5.06
CA SER A 6 -1.99 22.20 4.26
C SER A 6 -2.34 22.37 2.77
N GLY A 7 -1.56 23.19 2.10
CA GLY A 7 -1.78 23.44 0.69
C GLY A 7 -0.48 23.25 -0.11
N MET A 8 -0.09 21.99 -0.25
CA MET A 8 1.11 21.66 -0.98
C MET A 8 1.01 20.27 -1.60
N SER A 9 1.40 20.17 -2.87
CA SER A 9 1.36 18.91 -3.57
C SER A 9 2.66 18.70 -4.34
N GLY A 10 3.03 17.43 -4.49
CA GLY A 10 4.25 17.08 -5.19
C GLY A 10 4.75 15.70 -4.77
N GLY A 11 4.68 14.78 -5.72
CA GLY A 11 5.12 13.41 -5.47
C GLY A 11 5.83 12.83 -6.68
N GLY A 12 6.71 11.87 -6.41
CA GLY A 12 7.46 11.22 -7.47
C GLY A 12 7.93 9.83 -7.04
N VAL A 13 9.04 9.41 -7.62
CA VAL A 13 9.60 8.10 -7.31
C VAL A 13 11.10 8.24 -7.03
N ILE A 14 11.43 8.24 -5.74
CA ILE A 14 12.81 8.36 -5.32
C ILE A 14 13.57 7.09 -5.69
N ARG A 15 12.95 5.95 -5.38
CA ARG A 15 13.55 4.67 -5.66
C ARG A 15 12.53 3.74 -6.33
N GLY A 16 13.05 2.68 -6.94
CA GLY A 16 12.19 1.72 -7.63
C GLY A 16 12.20 0.37 -6.89
N PRO A 17 11.64 -0.65 -7.59
CA PRO A 17 11.58 -1.99 -7.02
C PRO A 17 12.95 -2.66 -7.05
N ALA A 18 13.01 -3.83 -6.42
CA ALA A 18 14.26 -4.58 -6.37
C ALA A 18 13.97 -5.97 -5.80
N GLY A 19 13.77 -6.92 -6.71
CA GLY A 19 13.49 -8.29 -6.32
C GLY A 19 12.08 -8.72 -6.75
N ASN A 20 11.80 -10.00 -6.55
CA ASN A 20 10.50 -10.54 -6.91
C ASN A 20 9.81 -11.07 -5.66
N ASN A 21 9.00 -10.21 -5.05
CA ASN A 21 8.27 -10.59 -3.86
C ASN A 21 7.45 -9.41 -3.37
N ASP A 22 6.31 -9.72 -2.76
CA ASP A 22 5.42 -8.69 -2.24
C ASP A 22 5.37 -8.79 -0.72
N CYS A 23 5.21 -7.63 -0.09
CA CYS A 23 5.13 -7.57 1.35
C CYS A 23 5.01 -6.09 1.77
N ARG A 24 5.74 -5.26 1.05
CA ARG A 24 5.72 -3.83 1.33
C ARG A 24 4.53 -3.17 0.64
N ILE A 25 3.79 -2.39 1.43
CA ILE A 25 2.63 -1.70 0.91
C ILE A 25 2.72 -0.22 1.26
N TYR A 26 2.41 0.62 0.28
CA TYR A 26 2.45 2.06 0.47
C TYR A 26 1.06 2.62 0.76
N VAL A 27 0.97 3.41 1.82
CA VAL A 27 -0.28 4.02 2.22
C VAL A 27 -0.24 5.52 1.92
N GLY A 28 -1.30 5.99 1.27
CA GLY A 28 -1.40 7.39 0.93
C GLY A 28 -2.73 7.99 1.38
N ASN A 29 -2.85 9.29 1.22
CA ASN A 29 -4.08 9.98 1.60
C ASN A 29 -4.31 9.80 3.11
N LEU A 30 -3.24 9.99 3.87
CA LEU A 30 -3.31 9.85 5.32
C LEU A 30 -3.56 11.22 5.94
N PRO A 31 -4.08 11.19 7.20
CA PRO A 31 -4.36 12.42 7.93
C PRO A 31 -3.08 13.08 8.43
N PRO A 32 -3.21 14.36 8.84
CA PRO A 32 -2.07 15.10 9.35
C PRO A 32 -1.71 14.66 10.76
N ASP A 33 -2.71 14.14 11.47
CA ASP A 33 -2.51 13.68 12.82
C ASP A 33 -2.50 12.15 12.83
N ILE A 34 -1.74 11.58 11.90
CA ILE A 34 -1.64 10.13 11.80
C ILE A 34 -0.34 9.67 12.48
N ARG A 35 -0.34 8.41 12.87
CA ARG A 35 0.82 7.83 13.52
C ARG A 35 1.20 6.51 12.86
N THR A 36 2.24 5.89 13.40
CA THR A 36 2.71 4.62 12.87
C THR A 36 1.99 3.45 13.55
N LYS A 37 1.71 3.65 14.83
CA LYS A 37 1.01 2.63 15.60
C LYS A 37 -0.41 2.47 15.07
N ASP A 38 -1.08 3.60 14.92
CA ASP A 38 -2.45 3.61 14.43
C ASP A 38 -2.50 2.92 13.05
N ILE A 39 -1.51 3.23 12.24
CA ILE A 39 -1.42 2.66 10.91
C ILE A 39 -1.02 1.19 11.02
N GLU A 40 -0.46 0.85 12.18
CA GLU A 40 -0.03 -0.51 12.42
C GLU A 40 -1.23 -1.39 12.79
N ASP A 41 -1.83 -1.07 13.93
CA ASP A 41 -2.98 -1.81 14.41
C ASP A 41 -4.03 -1.89 13.29
N VAL A 42 -4.07 -0.86 12.48
CA VAL A 42 -5.01 -0.81 11.37
C VAL A 42 -4.90 -2.09 10.56
N PHE A 43 -3.72 -2.30 9.99
CA PHE A 43 -3.47 -3.48 9.18
C PHE A 43 -3.36 -4.73 10.07
N TYR A 44 -2.72 -4.56 11.21
CA TYR A 44 -2.55 -5.66 12.14
C TYR A 44 -3.85 -6.46 12.30
N LYS A 45 -4.96 -5.78 12.04
CA LYS A 45 -6.26 -6.42 12.14
C LYS A 45 -6.28 -7.67 11.25
N TYR A 46 -5.36 -7.70 10.31
CA TYR A 46 -5.26 -8.83 9.40
C TYR A 46 -4.24 -9.86 9.90
N GLY A 47 -3.02 -9.37 10.15
CA GLY A 47 -1.96 -10.23 10.63
C GLY A 47 -0.95 -9.44 11.46
N ALA A 48 0.32 -9.61 11.12
CA ALA A 48 1.39 -8.92 11.83
C ALA A 48 2.17 -8.06 10.83
N ILE A 49 2.86 -7.06 11.39
CA ILE A 49 3.65 -6.17 10.56
C ILE A 49 5.13 -6.42 10.83
N ARG A 50 5.94 -6.19 9.79
CA ARG A 50 7.37 -6.39 9.89
C ARG A 50 8.07 -5.08 10.24
N ASP A 51 7.53 -4.00 9.70
CA ASP A 51 8.09 -2.68 9.93
C ASP A 51 7.25 -1.63 9.20
N ILE A 52 7.29 -0.41 9.72
CA ILE A 52 6.53 0.68 9.13
C ILE A 52 7.44 1.90 9.02
N ASP A 53 7.63 2.36 7.79
CA ASP A 53 8.46 3.51 7.53
C ASP A 53 7.57 4.70 7.14
N LEU A 54 7.51 5.68 8.04
CA LEU A 54 6.71 6.86 7.80
C LEU A 54 7.63 8.05 7.57
N LYS A 55 7.35 8.77 6.48
CA LYS A 55 8.15 9.94 6.14
C LYS A 55 7.48 11.19 6.70
N ASN A 56 6.43 11.63 6.00
CA ASN A 56 5.69 12.81 6.41
C ASN A 56 6.65 14.01 6.45
N ARG A 57 6.05 15.19 6.55
CA ARG A 57 6.83 16.42 6.61
C ARG A 57 7.37 16.77 5.22
N ARG A 58 7.06 17.99 4.80
CA ARG A 58 7.50 18.46 3.49
C ARG A 58 6.92 17.59 2.38
N GLY A 59 6.58 18.23 1.28
CA GLY A 59 6.01 17.51 0.15
C GLY A 59 4.50 17.34 0.31
N GLY A 60 3.96 16.40 -0.44
CA GLY A 60 2.54 16.12 -0.39
C GLY A 60 2.10 15.72 1.02
N PRO A 61 1.09 14.81 1.08
CA PRO A 61 0.58 14.34 2.36
C PRO A 61 1.54 13.35 3.01
N PRO A 62 1.21 12.96 4.26
CA PRO A 62 2.03 12.02 5.00
C PRO A 62 1.85 10.60 4.48
N PHE A 63 2.97 10.00 4.09
CA PHE A 63 2.94 8.64 3.57
C PHE A 63 3.86 7.73 4.38
N ALA A 64 3.55 6.44 4.33
CA ALA A 64 4.33 5.45 5.05
C ALA A 64 4.31 4.13 4.29
N PHE A 65 5.31 3.31 4.57
CA PHE A 65 5.42 2.02 3.91
C PHE A 65 5.38 0.88 4.93
N VAL A 66 4.26 0.17 4.93
CA VAL A 66 4.08 -0.94 5.85
C VAL A 66 4.52 -2.24 5.17
N GLU A 67 5.20 -3.07 5.94
CA GLU A 67 5.68 -4.35 5.43
C GLU A 67 5.08 -5.51 6.23
N PHE A 68 4.62 -6.51 5.50
CA PHE A 68 4.02 -7.68 6.12
C PHE A 68 5.00 -8.85 6.15
N GLU A 69 4.73 -9.79 7.04
CA GLU A 69 5.59 -10.96 7.18
C GLU A 69 5.43 -11.87 5.96
N ASP A 70 4.26 -11.79 5.35
CA ASP A 70 3.98 -12.60 4.17
C ASP A 70 3.25 -11.74 3.13
N PRO A 71 3.31 -12.21 1.86
CA PRO A 71 2.68 -11.50 0.76
C PRO A 71 1.15 -11.68 0.80
N ARG A 72 0.74 -12.90 1.08
CA ARG A 72 -0.67 -13.22 1.16
C ARG A 72 -1.44 -12.08 1.82
N ASP A 73 -1.09 -11.82 3.08
CA ASP A 73 -1.73 -10.77 3.84
C ASP A 73 -1.38 -9.41 3.21
N ALA A 74 -0.10 -9.23 2.95
CA ALA A 74 0.37 -8.00 2.36
C ALA A 74 -0.61 -7.54 1.27
N GLU A 75 -1.20 -8.53 0.61
CA GLU A 75 -2.16 -8.25 -0.44
C GLU A 75 -3.54 -7.97 0.15
N ASP A 76 -4.12 -9.00 0.75
CA ASP A 76 -5.43 -8.87 1.35
C ASP A 76 -5.53 -7.52 2.08
N ALA A 77 -4.38 -7.07 2.57
CA ALA A 77 -4.32 -5.80 3.28
C ALA A 77 -4.44 -4.65 2.27
N VAL A 78 -3.40 -4.52 1.45
CA VAL A 78 -3.37 -3.47 0.44
C VAL A 78 -4.70 -3.45 -0.30
N TYR A 79 -5.29 -4.64 -0.44
CA TYR A 79 -6.56 -4.76 -1.14
C TYR A 79 -7.72 -4.45 -0.19
N GLY A 80 -7.51 -4.75 1.08
CA GLY A 80 -8.54 -4.50 2.09
C GLY A 80 -8.52 -3.03 2.52
N ARG A 81 -7.55 -2.71 3.37
CA ARG A 81 -7.42 -1.36 3.88
C ARG A 81 -7.72 -0.35 2.77
N ASP A 82 -7.23 -0.65 1.59
CA ASP A 82 -7.43 0.22 0.44
C ASP A 82 -8.92 0.55 0.32
N GLY A 83 -9.24 1.81 0.56
CA GLY A 83 -10.61 2.27 0.47
C GLY A 83 -11.25 2.33 1.87
N TYR A 84 -10.40 2.53 2.86
CA TYR A 84 -10.87 2.61 4.23
C TYR A 84 -11.01 4.07 4.68
N ASP A 85 -11.97 4.28 5.56
CA ASP A 85 -12.23 5.62 6.08
C ASP A 85 -11.81 5.69 7.54
N TYR A 86 -10.81 6.52 7.81
CA TYR A 86 -10.30 6.69 9.16
C TYR A 86 -10.35 8.15 9.59
N ASP A 87 -10.96 8.39 10.74
CA ASP A 87 -11.06 9.74 11.27
C ASP A 87 -11.84 10.60 10.28
N GLY A 88 -12.62 9.94 9.45
CA GLY A 88 -13.42 10.64 8.45
C GLY A 88 -12.60 10.91 7.19
N TYR A 89 -11.30 10.70 7.31
CA TYR A 89 -10.40 10.92 6.19
C TYR A 89 -10.22 9.63 5.38
N ARG A 90 -10.39 9.77 4.07
CA ARG A 90 -10.25 8.63 3.18
C ARG A 90 -8.77 8.31 2.95
N LEU A 91 -8.45 7.04 3.02
CA LEU A 91 -7.08 6.59 2.82
C LEU A 91 -6.96 5.90 1.46
N ARG A 92 -5.72 5.76 1.01
CA ARG A 92 -5.46 5.12 -0.27
C ARG A 92 -4.27 4.17 -0.15
N VAL A 93 -4.59 2.89 0.01
CA VAL A 93 -3.57 1.87 0.14
C VAL A 93 -3.31 1.25 -1.23
N GLU A 94 -2.04 1.24 -1.61
CA GLU A 94 -1.63 0.68 -2.90
C GLU A 94 -0.14 0.34 -2.88
N PHE A 95 0.22 -0.66 -3.67
CA PHE A 95 1.60 -1.10 -3.75
C PHE A 95 2.48 0.00 -4.38
N PRO A 96 3.76 0.02 -3.92
CA PRO A 96 4.71 1.00 -4.42
C PRO A 96 5.17 0.65 -5.83
N ARG A 97 4.22 0.63 -6.75
CA ARG A 97 4.52 0.31 -8.14
C ARG A 97 5.29 -1.00 -8.22
N SER A 98 4.55 -2.10 -8.25
CA SER A 98 5.17 -3.41 -8.34
C SER A 98 4.87 -4.04 -9.70
N GLY A 99 3.60 -4.37 -9.90
CA GLY A 99 3.17 -4.97 -11.15
C GLY A 99 3.50 -6.47 -11.18
N ARG A 100 2.59 -7.23 -11.75
CA ARG A 100 2.76 -8.67 -11.84
C ARG A 100 1.65 -9.30 -12.69
N GLY A 101 1.84 -10.56 -13.02
CA GLY A 101 0.86 -11.28 -13.82
C GLY A 101 -0.06 -12.12 -12.93
N THR A 102 -0.54 -13.22 -13.51
CA THR A 102 -1.42 -14.11 -12.78
C THR A 102 -0.83 -15.52 -12.73
N GLY A 103 -0.68 -16.11 -13.91
CA GLY A 103 -0.12 -17.45 -14.00
C GLY A 103 -1.24 -18.50 -14.04
N SER A 104 -1.18 -19.34 -15.07
CA SER A 104 -2.17 -20.39 -15.24
C SER A 104 -1.48 -21.70 -15.60
N GLY A 105 -1.74 -22.72 -14.79
CA GLY A 105 -1.16 -24.03 -15.02
C GLY A 105 0.35 -24.02 -14.73
N PRO A 106 0.69 -24.33 -13.45
CA PRO A 106 2.08 -24.37 -13.04
C PRO A 106 2.79 -25.61 -13.57
N SER A 107 2.12 -26.74 -13.41
CA SER A 107 2.67 -28.01 -13.87
C SER A 107 1.65 -28.74 -14.73
N SER A 108 2.16 -29.66 -15.54
CA SER A 108 1.30 -30.44 -16.42
C SER A 108 1.84 -31.85 -16.57
N GLY A 109 1.56 -32.68 -15.57
CA GLY A 109 2.01 -34.06 -15.58
C GLY A 109 3.12 -34.28 -14.54
N GLY A 1 -29.23 8.88 -6.51
CA GLY A 1 -28.37 8.67 -5.36
C GLY A 1 -29.16 8.69 -4.06
N SER A 2 -28.48 9.11 -3.00
CA SER A 2 -29.11 9.19 -1.69
C SER A 2 -28.25 10.01 -0.74
N SER A 3 -27.02 9.56 -0.56
CA SER A 3 -26.08 10.24 0.31
C SER A 3 -24.65 9.89 -0.08
N GLY A 4 -23.72 10.69 0.44
CA GLY A 4 -22.31 10.47 0.15
C GLY A 4 -21.44 11.52 0.87
N SER A 5 -20.14 11.44 0.60
CA SER A 5 -19.21 12.36 1.22
C SER A 5 -18.26 12.92 0.15
N SER A 6 -17.50 13.93 0.57
CA SER A 6 -16.55 14.55 -0.34
C SER A 6 -15.12 14.31 0.13
N GLY A 7 -14.17 14.66 -0.71
CA GLY A 7 -12.76 14.48 -0.40
C GLY A 7 -11.91 14.41 -1.66
N MET A 8 -10.99 15.35 -1.77
CA MET A 8 -10.11 15.43 -2.92
C MET A 8 -8.67 15.74 -2.50
N SER A 9 -7.92 14.66 -2.28
CA SER A 9 -6.53 14.80 -1.87
C SER A 9 -5.60 14.64 -3.09
N GLY A 10 -5.57 13.42 -3.59
CA GLY A 10 -4.75 13.11 -4.75
C GLY A 10 -3.26 13.06 -4.36
N GLY A 11 -2.50 12.31 -5.14
CA GLY A 11 -1.08 12.18 -4.90
C GLY A 11 -0.60 10.76 -5.24
N GLY A 12 0.61 10.45 -4.79
CA GLY A 12 1.20 9.15 -5.04
C GLY A 12 2.73 9.21 -4.97
N VAL A 13 3.33 8.04 -4.90
CA VAL A 13 4.77 7.93 -4.82
C VAL A 13 5.35 7.79 -6.23
N ILE A 14 6.08 8.81 -6.65
CA ILE A 14 6.70 8.81 -7.96
C ILE A 14 7.95 7.93 -7.94
N ARG A 15 8.29 7.43 -9.11
CA ARG A 15 9.47 6.57 -9.24
C ARG A 15 9.30 5.31 -8.39
N GLY A 16 9.83 4.22 -8.90
CA GLY A 16 9.75 2.94 -8.21
C GLY A 16 10.58 1.87 -8.92
N PRO A 17 10.87 0.78 -8.16
CA PRO A 17 11.65 -0.32 -8.71
C PRO A 17 10.82 -1.16 -9.67
N ALA A 18 9.68 -1.63 -9.17
CA ALA A 18 8.79 -2.45 -9.96
C ALA A 18 9.47 -3.79 -10.27
N GLY A 19 8.64 -4.75 -10.66
CA GLY A 19 9.15 -6.08 -10.98
C GLY A 19 9.21 -6.95 -9.73
N ASN A 20 8.19 -7.78 -9.56
CA ASN A 20 8.12 -8.66 -8.41
C ASN A 20 8.20 -7.85 -7.13
N ASN A 21 7.03 -7.50 -6.61
CA ASN A 21 6.95 -6.71 -5.39
C ASN A 21 5.81 -7.23 -4.52
N ASP A 22 6.06 -7.29 -3.23
CA ASP A 22 5.06 -7.76 -2.28
C ASP A 22 5.58 -7.57 -0.86
N CYS A 23 4.67 -7.73 0.10
CA CYS A 23 5.02 -7.58 1.49
C CYS A 23 5.00 -6.08 1.84
N ARG A 24 5.79 -5.33 1.08
CA ARG A 24 5.88 -3.90 1.29
C ARG A 24 4.74 -3.18 0.55
N ILE A 25 3.88 -2.55 1.33
CA ILE A 25 2.75 -1.83 0.77
C ILE A 25 2.87 -0.34 1.12
N TYR A 26 2.28 0.48 0.27
CA TYR A 26 2.31 1.92 0.47
C TYR A 26 0.93 2.45 0.85
N VAL A 27 0.91 3.22 1.93
CA VAL A 27 -0.35 3.80 2.41
C VAL A 27 -0.29 5.33 2.26
N GLY A 28 -1.30 5.86 1.60
CA GLY A 28 -1.38 7.30 1.38
C GLY A 28 -2.72 7.85 1.86
N ASN A 29 -2.92 9.14 1.59
CA ASN A 29 -4.15 9.80 1.99
C ASN A 29 -4.39 9.56 3.49
N LEU A 30 -3.37 9.89 4.27
CA LEU A 30 -3.45 9.72 5.71
C LEU A 30 -3.79 11.06 6.36
N PRO A 31 -4.33 10.98 7.60
CA PRO A 31 -4.70 12.18 8.33
C PRO A 31 -3.46 12.90 8.88
N PRO A 32 -3.68 14.16 9.34
CA PRO A 32 -2.60 14.95 9.88
C PRO A 32 -2.21 14.47 11.28
N ASP A 33 -3.20 13.95 11.98
CA ASP A 33 -2.98 13.44 13.33
C ASP A 33 -2.93 11.91 13.30
N ILE A 34 -2.13 11.40 12.37
CA ILE A 34 -1.99 9.96 12.23
C ILE A 34 -0.75 9.50 12.99
N ARG A 35 -0.76 8.23 13.37
CA ARG A 35 0.36 7.65 14.10
C ARG A 35 0.79 6.33 13.46
N THR A 36 2.09 6.16 13.34
CA THR A 36 2.64 4.95 12.75
C THR A 36 2.04 3.72 13.43
N LYS A 37 1.79 3.85 14.72
CA LYS A 37 1.22 2.75 15.50
C LYS A 37 -0.24 2.57 15.11
N ASP A 38 -0.98 3.67 15.18
CA ASP A 38 -2.39 3.64 14.84
C ASP A 38 -2.57 3.00 13.47
N ILE A 39 -1.64 3.30 12.58
CA ILE A 39 -1.69 2.75 11.23
C ILE A 39 -1.30 1.28 11.27
N GLU A 40 -0.53 0.92 12.29
CA GLU A 40 -0.08 -0.45 12.46
C GLU A 40 -1.24 -1.32 12.93
N ASP A 41 -1.66 -1.08 14.17
CA ASP A 41 -2.75 -1.85 14.75
C ASP A 41 -3.85 -2.05 13.70
N VAL A 42 -3.93 -1.10 12.79
CA VAL A 42 -4.92 -1.15 11.73
C VAL A 42 -4.69 -2.42 10.90
N PHE A 43 -3.55 -2.44 10.22
CA PHE A 43 -3.20 -3.57 9.38
C PHE A 43 -2.81 -4.78 10.23
N TYR A 44 -2.49 -4.51 11.49
CA TYR A 44 -2.11 -5.55 12.41
C TYR A 44 -3.22 -6.60 12.54
N LYS A 45 -4.41 -6.22 12.09
CA LYS A 45 -5.55 -7.11 12.16
C LYS A 45 -5.40 -8.19 11.09
N TYR A 46 -4.47 -7.96 10.18
CA TYR A 46 -4.22 -8.91 9.11
C TYR A 46 -2.94 -9.71 9.36
N GLY A 47 -2.62 -9.86 10.64
CA GLY A 47 -1.45 -10.60 11.04
C GLY A 47 -0.51 -9.73 11.88
N ALA A 48 0.70 -9.54 11.36
CA ALA A 48 1.69 -8.73 12.06
C ALA A 48 2.44 -7.87 11.05
N ILE A 49 3.06 -6.81 11.55
CA ILE A 49 3.80 -5.91 10.70
C ILE A 49 5.29 -5.98 11.07
N ARG A 50 6.12 -6.05 10.04
CA ARG A 50 7.56 -6.12 10.23
C ARG A 50 8.10 -4.78 10.70
N ASP A 51 7.72 -3.74 9.96
CA ASP A 51 8.17 -2.39 10.27
C ASP A 51 7.40 -1.39 9.42
N ILE A 52 7.41 -0.14 9.86
CA ILE A 52 6.72 0.91 9.14
C ILE A 52 7.64 2.12 9.01
N ASP A 53 7.67 2.67 7.80
CA ASP A 53 8.52 3.83 7.53
C ASP A 53 7.63 5.03 7.20
N LEU A 54 7.48 5.91 8.19
CA LEU A 54 6.66 7.09 8.02
C LEU A 54 7.53 8.23 7.48
N LYS A 55 7.24 8.62 6.25
CA LYS A 55 7.98 9.70 5.61
C LYS A 55 7.49 11.05 6.15
N ASN A 56 6.34 11.48 5.64
CA ASN A 56 5.76 12.73 6.06
C ASN A 56 6.79 13.85 5.88
N ARG A 57 6.32 15.08 6.04
CA ARG A 57 7.19 16.24 5.89
C ARG A 57 7.31 16.62 4.42
N ARG A 58 6.19 17.06 3.86
CA ARG A 58 6.17 17.46 2.47
C ARG A 58 4.80 18.05 2.11
N GLY A 59 4.77 18.76 0.99
CA GLY A 59 3.53 19.38 0.53
C GLY A 59 2.52 18.32 0.08
N GLY A 60 1.75 17.84 1.05
CA GLY A 60 0.74 16.83 0.76
C GLY A 60 0.45 15.98 2.00
N PRO A 61 -0.29 14.87 1.77
CA PRO A 61 -0.65 13.96 2.85
C PRO A 61 0.56 13.11 3.27
N PRO A 62 0.52 12.67 4.55
CA PRO A 62 1.60 11.84 5.08
C PRO A 62 1.52 10.42 4.54
N PHE A 63 2.66 9.93 4.06
CA PHE A 63 2.73 8.59 3.51
C PHE A 63 3.77 7.75 4.26
N ALA A 64 3.58 6.44 4.17
CA ALA A 64 4.49 5.51 4.83
C ALA A 64 4.37 4.13 4.19
N PHE A 65 5.40 3.32 4.41
CA PHE A 65 5.42 1.98 3.84
C PHE A 65 5.40 0.93 4.96
N VAL A 66 4.48 -0.01 4.84
CA VAL A 66 4.34 -1.08 5.82
C VAL A 66 4.96 -2.36 5.25
N GLU A 67 5.78 -3.00 6.07
CA GLU A 67 6.43 -4.23 5.66
C GLU A 67 5.77 -5.43 6.37
N PHE A 68 4.86 -6.05 5.65
CA PHE A 68 4.15 -7.22 6.19
C PHE A 68 5.08 -8.43 6.26
N GLU A 69 4.64 -9.43 7.02
CA GLU A 69 5.41 -10.65 7.18
C GLU A 69 5.12 -11.61 6.03
N ASP A 70 3.83 -11.70 5.69
CA ASP A 70 3.41 -12.58 4.61
C ASP A 70 2.77 -11.74 3.50
N PRO A 71 2.94 -12.23 2.24
CA PRO A 71 2.39 -11.54 1.09
C PRO A 71 0.87 -11.76 1.00
N ARG A 72 0.47 -13.01 1.14
CA ARG A 72 -0.93 -13.36 1.07
C ARG A 72 -1.77 -12.31 1.79
N ASP A 73 -1.26 -11.85 2.92
CA ASP A 73 -1.96 -10.85 3.71
C ASP A 73 -1.63 -9.46 3.15
N ALA A 74 -0.33 -9.24 2.92
CA ALA A 74 0.13 -7.97 2.40
C ALA A 74 -0.78 -7.54 1.25
N GLU A 75 -1.28 -8.53 0.53
CA GLU A 75 -2.16 -8.27 -0.60
C GLU A 75 -3.57 -7.93 -0.11
N ASP A 76 -4.24 -8.94 0.41
CA ASP A 76 -5.58 -8.76 0.92
C ASP A 76 -5.67 -7.44 1.69
N ALA A 77 -4.56 -7.11 2.34
CA ALA A 77 -4.50 -5.88 3.13
C ALA A 77 -4.54 -4.69 2.17
N VAL A 78 -3.64 -4.70 1.21
CA VAL A 78 -3.57 -3.61 0.23
C VAL A 78 -4.85 -3.61 -0.61
N TYR A 79 -5.42 -4.80 -0.76
CA TYR A 79 -6.64 -4.95 -1.54
C TYR A 79 -7.88 -4.67 -0.67
N GLY A 80 -7.65 -4.64 0.63
CA GLY A 80 -8.74 -4.40 1.57
C GLY A 80 -8.73 -2.94 2.05
N ARG A 81 -7.86 -2.68 3.01
CA ARG A 81 -7.73 -1.34 3.57
C ARG A 81 -7.88 -0.29 2.45
N ASP A 82 -7.42 -0.67 1.27
CA ASP A 82 -7.49 0.22 0.12
C ASP A 82 -8.88 0.87 0.08
N GLY A 83 -8.90 2.16 0.42
CA GLY A 83 -10.15 2.91 0.42
C GLY A 83 -10.86 2.77 1.76
N TYR A 84 -10.08 2.80 2.82
CA TYR A 84 -10.63 2.68 4.17
C TYR A 84 -11.02 4.05 4.72
N ASP A 85 -11.91 4.02 5.70
CA ASP A 85 -12.38 5.25 6.32
C ASP A 85 -11.76 5.38 7.72
N TYR A 86 -10.68 6.14 7.78
CA TYR A 86 -9.98 6.34 9.04
C TYR A 86 -10.35 7.69 9.65
N ASP A 87 -11.25 7.66 10.62
CA ASP A 87 -11.69 8.86 11.29
C ASP A 87 -12.44 9.75 10.29
N GLY A 88 -12.83 9.14 9.19
CA GLY A 88 -13.56 9.85 8.15
C GLY A 88 -12.68 10.07 6.91
N TYR A 89 -11.37 10.00 7.14
CA TYR A 89 -10.42 10.18 6.06
C TYR A 89 -10.35 8.94 5.18
N ARG A 90 -10.37 9.18 3.86
CA ARG A 90 -10.33 8.10 2.91
C ARG A 90 -8.87 7.75 2.57
N LEU A 91 -8.36 6.73 3.25
CA LEU A 91 -6.99 6.30 3.04
C LEU A 91 -6.86 5.74 1.62
N ARG A 92 -5.62 5.67 1.16
CA ARG A 92 -5.34 5.16 -0.17
C ARG A 92 -4.18 4.17 -0.12
N VAL A 93 -4.52 2.89 -0.09
CA VAL A 93 -3.52 1.83 -0.04
C VAL A 93 -3.31 1.28 -1.45
N GLU A 94 -2.05 1.19 -1.83
CA GLU A 94 -1.70 0.67 -3.15
C GLU A 94 -0.24 0.21 -3.17
N PHE A 95 0.03 -0.74 -4.05
CA PHE A 95 1.38 -1.28 -4.18
C PHE A 95 2.30 -0.27 -4.87
N PRO A 96 3.61 -0.35 -4.50
CA PRO A 96 4.59 0.54 -5.09
C PRO A 96 4.94 0.13 -6.52
N ARG A 97 4.07 0.54 -7.44
CA ARG A 97 4.27 0.22 -8.84
C ARG A 97 3.99 -1.26 -9.09
N SER A 98 2.82 -1.52 -9.67
CA SER A 98 2.42 -2.89 -9.97
C SER A 98 2.55 -3.15 -11.47
N GLY A 99 2.94 -4.38 -11.79
CA GLY A 99 3.10 -4.77 -13.18
C GLY A 99 3.64 -6.20 -13.28
N ARG A 100 2.82 -7.14 -12.81
CA ARG A 100 3.19 -8.54 -12.84
C ARG A 100 2.02 -9.38 -13.36
N GLY A 101 2.27 -10.05 -14.48
CA GLY A 101 1.25 -10.90 -15.09
C GLY A 101 1.83 -11.68 -16.27
N THR A 102 1.71 -13.00 -16.18
CA THR A 102 2.21 -13.87 -17.23
C THR A 102 1.23 -15.01 -17.49
N GLY A 103 0.85 -15.67 -16.41
CA GLY A 103 -0.08 -16.78 -16.50
C GLY A 103 0.62 -18.11 -16.19
N SER A 104 -0.17 -19.17 -16.17
CA SER A 104 0.36 -20.49 -15.89
C SER A 104 -0.65 -21.56 -16.31
N GLY A 105 -0.13 -22.68 -16.78
CA GLY A 105 -0.97 -23.78 -17.21
C GLY A 105 -0.57 -25.09 -16.52
N PRO A 106 -1.30 -25.41 -15.42
CA PRO A 106 -1.03 -26.62 -14.67
C PRO A 106 -1.54 -27.86 -15.42
N SER A 107 -0.88 -28.98 -15.15
CA SER A 107 -1.26 -30.23 -15.79
C SER A 107 -1.93 -31.15 -14.78
N SER A 108 -2.56 -32.20 -15.30
CA SER A 108 -3.26 -33.15 -14.46
C SER A 108 -2.61 -34.53 -14.59
N GLY A 109 -3.03 -35.44 -13.73
CA GLY A 109 -2.51 -36.79 -13.74
C GLY A 109 -1.90 -37.17 -12.39
N GLY A 1 4.80 24.19 -20.57
CA GLY A 1 5.05 23.41 -19.37
C GLY A 1 3.92 22.41 -19.12
N SER A 2 4.20 21.15 -19.43
CA SER A 2 3.22 20.10 -19.23
C SER A 2 3.82 18.75 -19.64
N SER A 3 3.57 17.75 -18.79
CA SER A 3 4.08 16.42 -19.05
C SER A 3 2.91 15.42 -19.11
N GLY A 4 2.55 15.06 -20.33
CA GLY A 4 1.46 14.12 -20.55
C GLY A 4 1.33 13.76 -22.03
N SER A 5 1.67 12.52 -22.33
CA SER A 5 1.60 12.04 -23.71
C SER A 5 1.13 10.58 -23.72
N SER A 6 1.89 9.74 -23.04
CA SER A 6 1.56 8.33 -22.97
C SER A 6 1.69 7.69 -24.36
N GLY A 7 1.88 6.38 -24.36
CA GLY A 7 2.00 5.64 -25.60
C GLY A 7 3.12 4.59 -25.51
N MET A 8 2.71 3.36 -25.28
CA MET A 8 3.65 2.27 -25.17
C MET A 8 4.86 2.67 -24.32
N SER A 9 4.76 2.36 -23.03
CA SER A 9 5.83 2.69 -22.10
C SER A 9 6.95 1.65 -22.22
N GLY A 10 8.13 2.06 -21.75
CA GLY A 10 9.29 1.17 -21.80
C GLY A 10 10.40 1.77 -22.66
N GLY A 11 11.39 0.94 -22.95
CA GLY A 11 12.51 1.36 -23.76
C GLY A 11 13.59 0.28 -23.83
N GLY A 12 13.60 -0.42 -24.95
CA GLY A 12 14.57 -1.49 -25.16
C GLY A 12 14.45 -2.55 -24.07
N VAL A 13 13.96 -3.72 -24.48
CA VAL A 13 13.80 -4.82 -23.54
C VAL A 13 13.01 -4.33 -22.32
N ILE A 14 11.69 -4.39 -22.45
CA ILE A 14 10.83 -3.96 -21.35
C ILE A 14 10.83 -5.02 -20.26
N ARG A 15 10.37 -4.62 -19.09
CA ARG A 15 10.32 -5.52 -17.95
C ARG A 15 11.67 -6.21 -17.75
N GLY A 16 12.45 -5.67 -16.83
CA GLY A 16 13.76 -6.21 -16.53
C GLY A 16 13.66 -7.34 -15.50
N PRO A 17 14.81 -8.03 -15.30
CA PRO A 17 14.87 -9.13 -14.35
C PRO A 17 14.90 -8.60 -12.91
N ALA A 18 13.78 -8.01 -12.50
CA ALA A 18 13.67 -7.47 -11.16
C ALA A 18 12.70 -8.32 -10.35
N GLY A 19 12.94 -8.35 -9.04
CA GLY A 19 12.10 -9.12 -8.14
C GLY A 19 10.66 -8.59 -8.13
N ASN A 20 9.73 -9.48 -7.86
CA ASN A 20 8.32 -9.11 -7.82
C ASN A 20 8.11 -8.07 -6.73
N ASN A 21 7.02 -7.34 -6.86
CA ASN A 21 6.68 -6.31 -5.90
C ASN A 21 5.54 -6.80 -5.00
N ASP A 22 5.84 -6.87 -3.71
CA ASP A 22 4.86 -7.33 -2.74
C ASP A 22 5.45 -7.23 -1.34
N CYS A 23 4.62 -7.57 -0.35
CA CYS A 23 5.05 -7.52 1.04
C CYS A 23 5.02 -6.06 1.50
N ARG A 24 5.77 -5.24 0.79
CA ARG A 24 5.84 -3.82 1.12
C ARG A 24 4.75 -3.06 0.38
N ILE A 25 3.84 -2.48 1.16
CA ILE A 25 2.74 -1.71 0.59
C ILE A 25 2.90 -0.24 0.97
N TYR A 26 2.34 0.62 0.13
CA TYR A 26 2.42 2.04 0.36
C TYR A 26 1.05 2.62 0.75
N VAL A 27 1.05 3.43 1.79
CA VAL A 27 -0.17 4.04 2.27
C VAL A 27 -0.11 5.55 2.05
N GLY A 28 -1.12 6.06 1.34
CA GLY A 28 -1.18 7.47 1.04
C GLY A 28 -2.49 8.08 1.57
N ASN A 29 -2.57 9.40 1.50
CA ASN A 29 -3.75 10.11 1.97
C ASN A 29 -4.01 9.76 3.43
N LEU A 30 -3.12 10.24 4.29
CA LEU A 30 -3.24 9.99 5.71
C LEU A 30 -3.47 11.32 6.44
N PRO A 31 -3.97 11.21 7.70
CA PRO A 31 -4.23 12.38 8.51
C PRO A 31 -2.93 12.97 9.05
N PRO A 32 -3.00 14.26 9.48
CA PRO A 32 -1.85 14.95 10.02
C PRO A 32 -1.54 14.47 11.44
N ASP A 33 -2.58 14.00 12.11
CA ASP A 33 -2.43 13.50 13.46
C ASP A 33 -2.41 11.97 13.45
N ILE A 34 -1.72 11.43 12.45
CA ILE A 34 -1.62 9.99 12.32
C ILE A 34 -0.38 9.49 13.06
N ARG A 35 -0.43 8.22 13.44
CA ARG A 35 0.69 7.62 14.16
C ARG A 35 1.07 6.29 13.51
N THR A 36 2.37 6.00 13.57
CA THR A 36 2.89 4.77 12.99
C THR A 36 2.30 3.56 13.71
N LYS A 37 1.77 3.81 14.90
CA LYS A 37 1.17 2.76 15.70
C LYS A 37 -0.27 2.54 15.26
N ASP A 38 -1.07 3.59 15.39
CA ASP A 38 -2.46 3.53 15.01
C ASP A 38 -2.59 2.85 13.64
N ILE A 39 -1.63 3.17 12.78
CA ILE A 39 -1.62 2.61 11.44
C ILE A 39 -1.24 1.13 11.51
N GLU A 40 -0.33 0.83 12.43
CA GLU A 40 0.12 -0.54 12.61
C GLU A 40 -1.05 -1.45 12.96
N ASP A 41 -1.77 -1.07 14.01
CA ASP A 41 -2.91 -1.85 14.46
C ASP A 41 -3.94 -1.92 13.32
N VAL A 42 -4.16 -0.78 12.69
CA VAL A 42 -5.11 -0.70 11.59
C VAL A 42 -4.92 -1.91 10.68
N PHE A 43 -3.69 -2.12 10.26
CA PHE A 43 -3.37 -3.23 9.38
C PHE A 43 -3.30 -4.54 10.17
N TYR A 44 -2.77 -4.44 11.38
CA TYR A 44 -2.63 -5.60 12.25
C TYR A 44 -3.93 -6.40 12.28
N LYS A 45 -5.02 -5.72 11.98
CA LYS A 45 -6.33 -6.35 11.98
C LYS A 45 -6.32 -7.53 11.00
N TYR A 46 -5.32 -7.53 10.13
CA TYR A 46 -5.18 -8.58 9.15
C TYR A 46 -4.17 -9.63 9.60
N GLY A 47 -2.97 -9.15 9.86
CA GLY A 47 -1.89 -10.04 10.30
C GLY A 47 -0.90 -9.29 11.19
N ALA A 48 0.38 -9.44 10.86
CA ALA A 48 1.43 -8.79 11.61
C ALA A 48 2.26 -7.90 10.67
N ILE A 49 2.97 -6.96 11.27
CA ILE A 49 3.80 -6.04 10.50
C ILE A 49 5.27 -6.25 10.89
N ARG A 50 6.13 -6.15 9.89
CA ARG A 50 7.55 -6.32 10.11
C ARG A 50 8.19 -4.98 10.49
N ASP A 51 7.71 -3.92 9.85
CA ASP A 51 8.23 -2.59 10.12
C ASP A 51 7.40 -1.56 9.34
N ILE A 52 7.45 -0.34 9.81
CA ILE A 52 6.71 0.74 9.19
C ILE A 52 7.63 1.95 8.99
N ASP A 53 7.56 2.53 7.80
CA ASP A 53 8.38 3.69 7.48
C ASP A 53 7.47 4.86 7.08
N LEU A 54 7.52 5.90 7.90
CA LEU A 54 6.71 7.07 7.65
C LEU A 54 7.63 8.27 7.38
N LYS A 55 7.41 8.90 6.24
CA LYS A 55 8.20 10.06 5.86
C LYS A 55 7.74 11.29 6.64
N ASN A 56 6.47 11.62 6.44
CA ASN A 56 5.89 12.76 7.12
C ASN A 56 6.87 13.93 7.09
N ARG A 57 6.76 14.74 6.04
CA ARG A 57 7.63 15.89 5.88
C ARG A 57 7.32 16.62 4.57
N ARG A 58 7.64 17.91 4.56
CA ARG A 58 7.40 18.72 3.39
C ARG A 58 5.90 18.74 3.06
N GLY A 59 5.54 19.66 2.17
CA GLY A 59 4.15 19.79 1.75
C GLY A 59 3.56 18.43 1.38
N GLY A 60 2.26 18.44 1.12
CA GLY A 60 1.57 17.21 0.75
C GLY A 60 1.16 16.41 1.98
N PRO A 61 0.34 15.36 1.75
CA PRO A 61 -0.11 14.51 2.84
C PRO A 61 1.00 13.57 3.30
N PRO A 62 0.86 13.10 4.57
CA PRO A 62 1.84 12.20 5.15
C PRO A 62 1.70 10.79 4.57
N PHE A 63 2.84 10.24 4.19
CA PHE A 63 2.86 8.90 3.61
C PHE A 63 3.83 8.00 4.38
N ALA A 64 3.57 6.70 4.29
CA ALA A 64 4.41 5.72 4.96
C ALA A 64 4.23 4.35 4.30
N PHE A 65 5.15 3.45 4.61
CA PHE A 65 5.11 2.11 4.06
C PHE A 65 4.94 1.07 5.17
N VAL A 66 4.26 -0.02 4.81
CA VAL A 66 4.02 -1.09 5.76
C VAL A 66 4.61 -2.39 5.21
N GLU A 67 5.48 -3.00 6.00
CA GLU A 67 6.12 -4.24 5.60
C GLU A 67 5.48 -5.42 6.32
N PHE A 68 4.97 -6.36 5.52
CA PHE A 68 4.32 -7.53 6.07
C PHE A 68 5.26 -8.75 6.03
N GLU A 69 4.99 -9.70 6.91
CA GLU A 69 5.80 -10.90 6.97
C GLU A 69 5.51 -11.80 5.77
N ASP A 70 4.26 -11.78 5.34
CA ASP A 70 3.84 -12.59 4.21
C ASP A 70 3.12 -11.69 3.19
N PRO A 71 3.25 -12.08 1.90
CA PRO A 71 2.61 -11.33 0.83
C PRO A 71 1.10 -11.60 0.79
N ARG A 72 0.76 -12.87 0.89
CA ARG A 72 -0.64 -13.27 0.88
C ARG A 72 -1.48 -12.31 1.72
N ASP A 73 -0.96 -12.01 2.90
CA ASP A 73 -1.65 -11.10 3.80
C ASP A 73 -1.42 -9.66 3.36
N ALA A 74 -0.19 -9.40 2.92
CA ALA A 74 0.18 -8.07 2.47
C ALA A 74 -0.78 -7.63 1.36
N GLU A 75 -1.33 -8.63 0.67
CA GLU A 75 -2.26 -8.36 -0.41
C GLU A 75 -3.67 -8.16 0.13
N ASP A 76 -4.18 -9.20 0.78
CA ASP A 76 -5.51 -9.14 1.35
C ASP A 76 -5.71 -7.79 2.04
N ALA A 77 -4.61 -7.22 2.50
CA ALA A 77 -4.65 -5.94 3.17
C ALA A 77 -4.74 -4.83 2.12
N VAL A 78 -3.64 -4.64 1.40
CA VAL A 78 -3.57 -3.63 0.37
C VAL A 78 -4.90 -3.61 -0.41
N TYR A 79 -5.47 -4.80 -0.55
CA TYR A 79 -6.72 -4.93 -1.27
C TYR A 79 -7.88 -4.32 -0.47
N GLY A 80 -8.04 -4.82 0.74
CA GLY A 80 -9.10 -4.33 1.61
C GLY A 80 -8.87 -2.87 2.00
N ARG A 81 -7.77 -2.65 2.72
CA ARG A 81 -7.42 -1.31 3.16
C ARG A 81 -7.74 -0.30 2.06
N ASP A 82 -7.27 -0.60 0.87
CA ASP A 82 -7.49 0.28 -0.27
C ASP A 82 -8.97 0.70 -0.30
N GLY A 83 -9.23 1.88 0.24
CA GLY A 83 -10.58 2.41 0.28
C GLY A 83 -11.13 2.40 1.70
N TYR A 84 -10.24 2.70 2.64
CA TYR A 84 -10.61 2.74 4.05
C TYR A 84 -10.81 4.18 4.52
N ASP A 85 -11.60 4.32 5.59
CA ASP A 85 -11.87 5.63 6.14
C ASP A 85 -11.49 5.63 7.63
N TYR A 86 -10.42 6.37 7.93
CA TYR A 86 -9.95 6.47 9.30
C TYR A 86 -9.99 7.91 9.79
N ASP A 87 -10.51 8.08 10.99
CA ASP A 87 -10.61 9.40 11.59
C ASP A 87 -11.50 10.28 10.70
N GLY A 88 -12.26 9.63 9.85
CA GLY A 88 -13.15 10.34 8.94
C GLY A 88 -12.44 10.68 7.63
N TYR A 89 -11.13 10.52 7.65
CA TYR A 89 -10.32 10.80 6.47
C TYR A 89 -10.15 9.55 5.60
N ARG A 90 -10.12 9.77 4.29
CA ARG A 90 -9.95 8.68 3.36
C ARG A 90 -8.48 8.36 3.15
N LEU A 91 -8.18 7.08 3.01
CA LEU A 91 -6.82 6.64 2.81
C LEU A 91 -6.71 5.90 1.47
N ARG A 92 -5.48 5.74 1.01
CA ARG A 92 -5.23 5.06 -0.25
C ARG A 92 -4.09 4.05 -0.09
N VAL A 93 -4.48 2.79 -0.07
CA VAL A 93 -3.50 1.71 0.08
C VAL A 93 -3.23 1.08 -1.29
N GLU A 94 -1.97 1.06 -1.66
CA GLU A 94 -1.57 0.49 -2.93
C GLU A 94 -0.07 0.13 -2.91
N PHE A 95 0.29 -0.80 -3.79
CA PHE A 95 1.68 -1.23 -3.88
C PHE A 95 2.55 -0.17 -4.54
N PRO A 96 3.85 -0.16 -4.13
CA PRO A 96 4.79 0.80 -4.68
C PRO A 96 5.21 0.41 -6.10
N ARG A 97 4.64 1.13 -7.06
CA ARG A 97 4.94 0.88 -8.46
C ARG A 97 6.43 1.08 -8.73
N SER A 98 6.90 2.27 -8.41
CA SER A 98 8.30 2.60 -8.61
C SER A 98 8.70 2.36 -10.07
N GLY A 99 8.55 3.40 -10.87
CA GLY A 99 8.89 3.31 -12.28
C GLY A 99 9.13 4.70 -12.88
N ARG A 100 10.14 4.77 -13.73
CA ARG A 100 10.48 6.03 -14.38
C ARG A 100 11.48 5.78 -15.50
N GLY A 101 11.30 6.53 -16.59
CA GLY A 101 12.18 6.41 -17.73
C GLY A 101 13.08 7.64 -17.88
N THR A 102 14.02 7.55 -18.80
CA THR A 102 14.94 8.64 -19.05
C THR A 102 14.67 9.28 -20.41
N GLY A 103 14.82 8.46 -21.45
CA GLY A 103 14.60 8.93 -22.80
C GLY A 103 13.29 9.70 -22.91
N SER A 104 13.35 10.80 -23.65
CA SER A 104 12.19 11.64 -23.83
C SER A 104 12.49 12.73 -24.87
N GLY A 105 12.42 12.32 -26.14
CA GLY A 105 12.68 13.24 -27.23
C GLY A 105 11.41 14.00 -27.62
N PRO A 106 11.49 14.68 -28.80
CA PRO A 106 10.36 15.45 -29.29
C PRO A 106 9.28 14.53 -29.86
N SER A 107 8.30 14.22 -29.02
CA SER A 107 7.21 13.36 -29.42
C SER A 107 7.75 11.99 -29.84
N SER A 108 6.84 11.06 -30.02
CA SER A 108 7.21 9.71 -30.42
C SER A 108 7.89 9.74 -31.79
N GLY A 109 7.16 10.22 -32.78
CA GLY A 109 7.69 10.31 -34.13
C GLY A 109 6.63 10.83 -35.10
N GLY A 1 -7.73 4.53 -39.47
CA GLY A 1 -7.96 3.62 -38.36
C GLY A 1 -9.42 3.14 -38.31
N SER A 2 -9.65 2.15 -37.47
CA SER A 2 -10.99 1.60 -37.32
C SER A 2 -11.03 0.63 -36.14
N SER A 3 -11.43 1.15 -34.99
CA SER A 3 -11.52 0.34 -33.79
C SER A 3 -12.34 1.06 -32.72
N GLY A 4 -12.70 0.31 -31.69
CA GLY A 4 -13.47 0.88 -30.60
C GLY A 4 -14.09 -0.23 -29.74
N SER A 5 -14.30 0.11 -28.47
CA SER A 5 -14.88 -0.86 -27.54
C SER A 5 -14.98 -0.23 -26.14
N SER A 6 -15.68 -0.92 -25.27
CA SER A 6 -15.86 -0.45 -23.90
C SER A 6 -16.47 -1.55 -23.04
N GLY A 7 -16.49 -1.30 -21.74
CA GLY A 7 -17.04 -2.26 -20.79
C GLY A 7 -17.15 -1.65 -19.40
N MET A 8 -17.32 -2.53 -18.42
CA MET A 8 -17.44 -2.10 -17.04
C MET A 8 -16.65 -3.02 -16.10
N SER A 9 -15.80 -2.41 -15.30
CA SER A 9 -14.99 -3.16 -14.36
C SER A 9 -14.24 -2.21 -13.44
N GLY A 10 -13.64 -2.79 -12.40
CA GLY A 10 -12.90 -2.00 -11.42
C GLY A 10 -12.01 -0.96 -12.13
N GLY A 11 -10.77 -1.34 -12.35
CA GLY A 11 -9.82 -0.45 -13.01
C GLY A 11 -8.42 -0.61 -12.42
N GLY A 12 -7.50 -1.07 -13.25
CA GLY A 12 -6.13 -1.27 -12.83
C GLY A 12 -5.80 -2.76 -12.72
N VAL A 13 -6.27 -3.51 -13.71
CA VAL A 13 -6.03 -4.93 -13.75
C VAL A 13 -5.74 -5.37 -15.19
N ILE A 14 -4.81 -4.66 -15.80
CA ILE A 14 -4.43 -4.95 -17.18
C ILE A 14 -4.05 -6.43 -17.28
N ARG A 15 -3.15 -6.85 -16.41
CA ARG A 15 -2.70 -8.23 -16.39
C ARG A 15 -1.57 -8.40 -15.37
N GLY A 16 -1.46 -9.63 -14.87
CA GLY A 16 -0.43 -9.94 -13.89
C GLY A 16 -0.26 -11.45 -13.74
N PRO A 17 1.00 -11.87 -13.47
CA PRO A 17 1.30 -13.28 -13.30
C PRO A 17 0.81 -13.78 -11.94
N ALA A 18 1.31 -13.14 -10.89
CA ALA A 18 0.93 -13.51 -9.54
C ALA A 18 1.49 -12.49 -8.55
N GLY A 19 1.14 -12.67 -7.29
CA GLY A 19 1.61 -11.77 -6.25
C GLY A 19 2.98 -12.20 -5.73
N ASN A 20 4.01 -11.64 -6.35
CA ASN A 20 5.38 -11.96 -5.97
C ASN A 20 6.22 -10.67 -5.99
N ASN A 21 7.31 -10.71 -5.25
CA ASN A 21 8.21 -9.57 -5.17
C ASN A 21 7.46 -8.39 -4.54
N ASP A 22 8.19 -7.61 -3.76
CA ASP A 22 7.61 -6.46 -3.10
C ASP A 22 6.50 -6.92 -2.16
N CYS A 23 6.78 -6.84 -0.87
CA CYS A 23 5.81 -7.24 0.14
C CYS A 23 5.56 -6.05 1.06
N ARG A 24 5.69 -4.87 0.51
CA ARG A 24 5.48 -3.64 1.26
C ARG A 24 4.37 -2.80 0.62
N ILE A 25 3.34 -2.53 1.41
CA ILE A 25 2.23 -1.74 0.93
C ILE A 25 2.41 -0.28 1.36
N TYR A 26 2.21 0.61 0.41
CA TYR A 26 2.36 2.04 0.68
C TYR A 26 1.01 2.67 1.00
N VAL A 27 1.00 3.50 2.03
CA VAL A 27 -0.22 4.17 2.46
C VAL A 27 -0.05 5.68 2.26
N GLY A 28 -1.13 6.30 1.78
CA GLY A 28 -1.11 7.73 1.54
C GLY A 28 -2.41 8.38 2.01
N ASN A 29 -2.52 9.67 1.76
CA ASN A 29 -3.70 10.42 2.15
C ASN A 29 -3.92 10.26 3.66
N LEU A 30 -2.81 10.03 4.36
CA LEU A 30 -2.87 9.87 5.80
C LEU A 30 -3.08 11.24 6.47
N PRO A 31 -3.60 11.20 7.72
CA PRO A 31 -3.85 12.41 8.47
C PRO A 31 -2.54 13.02 8.98
N PRO A 32 -2.64 14.30 9.44
CA PRO A 32 -1.48 14.99 9.97
C PRO A 32 -1.11 14.49 11.36
N ASP A 33 -2.13 14.04 12.08
CA ASP A 33 -1.94 13.53 13.42
C ASP A 33 -2.04 12.00 13.40
N ILE A 34 -1.31 11.41 12.46
CA ILE A 34 -1.31 9.96 12.33
C ILE A 34 -0.12 9.38 13.10
N ARG A 35 -0.26 8.12 13.49
CA ARG A 35 0.78 7.44 14.23
C ARG A 35 1.11 6.11 13.58
N THR A 36 2.39 5.76 13.63
CA THR A 36 2.85 4.51 13.04
C THR A 36 2.10 3.32 13.66
N LYS A 37 1.65 3.53 14.88
CA LYS A 37 0.90 2.50 15.59
C LYS A 37 -0.52 2.43 15.04
N ASP A 38 -1.20 3.56 15.10
CA ASP A 38 -2.57 3.64 14.62
C ASP A 38 -2.65 3.00 13.23
N ILE A 39 -1.69 3.35 12.40
CA ILE A 39 -1.64 2.82 11.05
C ILE A 39 -1.37 1.32 11.10
N GLU A 40 -0.68 0.91 12.16
CA GLU A 40 -0.34 -0.48 12.34
C GLU A 40 -1.58 -1.28 12.76
N ASP A 41 -2.04 -0.99 13.98
CA ASP A 41 -3.20 -1.66 14.51
C ASP A 41 -4.29 -1.74 13.43
N VAL A 42 -4.26 -0.77 12.53
CA VAL A 42 -5.22 -0.70 11.45
C VAL A 42 -5.11 -1.99 10.61
N PHE A 43 -3.93 -2.18 10.04
CA PHE A 43 -3.68 -3.35 9.21
C PHE A 43 -3.43 -4.59 10.08
N TYR A 44 -3.05 -4.33 11.32
CA TYR A 44 -2.77 -5.41 12.25
C TYR A 44 -3.98 -6.33 12.40
N LYS A 45 -5.12 -5.84 11.95
CA LYS A 45 -6.36 -6.60 12.02
C LYS A 45 -6.32 -7.72 10.99
N TYR A 46 -5.41 -7.56 10.03
CA TYR A 46 -5.27 -8.55 8.97
C TYR A 46 -4.15 -9.55 9.30
N GLY A 47 -2.95 -9.01 9.47
CA GLY A 47 -1.79 -9.84 9.79
C GLY A 47 -0.85 -9.11 10.74
N ALA A 48 0.43 -9.39 10.57
CA ALA A 48 1.46 -8.76 11.41
C ALA A 48 2.35 -7.88 10.55
N ILE A 49 2.78 -6.78 11.13
CA ILE A 49 3.64 -5.83 10.43
C ILE A 49 5.10 -6.08 10.84
N ARG A 50 5.97 -6.01 9.85
CA ARG A 50 7.39 -6.21 10.10
C ARG A 50 8.08 -4.87 10.39
N ASP A 51 7.55 -3.83 9.77
CA ASP A 51 8.11 -2.50 9.96
C ASP A 51 7.25 -1.48 9.21
N ILE A 52 7.30 -0.24 9.68
CA ILE A 52 6.53 0.82 9.06
C ILE A 52 7.44 2.02 8.82
N ASP A 53 7.76 2.23 7.56
CA ASP A 53 8.63 3.34 7.17
C ASP A 53 7.75 4.56 6.85
N LEU A 54 7.83 5.54 7.75
CA LEU A 54 7.07 6.77 7.58
C LEU A 54 8.02 7.93 7.29
N LYS A 55 7.76 8.62 6.19
CA LYS A 55 8.60 9.74 5.80
C LYS A 55 8.07 11.01 6.47
N ASN A 56 8.21 11.05 7.79
CA ASN A 56 7.75 12.18 8.56
C ASN A 56 8.59 13.41 8.18
N ARG A 57 8.00 14.26 7.36
CA ARG A 57 8.67 15.47 6.92
C ARG A 57 7.80 16.24 5.93
N ARG A 58 7.94 17.56 5.96
CA ARG A 58 7.17 18.41 5.07
C ARG A 58 7.21 17.87 3.64
N GLY A 59 6.17 18.18 2.90
CA GLY A 59 6.06 17.73 1.52
C GLY A 59 4.78 16.94 1.29
N GLY A 60 3.72 17.68 1.01
CA GLY A 60 2.42 17.06 0.75
C GLY A 60 1.93 16.30 2.00
N PRO A 61 1.06 15.29 1.73
CA PRO A 61 0.51 14.48 2.81
C PRO A 61 1.56 13.49 3.34
N PRO A 62 1.31 13.00 4.58
CA PRO A 62 2.22 12.05 5.20
C PRO A 62 2.07 10.66 4.58
N PHE A 63 3.20 10.13 4.12
CA PHE A 63 3.22 8.82 3.50
C PHE A 63 4.18 7.88 4.23
N ALA A 64 3.91 6.59 4.10
CA ALA A 64 4.75 5.59 4.74
C ALA A 64 4.59 4.26 4.00
N PHE A 65 5.49 3.33 4.30
CA PHE A 65 5.46 2.02 3.68
C PHE A 65 5.39 0.91 4.73
N VAL A 66 4.25 0.23 4.75
CA VAL A 66 4.04 -0.85 5.70
C VAL A 66 4.49 -2.17 5.07
N GLU A 67 5.27 -2.91 5.83
CA GLU A 67 5.76 -4.20 5.36
C GLU A 67 5.08 -5.35 6.11
N PHE A 68 4.73 -6.38 5.35
CA PHE A 68 4.07 -7.53 5.92
C PHE A 68 5.00 -8.75 5.92
N GLU A 69 4.83 -9.59 6.94
CA GLU A 69 5.64 -10.78 7.06
C GLU A 69 5.44 -11.69 5.86
N ASP A 70 4.18 -11.90 5.52
CA ASP A 70 3.84 -12.73 4.38
C ASP A 70 3.26 -11.86 3.25
N PRO A 71 3.37 -12.40 2.01
CA PRO A 71 2.88 -11.68 0.84
C PRO A 71 1.34 -11.75 0.78
N ARG A 72 0.83 -12.96 0.91
CA ARG A 72 -0.61 -13.16 0.86
C ARG A 72 -1.33 -12.08 1.66
N ASP A 73 -0.93 -11.96 2.92
CA ASP A 73 -1.52 -10.96 3.80
C ASP A 73 -1.27 -9.56 3.25
N ALA A 74 0.00 -9.31 2.95
CA ALA A 74 0.40 -8.02 2.41
C ALA A 74 -0.63 -7.56 1.38
N GLU A 75 -1.11 -8.52 0.60
CA GLU A 75 -2.10 -8.23 -0.43
C GLU A 75 -3.48 -8.05 0.21
N ASP A 76 -3.95 -9.11 0.83
CA ASP A 76 -5.26 -9.08 1.48
C ASP A 76 -5.43 -7.73 2.20
N ALA A 77 -4.31 -7.18 2.63
CA ALA A 77 -4.33 -5.91 3.32
C ALA A 77 -4.55 -4.79 2.31
N VAL A 78 -3.56 -4.60 1.45
CA VAL A 78 -3.64 -3.56 0.44
C VAL A 78 -5.01 -3.62 -0.25
N TYR A 79 -5.51 -4.85 -0.37
CA TYR A 79 -6.81 -5.06 -0.99
C TYR A 79 -7.95 -4.87 0.01
N GLY A 80 -7.66 -5.23 1.25
CA GLY A 80 -8.64 -5.10 2.31
C GLY A 80 -8.97 -3.63 2.60
N ARG A 81 -7.96 -2.92 3.08
CA ARG A 81 -8.13 -1.51 3.40
C ARG A 81 -8.33 -0.70 2.11
N ASP A 82 -7.24 -0.13 1.64
CA ASP A 82 -7.28 0.68 0.42
C ASP A 82 -8.54 1.53 0.43
N GLY A 83 -8.41 2.75 0.93
CA GLY A 83 -9.53 3.67 0.99
C GLY A 83 -10.28 3.54 2.33
N TYR A 84 -9.50 3.29 3.38
CA TYR A 84 -10.08 3.14 4.70
C TYR A 84 -10.37 4.50 5.34
N ASP A 85 -11.50 4.57 6.03
CA ASP A 85 -11.91 5.81 6.69
C ASP A 85 -11.28 5.87 8.08
N TYR A 86 -10.35 6.80 8.23
CA TYR A 86 -9.68 6.98 9.50
C TYR A 86 -10.06 8.31 10.16
N ASP A 87 -11.09 8.26 10.98
CA ASP A 87 -11.57 9.44 11.67
C ASP A 87 -12.07 10.46 10.64
N GLY A 88 -12.39 9.94 9.45
CA GLY A 88 -12.88 10.78 8.39
C GLY A 88 -11.82 10.96 7.29
N TYR A 89 -10.57 10.78 7.69
CA TYR A 89 -9.45 10.91 6.77
C TYR A 89 -9.30 9.64 5.91
N ARG A 90 -9.48 9.83 4.61
CA ARG A 90 -9.36 8.72 3.68
C ARG A 90 -7.88 8.37 3.45
N LEU A 91 -7.61 7.08 3.42
CA LEU A 91 -6.25 6.60 3.21
C LEU A 91 -6.16 5.93 1.84
N ARG A 92 -4.96 5.99 1.28
CA ARG A 92 -4.73 5.40 -0.04
C ARG A 92 -3.67 4.29 0.07
N VAL A 93 -4.14 3.06 0.01
CA VAL A 93 -3.25 1.91 0.08
C VAL A 93 -3.06 1.32 -1.31
N GLU A 94 -1.81 1.30 -1.75
CA GLU A 94 -1.48 0.77 -3.06
C GLU A 94 0.01 0.41 -3.12
N PHE A 95 0.29 -0.63 -3.90
CA PHE A 95 1.66 -1.09 -4.06
C PHE A 95 2.51 -0.05 -4.79
N PRO A 96 3.81 0.00 -4.43
CA PRO A 96 4.73 0.93 -5.04
C PRO A 96 5.12 0.48 -6.45
N ARG A 97 4.17 0.66 -7.37
CA ARG A 97 4.39 0.27 -8.75
C ARG A 97 4.67 -1.23 -8.85
N SER A 98 5.92 -1.58 -8.59
CA SER A 98 6.33 -2.97 -8.65
C SER A 98 6.41 -3.44 -10.10
N GLY A 99 7.58 -3.22 -10.70
CA GLY A 99 7.79 -3.61 -12.08
C GLY A 99 7.51 -2.44 -13.03
N ARG A 100 8.42 -2.25 -13.96
CA ARG A 100 8.29 -1.18 -14.94
C ARG A 100 7.36 -1.61 -16.08
N GLY A 101 7.61 -2.81 -16.59
CA GLY A 101 6.80 -3.35 -17.67
C GLY A 101 7.62 -3.43 -18.96
N THR A 102 7.37 -2.46 -19.84
CA THR A 102 8.07 -2.41 -21.11
C THR A 102 8.23 -3.82 -21.69
N GLY A 103 7.17 -4.28 -22.34
CA GLY A 103 7.17 -5.60 -22.95
C GLY A 103 6.56 -5.56 -24.35
N SER A 104 6.09 -6.72 -24.79
CA SER A 104 5.50 -6.83 -26.11
C SER A 104 4.94 -8.24 -26.31
N GLY A 105 3.93 -8.33 -27.16
CA GLY A 105 3.30 -9.61 -27.46
C GLY A 105 2.93 -9.71 -28.93
N PRO A 106 2.85 -10.98 -29.42
CA PRO A 106 2.51 -11.23 -30.81
C PRO A 106 1.01 -11.00 -31.05
N SER A 107 0.67 -10.82 -32.32
CA SER A 107 -0.71 -10.59 -32.70
C SER A 107 -1.31 -11.87 -33.28
N SER A 108 -2.64 -11.93 -33.24
CA SER A 108 -3.35 -13.10 -33.75
C SER A 108 -4.51 -12.65 -34.64
N GLY A 109 -5.07 -13.61 -35.35
CA GLY A 109 -6.18 -13.32 -36.25
C GLY A 109 -5.78 -12.33 -37.33
N GLY A 1 -40.62 -6.53 10.67
CA GLY A 1 -39.61 -5.64 10.10
C GLY A 1 -40.03 -4.17 10.28
N SER A 2 -39.42 -3.32 9.48
CA SER A 2 -39.70 -1.89 9.53
C SER A 2 -39.32 -1.23 8.22
N SER A 3 -38.03 -1.35 7.88
CA SER A 3 -37.52 -0.76 6.66
C SER A 3 -36.02 -1.03 6.54
N GLY A 4 -35.49 -0.72 5.36
CA GLY A 4 -34.08 -0.93 5.11
C GLY A 4 -33.80 -1.02 3.61
N SER A 5 -32.80 -0.26 3.18
CA SER A 5 -32.42 -0.25 1.77
C SER A 5 -31.27 0.73 1.55
N SER A 6 -30.34 0.31 0.69
CA SER A 6 -29.18 1.14 0.39
C SER A 6 -28.41 0.54 -0.79
N GLY A 7 -27.49 1.33 -1.31
CA GLY A 7 -26.68 0.90 -2.44
C GLY A 7 -25.98 2.09 -3.11
N MET A 8 -24.79 1.84 -3.60
CA MET A 8 -24.01 2.87 -4.27
C MET A 8 -22.69 2.32 -4.79
N SER A 9 -22.27 2.83 -5.94
CA SER A 9 -21.03 2.40 -6.55
C SER A 9 -20.79 3.16 -7.86
N GLY A 10 -19.55 3.18 -8.28
CA GLY A 10 -19.18 3.87 -9.51
C GLY A 10 -17.69 4.21 -9.52
N GLY A 11 -17.10 4.15 -10.71
CA GLY A 11 -15.70 4.45 -10.87
C GLY A 11 -14.99 3.35 -11.68
N GLY A 12 -13.74 3.63 -12.02
CA GLY A 12 -12.95 2.69 -12.79
C GLY A 12 -11.82 2.11 -11.94
N VAL A 13 -11.66 0.79 -12.05
CA VAL A 13 -10.62 0.11 -11.30
C VAL A 13 -9.65 -0.56 -12.27
N ILE A 14 -8.68 0.22 -12.71
CA ILE A 14 -7.68 -0.28 -13.65
C ILE A 14 -6.62 -1.06 -12.88
N ARG A 15 -6.17 -2.15 -13.50
CA ARG A 15 -5.16 -3.00 -12.89
C ARG A 15 -4.05 -2.15 -12.28
N GLY A 16 -3.87 -0.97 -12.86
CA GLY A 16 -2.84 -0.05 -12.38
C GLY A 16 -1.45 -0.59 -12.66
N PRO A 17 -0.43 0.30 -12.51
CA PRO A 17 0.94 -0.07 -12.76
C PRO A 17 1.49 -0.92 -11.61
N ALA A 18 1.06 -2.17 -11.59
CA ALA A 18 1.49 -3.10 -10.55
C ALA A 18 2.58 -4.01 -11.11
N GLY A 19 3.20 -4.77 -10.22
CA GLY A 19 4.25 -5.69 -10.60
C GLY A 19 3.82 -7.14 -10.41
N ASN A 20 4.58 -7.85 -9.58
CA ASN A 20 4.28 -9.24 -9.30
C ASN A 20 3.82 -9.38 -7.85
N ASN A 21 4.68 -8.94 -6.94
CA ASN A 21 4.37 -9.00 -5.52
C ASN A 21 5.21 -7.96 -4.78
N ASP A 22 4.56 -7.28 -3.85
CA ASP A 22 5.23 -6.27 -3.06
C ASP A 22 4.82 -6.40 -1.60
N CYS A 23 5.53 -7.27 -0.88
CA CYS A 23 5.24 -7.49 0.53
C CYS A 23 5.07 -6.14 1.21
N ARG A 24 5.80 -5.16 0.70
CA ARG A 24 5.74 -3.82 1.25
C ARG A 24 4.64 -3.01 0.55
N ILE A 25 3.69 -2.55 1.35
CA ILE A 25 2.59 -1.76 0.83
C ILE A 25 2.77 -0.30 1.22
N TYR A 26 2.20 0.58 0.41
CA TYR A 26 2.30 2.01 0.67
C TYR A 26 0.93 2.61 0.98
N VAL A 27 0.88 3.37 2.06
CA VAL A 27 -0.36 4.00 2.48
C VAL A 27 -0.26 5.52 2.26
N GLY A 28 -1.24 6.04 1.54
CA GLY A 28 -1.28 7.46 1.25
C GLY A 28 -2.56 8.10 1.79
N ASN A 29 -2.69 9.39 1.52
CA ASN A 29 -3.85 10.14 1.98
C ASN A 29 -4.07 9.87 3.48
N LEU A 30 -3.05 10.22 4.25
CA LEU A 30 -3.12 10.02 5.69
C LEU A 30 -3.37 11.38 6.37
N PRO A 31 -3.87 11.30 7.63
CA PRO A 31 -4.15 12.50 8.40
C PRO A 31 -2.87 13.14 8.92
N PRO A 32 -3.00 14.41 9.38
CA PRO A 32 -1.86 15.14 9.91
C PRO A 32 -1.48 14.64 11.30
N ASP A 33 -2.47 14.08 11.98
CA ASP A 33 -2.25 13.57 13.32
C ASP A 33 -2.32 12.04 13.29
N ILE A 34 -1.56 11.46 12.38
CA ILE A 34 -1.53 10.02 12.22
C ILE A 34 -0.32 9.47 12.98
N ARG A 35 -0.43 8.19 13.35
CA ARG A 35 0.64 7.53 14.08
C ARG A 35 1.01 6.21 13.40
N THR A 36 2.30 5.93 13.38
CA THR A 36 2.79 4.70 12.76
C THR A 36 2.15 3.48 13.44
N LYS A 37 1.78 3.67 14.69
CA LYS A 37 1.17 2.59 15.45
C LYS A 37 -0.28 2.41 14.99
N ASP A 38 -1.02 3.50 15.04
CA ASP A 38 -2.42 3.47 14.63
C ASP A 38 -2.53 2.83 13.25
N ILE A 39 -1.52 3.09 12.42
CA ILE A 39 -1.49 2.54 11.08
C ILE A 39 -1.11 1.05 11.15
N GLU A 40 -0.39 0.70 12.20
CA GLU A 40 0.02 -0.67 12.40
C GLU A 40 -1.17 -1.55 12.77
N ASP A 41 -1.76 -1.23 13.91
CA ASP A 41 -2.91 -1.97 14.40
C ASP A 41 -3.98 -2.03 13.30
N VAL A 42 -4.08 -0.94 12.55
CA VAL A 42 -5.04 -0.85 11.47
C VAL A 42 -4.93 -2.10 10.59
N PHE A 43 -3.71 -2.36 10.15
CA PHE A 43 -3.46 -3.53 9.31
C PHE A 43 -3.31 -4.79 10.14
N TYR A 44 -2.60 -4.64 11.26
CA TYR A 44 -2.38 -5.75 12.16
C TYR A 44 -3.61 -6.65 12.26
N LYS A 45 -4.77 -6.00 12.24
CA LYS A 45 -6.03 -6.71 12.33
C LYS A 45 -5.97 -7.95 11.43
N TYR A 46 -5.20 -7.83 10.36
CA TYR A 46 -5.05 -8.93 9.43
C TYR A 46 -3.98 -9.91 9.90
N GLY A 47 -2.79 -9.37 10.15
CA GLY A 47 -1.68 -10.19 10.60
C GLY A 47 -0.72 -9.37 11.47
N ALA A 48 0.55 -9.47 11.14
CA ALA A 48 1.58 -8.76 11.88
C ALA A 48 2.39 -7.89 10.90
N ILE A 49 3.13 -6.95 11.47
CA ILE A 49 3.95 -6.05 10.67
C ILE A 49 5.42 -6.32 10.97
N ARG A 50 6.26 -5.97 10.00
CA ARG A 50 7.70 -6.16 10.15
C ARG A 50 8.39 -4.82 10.42
N ASP A 51 7.76 -3.76 9.94
CA ASP A 51 8.30 -2.42 10.12
C ASP A 51 7.43 -1.42 9.36
N ILE A 52 7.48 -0.17 9.82
CA ILE A 52 6.71 0.88 9.19
C ILE A 52 7.61 2.09 8.93
N ASP A 53 7.68 2.46 7.66
CA ASP A 53 8.51 3.59 7.26
C ASP A 53 7.61 4.80 6.96
N LEU A 54 7.69 5.79 7.85
CA LEU A 54 6.89 6.98 7.69
C LEU A 54 7.81 8.18 7.41
N LYS A 55 7.52 8.89 6.33
CA LYS A 55 8.31 10.04 5.96
C LYS A 55 7.70 11.30 6.57
N ASN A 56 6.60 11.73 5.96
CA ASN A 56 5.89 12.91 6.43
C ASN A 56 6.65 14.16 5.96
N ARG A 57 7.86 14.31 6.47
CA ARG A 57 8.69 15.45 6.10
C ARG A 57 8.86 15.52 4.58
N ARG A 58 7.98 16.28 3.96
CA ARG A 58 8.03 16.44 2.51
C ARG A 58 6.80 17.20 2.03
N GLY A 59 6.67 17.28 0.71
CA GLY A 59 5.54 17.96 0.10
C GLY A 59 4.32 17.05 0.00
N GLY A 60 3.15 17.64 0.22
CA GLY A 60 1.91 16.88 0.16
C GLY A 60 1.55 16.31 1.53
N PRO A 61 0.62 15.33 1.51
CA PRO A 61 0.18 14.69 2.74
C PRO A 61 1.24 13.72 3.26
N PRO A 62 1.04 13.26 4.52
CA PRO A 62 1.96 12.33 5.15
C PRO A 62 1.79 10.92 4.58
N PHE A 63 2.92 10.31 4.24
CA PHE A 63 2.91 8.97 3.69
C PHE A 63 3.88 8.06 4.44
N ALA A 64 3.59 6.77 4.40
CA ALA A 64 4.42 5.79 5.07
C ALA A 64 4.20 4.41 4.43
N PHE A 65 5.18 3.55 4.63
CA PHE A 65 5.10 2.20 4.08
C PHE A 65 5.01 1.16 5.19
N VAL A 66 4.14 0.18 4.98
CA VAL A 66 3.95 -0.88 5.95
C VAL A 66 4.44 -2.21 5.36
N GLU A 67 5.37 -2.82 6.07
CA GLU A 67 5.93 -4.09 5.63
C GLU A 67 5.20 -5.25 6.30
N PHE A 68 4.92 -6.28 5.49
CA PHE A 68 4.23 -7.45 5.99
C PHE A 68 5.15 -8.67 6.00
N GLU A 69 4.91 -9.55 6.96
CA GLU A 69 5.70 -10.76 7.09
C GLU A 69 5.48 -11.67 5.88
N ASP A 70 4.23 -11.71 5.42
CA ASP A 70 3.87 -12.53 4.29
C ASP A 70 3.24 -11.65 3.21
N PRO A 71 3.31 -12.16 1.95
CA PRO A 71 2.75 -11.43 0.82
C PRO A 71 1.22 -11.53 0.81
N ARG A 72 0.74 -12.76 0.94
CA ARG A 72 -0.70 -13.00 0.95
C ARG A 72 -1.41 -11.91 1.75
N ASP A 73 -1.08 -11.84 3.02
CA ASP A 73 -1.68 -10.86 3.91
C ASP A 73 -1.44 -9.45 3.34
N ALA A 74 -0.19 -9.22 2.95
CA ALA A 74 0.19 -7.93 2.39
C ALA A 74 -0.80 -7.55 1.29
N GLU A 75 -1.36 -8.58 0.65
CA GLU A 75 -2.31 -8.37 -0.42
C GLU A 75 -3.72 -8.26 0.14
N ASP A 76 -4.07 -9.24 0.97
CA ASP A 76 -5.39 -9.27 1.57
C ASP A 76 -5.67 -7.92 2.25
N ALA A 77 -4.59 -7.30 2.71
CA ALA A 77 -4.71 -6.00 3.38
C ALA A 77 -4.93 -4.91 2.32
N VAL A 78 -3.93 -4.74 1.48
CA VAL A 78 -4.00 -3.74 0.43
C VAL A 78 -5.29 -3.92 -0.36
N TYR A 79 -5.71 -5.18 -0.46
CA TYR A 79 -6.92 -5.51 -1.18
C TYR A 79 -8.15 -4.91 -0.50
N GLY A 80 -7.98 -4.57 0.77
CA GLY A 80 -9.06 -3.99 1.55
C GLY A 80 -8.69 -2.57 2.02
N ARG A 81 -7.69 -2.51 2.87
CA ARG A 81 -7.23 -1.24 3.40
C ARG A 81 -7.27 -0.16 2.31
N ASP A 82 -6.99 -0.60 1.09
CA ASP A 82 -6.99 0.31 -0.05
C ASP A 82 -8.37 0.96 -0.17
N GLY A 83 -8.48 2.17 0.35
CA GLY A 83 -9.73 2.90 0.29
C GLY A 83 -10.48 2.81 1.62
N TYR A 84 -9.71 2.79 2.70
CA TYR A 84 -10.29 2.69 4.02
C TYR A 84 -10.70 4.07 4.55
N ASP A 85 -11.50 4.07 5.60
CA ASP A 85 -11.96 5.30 6.20
C ASP A 85 -11.43 5.41 7.63
N TYR A 86 -10.30 6.11 7.75
CA TYR A 86 -9.68 6.29 9.05
C TYR A 86 -10.20 7.56 9.73
N ASP A 87 -11.19 7.37 10.58
CA ASP A 87 -11.79 8.49 11.31
C ASP A 87 -12.27 9.54 10.30
N GLY A 88 -12.68 9.04 9.13
CA GLY A 88 -13.17 9.92 8.08
C GLY A 88 -12.11 10.14 7.01
N TYR A 89 -10.86 10.18 7.45
CA TYR A 89 -9.74 10.38 6.53
C TYR A 89 -9.55 9.16 5.64
N ARG A 90 -9.77 9.37 4.35
CA ARG A 90 -9.63 8.30 3.37
C ARG A 90 -8.14 8.00 3.14
N LEU A 91 -7.82 6.72 3.19
CA LEU A 91 -6.45 6.28 2.97
C LEU A 91 -6.34 5.62 1.60
N ARG A 92 -5.16 5.77 1.00
CA ARG A 92 -4.90 5.19 -0.31
C ARG A 92 -3.76 4.17 -0.23
N VAL A 93 -4.15 2.91 -0.13
CA VAL A 93 -3.18 1.83 -0.04
C VAL A 93 -2.98 1.22 -1.43
N GLU A 94 -1.72 1.17 -1.84
CA GLU A 94 -1.39 0.62 -3.14
C GLU A 94 0.09 0.24 -3.18
N PHE A 95 0.38 -0.78 -3.99
CA PHE A 95 1.75 -1.26 -4.13
C PHE A 95 2.60 -0.25 -4.89
N PRO A 96 3.90 -0.17 -4.49
CA PRO A 96 4.84 0.75 -5.13
C PRO A 96 5.26 0.24 -6.51
N ARG A 97 5.40 1.17 -7.43
CA ARG A 97 5.80 0.83 -8.79
C ARG A 97 6.90 -0.23 -8.77
N SER A 98 6.93 -1.01 -9.83
CA SER A 98 7.92 -2.08 -9.95
C SER A 98 8.27 -2.31 -11.42
N GLY A 99 9.56 -2.21 -11.71
CA GLY A 99 10.04 -2.41 -13.08
C GLY A 99 9.31 -3.58 -13.74
N ARG A 100 8.66 -3.28 -14.85
CA ARG A 100 7.94 -4.29 -15.60
C ARG A 100 8.61 -4.55 -16.94
N GLY A 101 9.14 -5.76 -17.08
CA GLY A 101 9.81 -6.15 -18.31
C GLY A 101 8.81 -6.35 -19.44
N THR A 102 8.21 -7.53 -19.44
CA THR A 102 7.22 -7.86 -20.46
C THR A 102 7.72 -7.44 -21.85
N GLY A 103 6.81 -7.47 -22.81
CA GLY A 103 7.14 -7.09 -24.17
C GLY A 103 6.88 -8.24 -25.13
N SER A 104 5.61 -8.56 -25.30
CA SER A 104 5.21 -9.64 -26.19
C SER A 104 4.74 -9.06 -27.53
N GLY A 105 4.84 -9.89 -28.56
CA GLY A 105 4.43 -9.48 -29.89
C GLY A 105 3.11 -10.14 -30.28
N PRO A 106 2.33 -9.41 -31.13
CA PRO A 106 1.05 -9.92 -31.59
C PRO A 106 1.23 -11.01 -32.65
N SER A 107 0.23 -11.86 -32.76
CA SER A 107 0.27 -12.94 -33.73
C SER A 107 -1.11 -13.60 -33.84
N SER A 108 -1.51 -13.83 -35.08
CA SER A 108 -2.81 -14.45 -35.33
C SER A 108 -2.61 -15.78 -36.07
N GLY A 109 -3.63 -16.62 -35.97
CA GLY A 109 -3.58 -17.93 -36.62
C GLY A 109 -2.54 -18.82 -35.97
N GLY A 1 -9.11 23.83 13.45
CA GLY A 1 -8.62 23.49 12.12
C GLY A 1 -7.16 23.06 12.17
N SER A 2 -6.72 22.43 11.09
CA SER A 2 -5.35 21.97 10.99
C SER A 2 -4.94 21.82 9.53
N SER A 3 -4.36 22.89 9.00
CA SER A 3 -3.92 22.90 7.62
C SER A 3 -3.26 21.57 7.27
N GLY A 4 -3.96 20.78 6.46
CA GLY A 4 -3.45 19.49 6.06
C GLY A 4 -2.52 19.63 4.84
N SER A 5 -3.10 19.44 3.68
CA SER A 5 -2.33 19.55 2.44
C SER A 5 -3.27 19.44 1.23
N SER A 6 -2.73 19.76 0.07
CA SER A 6 -3.50 19.70 -1.16
C SER A 6 -3.36 18.31 -1.79
N GLY A 7 -4.46 17.87 -2.40
CA GLY A 7 -4.48 16.57 -3.05
C GLY A 7 -4.06 16.67 -4.51
N MET A 8 -4.51 15.71 -5.30
CA MET A 8 -4.19 15.68 -6.72
C MET A 8 -2.69 15.78 -6.94
N SER A 9 -2.04 14.62 -6.91
CA SER A 9 -0.60 14.56 -7.11
C SER A 9 -0.23 13.32 -7.92
N GLY A 10 0.85 13.43 -8.68
CA GLY A 10 1.30 12.33 -9.50
C GLY A 10 2.80 12.48 -9.82
N GLY A 11 3.60 11.68 -9.14
CA GLY A 11 5.04 11.72 -9.34
C GLY A 11 5.51 10.51 -10.16
N GLY A 12 6.32 9.68 -9.52
CA GLY A 12 6.84 8.49 -10.17
C GLY A 12 8.04 7.93 -9.40
N VAL A 13 8.41 6.71 -9.77
CA VAL A 13 9.54 6.05 -9.13
C VAL A 13 10.08 4.96 -10.04
N ILE A 14 10.50 5.38 -11.23
CA ILE A 14 11.04 4.45 -12.21
C ILE A 14 12.30 3.79 -11.64
N ARG A 15 12.83 2.84 -12.40
CA ARG A 15 14.02 2.13 -11.99
C ARG A 15 13.75 1.34 -10.70
N GLY A 16 13.86 0.03 -10.82
CA GLY A 16 13.64 -0.84 -9.68
C GLY A 16 13.81 -2.31 -10.06
N PRO A 17 13.62 -3.20 -9.06
CA PRO A 17 13.75 -4.63 -9.28
C PRO A 17 12.55 -5.18 -10.04
N ALA A 18 12.81 -6.14 -10.92
CA ALA A 18 11.76 -6.75 -11.70
C ALA A 18 11.28 -8.02 -11.01
N GLY A 19 10.04 -8.39 -11.31
CA GLY A 19 9.45 -9.57 -10.71
C GLY A 19 8.29 -9.21 -9.79
N ASN A 20 7.48 -10.20 -9.48
CA ASN A 20 6.33 -10.00 -8.62
C ASN A 20 6.59 -10.65 -7.27
N ASN A 21 7.13 -9.86 -6.36
CA ASN A 21 7.45 -10.34 -5.02
C ASN A 21 7.85 -9.16 -4.13
N ASP A 22 6.86 -8.63 -3.42
CA ASP A 22 7.11 -7.51 -2.54
C ASP A 22 6.10 -7.54 -1.39
N CYS A 23 6.62 -7.41 -0.18
CA CYS A 23 5.77 -7.42 1.00
C CYS A 23 5.73 -6.00 1.59
N ARG A 24 5.77 -5.03 0.69
CA ARG A 24 5.75 -3.64 1.10
C ARG A 24 4.59 -2.91 0.42
N ILE A 25 3.69 -2.40 1.25
CA ILE A 25 2.53 -1.68 0.76
C ILE A 25 2.63 -0.21 1.16
N TYR A 26 2.48 0.66 0.18
CA TYR A 26 2.55 2.09 0.43
C TYR A 26 1.17 2.65 0.79
N VAL A 27 1.14 3.42 1.86
CA VAL A 27 -0.09 4.03 2.33
C VAL A 27 -0.04 5.53 2.08
N GLY A 28 -1.13 6.04 1.50
CA GLY A 28 -1.21 7.46 1.20
C GLY A 28 -2.53 8.05 1.72
N ASN A 29 -2.69 9.34 1.51
CA ASN A 29 -3.89 10.04 1.95
C ASN A 29 -4.09 9.79 3.44
N LEU A 30 -3.09 10.18 4.21
CA LEU A 30 -3.14 10.01 5.66
C LEU A 30 -3.31 11.39 6.32
N PRO A 31 -3.81 11.36 7.58
CA PRO A 31 -4.01 12.58 8.33
C PRO A 31 -2.69 13.15 8.83
N PRO A 32 -2.74 14.43 9.28
CA PRO A 32 -1.56 15.10 9.79
C PRO A 32 -1.21 14.60 11.19
N ASP A 33 -2.22 14.17 11.91
CA ASP A 33 -2.04 13.66 13.25
C ASP A 33 -2.16 12.13 13.24
N ILE A 34 -1.45 11.54 12.29
CA ILE A 34 -1.46 10.08 12.17
C ILE A 34 -0.24 9.50 12.89
N ARG A 35 -0.37 8.25 13.27
CA ARG A 35 0.70 7.56 13.98
C ARG A 35 1.01 6.23 13.30
N THR A 36 2.28 5.83 13.37
CA THR A 36 2.71 4.58 12.77
C THR A 36 2.04 3.40 13.46
N LYS A 37 1.55 3.66 14.67
CA LYS A 37 0.88 2.62 15.43
C LYS A 37 -0.56 2.48 14.95
N ASP A 38 -1.29 3.59 15.02
CA ASP A 38 -2.67 3.61 14.59
C ASP A 38 -2.79 2.95 13.22
N ILE A 39 -1.80 3.20 12.38
CA ILE A 39 -1.77 2.63 11.05
C ILE A 39 -1.46 1.13 11.14
N GLU A 40 -0.65 0.79 12.13
CA GLU A 40 -0.27 -0.60 12.34
C GLU A 40 -1.50 -1.43 12.68
N ASP A 41 -2.08 -1.14 13.84
CA ASP A 41 -3.26 -1.86 14.28
C ASP A 41 -4.19 -2.11 13.10
N VAL A 42 -4.45 -1.04 12.35
CA VAL A 42 -5.31 -1.12 11.19
C VAL A 42 -4.97 -2.38 10.40
N PHE A 43 -3.77 -2.40 9.84
CA PHE A 43 -3.32 -3.53 9.06
C PHE A 43 -3.14 -4.76 9.94
N TYR A 44 -2.40 -4.57 11.03
CA TYR A 44 -2.14 -5.66 11.97
C TYR A 44 -3.41 -6.48 12.21
N LYS A 45 -4.55 -5.82 12.05
CA LYS A 45 -5.82 -6.48 12.25
C LYS A 45 -5.88 -7.74 11.40
N TYR A 46 -5.04 -7.78 10.39
CA TYR A 46 -4.99 -8.91 9.49
C TYR A 46 -3.86 -9.88 9.90
N GLY A 47 -2.67 -9.33 10.01
CA GLY A 47 -1.52 -10.13 10.39
C GLY A 47 -0.55 -9.32 11.26
N ALA A 48 0.73 -9.52 11.01
CA ALA A 48 1.76 -8.81 11.77
C ALA A 48 2.63 -8.02 10.80
N ILE A 49 3.14 -6.90 11.30
CA ILE A 49 4.00 -6.04 10.49
C ILE A 49 5.45 -6.24 10.90
N ARG A 50 6.33 -6.13 9.92
CA ARG A 50 7.76 -6.30 10.17
C ARG A 50 8.40 -4.94 10.49
N ASP A 51 7.80 -3.90 9.93
CA ASP A 51 8.31 -2.55 10.14
C ASP A 51 7.45 -1.55 9.35
N ILE A 52 7.43 -0.32 9.83
CA ILE A 52 6.66 0.72 9.18
C ILE A 52 7.56 1.94 8.94
N ASP A 53 7.67 2.32 7.68
CA ASP A 53 8.48 3.46 7.30
C ASP A 53 7.58 4.65 6.98
N LEU A 54 7.67 5.66 7.83
CA LEU A 54 6.86 6.86 7.65
C LEU A 54 7.78 8.04 7.33
N LYS A 55 7.51 8.68 6.20
CA LYS A 55 8.30 9.82 5.78
C LYS A 55 7.62 11.11 6.26
N ASN A 56 8.09 11.61 7.39
CA ASN A 56 7.55 12.83 7.95
C ASN A 56 8.40 14.02 7.51
N ARG A 57 7.73 15.14 7.26
CA ARG A 57 8.41 16.34 6.83
C ARG A 57 8.99 16.15 5.44
N ARG A 58 8.29 16.70 4.46
CA ARG A 58 8.73 16.60 3.07
C ARG A 58 7.83 17.44 2.16
N GLY A 59 6.56 17.04 2.12
CA GLY A 59 5.59 17.74 1.30
C GLY A 59 4.28 16.95 1.21
N GLY A 60 3.31 17.55 0.53
CA GLY A 60 2.01 16.92 0.36
C GLY A 60 1.58 16.20 1.65
N PRO A 61 0.71 15.17 1.47
CA PRO A 61 0.21 14.41 2.60
C PRO A 61 1.28 13.44 3.12
N PRO A 62 1.10 13.02 4.39
CA PRO A 62 2.04 12.11 5.03
C PRO A 62 1.86 10.68 4.49
N PHE A 63 2.97 10.11 4.06
CA PHE A 63 2.96 8.75 3.53
C PHE A 63 3.93 7.85 4.28
N ALA A 64 3.65 6.56 4.22
CA ALA A 64 4.49 5.58 4.90
C ALA A 64 4.31 4.22 4.23
N PHE A 65 5.26 3.34 4.50
CA PHE A 65 5.22 2.00 3.94
C PHE A 65 5.12 0.94 5.04
N VAL A 66 4.41 -0.13 4.72
CA VAL A 66 4.22 -1.21 5.68
C VAL A 66 4.84 -2.50 5.11
N GLU A 67 5.66 -3.13 5.93
CA GLU A 67 6.31 -4.36 5.52
C GLU A 67 5.70 -5.57 6.24
N PHE A 68 4.98 -6.38 5.48
CA PHE A 68 4.34 -7.56 6.03
C PHE A 68 5.28 -8.76 6.02
N GLU A 69 5.00 -9.70 6.90
CA GLU A 69 5.81 -10.90 7.01
C GLU A 69 5.55 -11.82 5.81
N ASP A 70 4.44 -11.58 5.15
CA ASP A 70 4.06 -12.38 3.99
C ASP A 70 3.30 -11.50 2.99
N PRO A 71 3.43 -11.87 1.69
CA PRO A 71 2.77 -11.12 0.64
C PRO A 71 1.27 -11.42 0.61
N ARG A 72 0.94 -12.68 0.81
CA ARG A 72 -0.45 -13.11 0.81
C ARG A 72 -1.28 -12.19 1.71
N ASP A 73 -0.74 -11.91 2.88
CA ASP A 73 -1.41 -11.05 3.83
C ASP A 73 -1.31 -9.60 3.37
N ALA A 74 -0.08 -9.16 3.16
CA ALA A 74 0.18 -7.80 2.71
C ALA A 74 -0.88 -7.42 1.66
N GLU A 75 -1.22 -8.38 0.83
CA GLU A 75 -2.21 -8.15 -0.21
C GLU A 75 -3.61 -8.08 0.39
N ASP A 76 -3.91 -9.06 1.23
CA ASP A 76 -5.21 -9.13 1.88
C ASP A 76 -5.51 -7.78 2.53
N ALA A 77 -4.45 -7.12 2.99
CA ALA A 77 -4.59 -5.83 3.63
C ALA A 77 -4.90 -4.77 2.57
N VAL A 78 -3.93 -4.58 1.68
CA VAL A 78 -4.09 -3.60 0.62
C VAL A 78 -5.41 -3.85 -0.12
N TYR A 79 -5.79 -5.12 -0.18
CA TYR A 79 -7.03 -5.50 -0.84
C TYR A 79 -8.24 -4.94 -0.09
N GLY A 80 -7.98 -4.45 1.12
CA GLY A 80 -9.04 -3.89 1.93
C GLY A 80 -8.71 -2.46 2.36
N ARG A 81 -7.68 -2.35 3.20
CA ARG A 81 -7.25 -1.05 3.69
C ARG A 81 -7.31 -0.01 2.57
N ASP A 82 -7.14 -0.49 1.35
CA ASP A 82 -7.17 0.38 0.18
C ASP A 82 -8.58 0.96 0.03
N GLY A 83 -8.72 2.21 0.44
CA GLY A 83 -10.01 2.88 0.35
C GLY A 83 -10.70 2.92 1.70
N TYR A 84 -9.89 2.99 2.75
CA TYR A 84 -10.42 3.03 4.11
C TYR A 84 -10.65 4.47 4.56
N ASP A 85 -11.71 4.64 5.35
CA ASP A 85 -12.05 5.96 5.86
C ASP A 85 -11.61 6.06 7.32
N TYR A 86 -10.42 6.62 7.50
CA TYR A 86 -9.86 6.79 8.84
C TYR A 86 -10.30 8.12 9.44
N ASP A 87 -11.30 8.06 10.30
CA ASP A 87 -11.81 9.25 10.95
C ASP A 87 -12.34 10.21 9.89
N GLY A 88 -12.74 9.64 8.76
CA GLY A 88 -13.27 10.45 7.67
C GLY A 88 -12.24 10.56 6.54
N TYR A 89 -10.97 10.52 6.92
CA TYR A 89 -9.89 10.62 5.95
C TYR A 89 -9.76 9.33 5.15
N ARG A 90 -10.12 9.41 3.88
CA ARG A 90 -10.05 8.27 2.99
C ARG A 90 -8.60 7.97 2.63
N LEU A 91 -8.08 6.92 3.25
CA LEU A 91 -6.71 6.52 3.01
C LEU A 91 -6.59 5.93 1.60
N ARG A 92 -5.35 5.76 1.16
CA ARG A 92 -5.09 5.20 -0.15
C ARG A 92 -3.93 4.21 -0.10
N VAL A 93 -4.27 2.94 -0.04
CA VAL A 93 -3.26 1.90 0.01
C VAL A 93 -3.07 1.30 -1.38
N GLU A 94 -1.82 1.28 -1.83
CA GLU A 94 -1.50 0.75 -3.13
C GLU A 94 -0.01 0.38 -3.20
N PHE A 95 0.28 -0.66 -3.98
CA PHE A 95 1.65 -1.11 -4.14
C PHE A 95 2.49 -0.10 -4.91
N PRO A 96 3.81 -0.07 -4.59
CA PRO A 96 4.72 0.85 -5.24
C PRO A 96 5.04 0.39 -6.66
N ARG A 97 4.07 0.61 -7.55
CA ARG A 97 4.24 0.22 -8.94
C ARG A 97 4.41 -1.30 -9.05
N SER A 98 3.54 -1.90 -9.84
CA SER A 98 3.59 -3.34 -10.04
C SER A 98 3.24 -3.69 -11.49
N GLY A 99 4.28 -3.88 -12.28
CA GLY A 99 4.11 -4.21 -13.69
C GLY A 99 3.86 -5.71 -13.88
N ARG A 100 3.03 -6.02 -14.85
CA ARG A 100 2.71 -7.41 -15.15
C ARG A 100 3.56 -7.92 -16.30
N GLY A 101 4.57 -8.70 -15.94
CA GLY A 101 5.47 -9.27 -16.94
C GLY A 101 6.11 -10.56 -16.44
N THR A 102 5.29 -11.62 -16.40
CA THR A 102 5.77 -12.91 -15.94
C THR A 102 5.80 -13.90 -17.11
N GLY A 103 4.96 -13.65 -18.10
CA GLY A 103 4.89 -14.50 -19.27
C GLY A 103 3.87 -15.63 -19.06
N SER A 104 3.68 -16.41 -20.11
CA SER A 104 2.74 -17.51 -20.06
C SER A 104 3.39 -18.78 -20.62
N GLY A 105 2.96 -19.91 -20.09
CA GLY A 105 3.49 -21.19 -20.53
C GLY A 105 2.53 -21.88 -21.50
N PRO A 106 3.08 -22.87 -22.25
CA PRO A 106 2.29 -23.61 -23.21
C PRO A 106 1.36 -24.62 -22.51
N SER A 107 1.94 -25.36 -21.60
CA SER A 107 1.19 -26.36 -20.85
C SER A 107 2.00 -26.84 -19.64
N SER A 108 1.29 -27.41 -18.68
CA SER A 108 1.93 -27.91 -17.47
C SER A 108 1.01 -28.91 -16.77
N GLY A 109 1.28 -30.18 -17.02
CA GLY A 109 0.48 -31.25 -16.42
C GLY A 109 0.81 -32.59 -17.05
N GLY A 1 2.69 24.31 -36.77
CA GLY A 1 3.61 23.24 -36.42
C GLY A 1 3.09 22.43 -35.23
N SER A 2 3.73 21.29 -35.01
CA SER A 2 3.33 20.41 -33.93
C SER A 2 4.36 19.28 -33.77
N SER A 3 5.10 19.35 -32.68
CA SER A 3 6.12 18.34 -32.39
C SER A 3 6.75 18.61 -31.02
N GLY A 4 7.45 17.60 -30.54
CA GLY A 4 8.11 17.70 -29.24
C GLY A 4 9.13 16.58 -29.04
N SER A 5 10.12 16.56 -29.91
CA SER A 5 11.16 15.55 -29.85
C SER A 5 10.55 14.17 -30.11
N SER A 6 11.44 13.21 -30.39
CA SER A 6 11.01 11.85 -30.65
C SER A 6 10.92 11.07 -29.35
N GLY A 7 12.04 11.03 -28.64
CA GLY A 7 12.10 10.32 -27.38
C GLY A 7 13.02 9.09 -27.48
N MET A 8 13.95 9.01 -26.54
CA MET A 8 14.89 7.90 -26.52
C MET A 8 15.24 7.51 -25.08
N SER A 9 15.71 6.28 -24.93
CA SER A 9 16.09 5.78 -23.63
C SER A 9 17.18 4.71 -23.77
N GLY A 10 17.87 4.47 -22.66
CA GLY A 10 18.94 3.49 -22.65
C GLY A 10 19.57 3.37 -21.26
N GLY A 11 20.36 2.32 -21.08
CA GLY A 11 21.02 2.08 -19.81
C GLY A 11 21.46 0.62 -19.69
N GLY A 12 21.77 0.23 -18.46
CA GLY A 12 22.21 -1.13 -18.20
C GLY A 12 21.68 -1.62 -16.84
N VAL A 13 22.61 -2.10 -16.02
CA VAL A 13 22.25 -2.60 -14.71
C VAL A 13 22.36 -1.47 -13.69
N ILE A 14 21.72 -0.36 -14.02
CA ILE A 14 21.74 0.80 -13.13
C ILE A 14 20.44 0.84 -12.33
N ARG A 15 19.90 -0.34 -12.09
CA ARG A 15 18.66 -0.46 -11.33
C ARG A 15 18.82 -1.45 -10.19
N GLY A 16 18.05 -1.24 -9.14
CA GLY A 16 18.10 -2.12 -7.98
C GLY A 16 17.68 -3.54 -8.35
N PRO A 17 17.01 -4.21 -7.37
CA PRO A 17 16.55 -5.58 -7.59
C PRO A 17 15.33 -5.61 -8.51
N ALA A 18 14.88 -6.82 -8.80
CA ALA A 18 13.72 -7.00 -9.67
C ALA A 18 12.50 -7.32 -8.81
N GLY A 19 11.33 -7.15 -9.41
CA GLY A 19 10.08 -7.41 -8.73
C GLY A 19 9.74 -8.90 -8.74
N ASN A 20 8.71 -9.25 -7.99
CA ASN A 20 8.28 -10.64 -7.91
C ASN A 20 7.20 -10.78 -6.84
N ASN A 21 7.58 -10.43 -5.62
CA ASN A 21 6.64 -10.50 -4.50
C ASN A 21 6.43 -9.10 -3.93
N ASP A 22 5.21 -8.87 -3.48
CA ASP A 22 4.85 -7.58 -2.91
C ASP A 22 4.47 -7.76 -1.44
N CYS A 23 5.42 -7.45 -0.57
CA CYS A 23 5.21 -7.58 0.86
C CYS A 23 5.10 -6.17 1.45
N ARG A 24 5.59 -5.20 0.69
CA ARG A 24 5.55 -3.82 1.13
C ARG A 24 4.43 -3.06 0.41
N ILE A 25 3.68 -2.28 1.18
CA ILE A 25 2.58 -1.51 0.64
C ILE A 25 2.76 -0.03 1.02
N TYR A 26 2.15 0.82 0.23
CA TYR A 26 2.22 2.25 0.48
C TYR A 26 0.86 2.82 0.87
N VAL A 27 0.87 3.58 1.95
CA VAL A 27 -0.36 4.19 2.45
C VAL A 27 -0.25 5.71 2.36
N GLY A 28 -1.22 6.31 1.69
CA GLY A 28 -1.25 7.74 1.52
C GLY A 28 -2.58 8.33 1.98
N ASN A 29 -2.73 9.64 1.78
CA ASN A 29 -3.94 10.33 2.18
C ASN A 29 -4.15 10.18 3.69
N LEU A 30 -3.04 10.03 4.39
CA LEU A 30 -3.08 9.87 5.84
C LEU A 30 -3.31 11.23 6.49
N PRO A 31 -3.81 11.19 7.75
CA PRO A 31 -4.08 12.42 8.49
C PRO A 31 -2.77 13.04 8.99
N PRO A 32 -2.89 14.31 9.47
CA PRO A 32 -1.73 15.02 9.98
C PRO A 32 -1.34 14.50 11.37
N ASP A 33 -2.34 14.04 12.10
CA ASP A 33 -2.12 13.52 13.43
C ASP A 33 -2.18 11.99 13.39
N ILE A 34 -1.45 11.42 12.44
CA ILE A 34 -1.41 9.98 12.29
C ILE A 34 -0.17 9.42 12.98
N ARG A 35 -0.23 8.15 13.34
CA ARG A 35 0.88 7.50 14.01
C ARG A 35 1.23 6.18 13.30
N THR A 36 2.48 5.80 13.42
CA THR A 36 2.95 4.57 12.80
C THR A 36 2.27 3.36 13.44
N LYS A 37 1.79 3.56 14.66
CA LYS A 37 1.12 2.49 15.39
C LYS A 37 -0.33 2.40 14.91
N ASP A 38 -1.01 3.53 14.97
CA ASP A 38 -2.40 3.59 14.56
C ASP A 38 -2.55 2.94 13.19
N ILE A 39 -1.56 3.20 12.34
CA ILE A 39 -1.57 2.64 11.00
C ILE A 39 -1.28 1.14 11.07
N GLU A 40 -0.54 0.76 12.09
CA GLU A 40 -0.20 -0.64 12.28
C GLU A 40 -1.44 -1.44 12.71
N ASP A 41 -1.90 -1.15 13.92
CA ASP A 41 -3.07 -1.83 14.45
C ASP A 41 -4.13 -1.95 13.35
N VAL A 42 -4.28 -0.87 12.60
CA VAL A 42 -5.25 -0.82 11.52
C VAL A 42 -5.08 -2.07 10.65
N PHE A 43 -3.94 -2.14 9.98
CA PHE A 43 -3.64 -3.26 9.12
C PHE A 43 -3.49 -4.55 9.93
N TYR A 44 -2.88 -4.42 11.09
CA TYR A 44 -2.67 -5.56 11.96
C TYR A 44 -3.94 -6.41 12.08
N LYS A 45 -5.07 -5.76 11.83
CA LYS A 45 -6.35 -6.43 11.91
C LYS A 45 -6.34 -7.65 10.98
N TYR A 46 -5.40 -7.63 10.04
CA TYR A 46 -5.27 -8.72 9.10
C TYR A 46 -4.22 -9.72 9.56
N GLY A 47 -3.02 -9.22 9.80
CA GLY A 47 -1.93 -10.05 10.25
C GLY A 47 -0.97 -9.27 11.16
N ALA A 48 0.31 -9.37 10.83
CA ALA A 48 1.33 -8.68 11.60
C ALA A 48 2.19 -7.83 10.66
N ILE A 49 2.92 -6.89 11.25
CA ILE A 49 3.77 -6.02 10.48
C ILE A 49 5.23 -6.27 10.87
N ARG A 50 6.11 -6.14 9.89
CA ARG A 50 7.52 -6.35 10.11
C ARG A 50 8.21 -5.02 10.47
N ASP A 51 7.79 -3.98 9.76
CA ASP A 51 8.35 -2.66 9.99
C ASP A 51 7.51 -1.62 9.26
N ILE A 52 7.52 -0.40 9.79
CA ILE A 52 6.78 0.69 9.20
C ILE A 52 7.69 1.90 9.02
N ASP A 53 7.59 2.51 7.85
CA ASP A 53 8.40 3.68 7.55
C ASP A 53 7.49 4.84 7.16
N LEU A 54 7.49 5.87 8.00
CA LEU A 54 6.68 7.04 7.76
C LEU A 54 7.58 8.25 7.53
N LYS A 55 7.38 8.88 6.38
CA LYS A 55 8.18 10.04 6.02
C LYS A 55 7.48 11.31 6.54
N ASN A 56 7.37 11.38 7.86
CA ASN A 56 6.74 12.51 8.50
C ASN A 56 7.22 13.81 7.82
N ARG A 57 8.47 14.15 8.08
CA ARG A 57 9.05 15.35 7.50
C ARG A 57 8.94 15.31 5.97
N ARG A 58 8.00 16.10 5.47
CA ARG A 58 7.76 16.16 4.03
C ARG A 58 6.54 17.03 3.73
N GLY A 59 6.40 17.36 2.45
CA GLY A 59 5.28 18.18 2.02
C GLY A 59 4.02 17.33 1.81
N GLY A 60 3.07 17.89 1.10
CA GLY A 60 1.82 17.21 0.81
C GLY A 60 1.37 16.38 2.02
N PRO A 61 0.57 15.33 1.73
CA PRO A 61 0.06 14.46 2.78
C PRO A 61 1.16 13.52 3.29
N PRO A 62 0.98 13.06 4.56
CA PRO A 62 1.95 12.17 5.17
C PRO A 62 1.81 10.75 4.62
N PHE A 63 2.93 10.23 4.14
CA PHE A 63 2.95 8.88 3.57
C PHE A 63 3.89 7.98 4.36
N ALA A 64 3.62 6.68 4.29
CA ALA A 64 4.43 5.70 4.98
C ALA A 64 4.25 4.33 4.31
N PHE A 65 5.18 3.44 4.61
CA PHE A 65 5.14 2.11 4.06
C PHE A 65 4.98 1.05 5.16
N VAL A 66 4.33 -0.04 4.80
CA VAL A 66 4.10 -1.12 5.74
C VAL A 66 4.64 -2.43 5.15
N GLU A 67 5.46 -3.10 5.94
CA GLU A 67 6.05 -4.36 5.50
C GLU A 67 5.45 -5.53 6.30
N PHE A 68 4.86 -6.45 5.56
CA PHE A 68 4.24 -7.61 6.18
C PHE A 68 5.20 -8.80 6.20
N GLU A 69 4.85 -9.79 7.00
CA GLU A 69 5.68 -10.98 7.13
C GLU A 69 5.46 -11.91 5.93
N ASP A 70 4.22 -11.92 5.45
CA ASP A 70 3.87 -12.76 4.31
C ASP A 70 3.28 -11.89 3.21
N PRO A 71 3.31 -12.42 1.96
CA PRO A 71 2.78 -11.70 0.82
C PRO A 71 1.26 -11.72 0.82
N ARG A 72 0.72 -12.92 1.02
CA ARG A 72 -0.73 -13.09 1.04
C ARG A 72 -1.38 -11.96 1.84
N ASP A 73 -0.98 -11.87 3.10
CA ASP A 73 -1.53 -10.84 3.99
C ASP A 73 -1.25 -9.46 3.37
N ALA A 74 -0.01 -9.27 2.94
CA ALA A 74 0.39 -8.01 2.36
C ALA A 74 -0.60 -7.64 1.24
N GLU A 75 -1.22 -8.66 0.68
CA GLU A 75 -2.19 -8.46 -0.38
C GLU A 75 -3.59 -8.27 0.19
N ASP A 76 -4.01 -9.25 0.99
CA ASP A 76 -5.32 -9.20 1.61
C ASP A 76 -5.49 -7.85 2.33
N ALA A 77 -4.37 -7.31 2.79
CA ALA A 77 -4.38 -6.05 3.49
C ALA A 77 -4.71 -4.93 2.49
N VAL A 78 -3.82 -4.76 1.53
CA VAL A 78 -4.01 -3.74 0.51
C VAL A 78 -5.34 -3.97 -0.21
N TYR A 79 -5.70 -5.25 -0.32
CA TYR A 79 -6.93 -5.61 -0.99
C TYR A 79 -8.14 -5.07 -0.24
N GLY A 80 -7.88 -4.57 0.97
CA GLY A 80 -8.94 -4.01 1.79
C GLY A 80 -8.64 -2.56 2.15
N ARG A 81 -7.64 -2.39 2.99
CA ARG A 81 -7.23 -1.06 3.42
C ARG A 81 -7.31 -0.07 2.26
N ASP A 82 -7.10 -0.60 1.06
CA ASP A 82 -7.14 0.21 -0.14
C ASP A 82 -8.56 0.76 -0.32
N GLY A 83 -8.76 1.96 0.22
CA GLY A 83 -10.06 2.61 0.12
C GLY A 83 -10.69 2.77 1.50
N TYR A 84 -9.90 2.46 2.52
CA TYR A 84 -10.37 2.57 3.89
C TYR A 84 -10.69 4.03 4.25
N ASP A 85 -11.43 4.18 5.33
CA ASP A 85 -11.82 5.51 5.79
C ASP A 85 -11.44 5.67 7.27
N TYR A 86 -10.46 6.54 7.51
CA TYR A 86 -10.01 6.79 8.86
C TYR A 86 -9.91 8.28 9.14
N ASP A 87 -10.54 8.69 10.23
CA ASP A 87 -10.54 10.09 10.63
C ASP A 87 -11.32 10.91 9.59
N GLY A 88 -12.14 10.20 8.82
CA GLY A 88 -12.95 10.85 7.80
C GLY A 88 -12.15 11.03 6.51
N TYR A 89 -10.96 10.46 6.50
CA TYR A 89 -10.08 10.56 5.35
C TYR A 89 -10.01 9.23 4.59
N ARG A 90 -10.10 9.33 3.27
CA ARG A 90 -10.05 8.13 2.43
C ARG A 90 -8.60 7.73 2.17
N LEU A 91 -8.08 6.87 3.04
CA LEU A 91 -6.72 6.41 2.91
C LEU A 91 -6.53 5.78 1.53
N ARG A 92 -5.29 5.82 1.07
CA ARG A 92 -4.96 5.26 -0.25
C ARG A 92 -3.84 4.23 -0.10
N VAL A 93 -4.22 2.96 -0.24
CA VAL A 93 -3.27 1.87 -0.13
C VAL A 93 -3.01 1.30 -1.52
N GLU A 94 -1.72 1.20 -1.85
CA GLU A 94 -1.33 0.68 -3.15
C GLU A 94 0.14 0.21 -3.11
N PHE A 95 0.45 -0.73 -3.99
CA PHE A 95 1.80 -1.26 -4.05
C PHE A 95 2.72 -0.31 -4.81
N PRO A 96 4.03 -0.35 -4.43
CA PRO A 96 5.02 0.50 -5.06
C PRO A 96 5.38 -0.03 -6.45
N ARG A 97 4.68 0.50 -7.45
CA ARG A 97 4.91 0.09 -8.82
C ARG A 97 5.69 1.19 -9.57
N SER A 98 6.83 0.79 -10.11
CA SER A 98 7.67 1.72 -10.85
C SER A 98 6.97 2.12 -12.15
N GLY A 99 6.65 1.11 -12.96
CA GLY A 99 5.99 1.35 -14.23
C GLY A 99 6.41 0.32 -15.26
N ARG A 100 6.12 0.63 -16.52
CA ARG A 100 6.48 -0.27 -17.61
C ARG A 100 7.99 -0.30 -17.81
N GLY A 101 8.48 -1.46 -18.24
CA GLY A 101 9.89 -1.63 -18.46
C GLY A 101 10.18 -1.90 -19.94
N THR A 102 9.99 -3.15 -20.34
CA THR A 102 10.23 -3.55 -21.71
C THR A 102 11.67 -3.24 -22.12
N GLY A 103 12.59 -4.02 -21.57
CA GLY A 103 14.00 -3.84 -21.86
C GLY A 103 14.54 -5.01 -22.68
N SER A 104 15.15 -4.67 -23.81
CA SER A 104 15.71 -5.68 -24.68
C SER A 104 16.33 -5.01 -25.92
N GLY A 105 17.24 -5.74 -26.55
CA GLY A 105 17.91 -5.24 -27.74
C GLY A 105 18.38 -6.39 -28.63
N PRO A 106 19.74 -6.49 -28.76
CA PRO A 106 20.33 -7.54 -29.57
C PRO A 106 20.26 -8.89 -28.87
N SER A 107 20.15 -9.94 -29.68
CA SER A 107 20.07 -11.29 -29.15
C SER A 107 21.07 -12.19 -29.87
N SER A 108 22.25 -12.30 -29.29
CA SER A 108 23.31 -13.13 -29.86
C SER A 108 23.77 -12.52 -31.19
N GLY A 109 25.03 -12.78 -31.51
CA GLY A 109 25.61 -12.28 -32.74
C GLY A 109 25.90 -13.43 -33.71
N GLY A 1 -19.36 16.82 -2.14
CA GLY A 1 -17.98 17.05 -1.78
C GLY A 1 -17.05 16.12 -2.57
N SER A 2 -15.91 16.67 -2.97
CA SER A 2 -14.94 15.89 -3.73
C SER A 2 -13.64 15.75 -2.92
N SER A 3 -12.93 14.67 -3.19
CA SER A 3 -11.68 14.41 -2.50
C SER A 3 -10.83 13.44 -3.31
N GLY A 4 -9.55 13.76 -3.43
CA GLY A 4 -8.62 12.93 -4.17
C GLY A 4 -7.48 13.78 -4.75
N SER A 5 -7.82 14.53 -5.79
CA SER A 5 -6.83 15.38 -6.44
C SER A 5 -5.76 14.52 -7.12
N SER A 6 -5.35 14.96 -8.30
CA SER A 6 -4.33 14.23 -9.05
C SER A 6 -2.94 14.66 -8.58
N GLY A 7 -2.19 13.68 -8.09
CA GLY A 7 -0.84 13.94 -7.61
C GLY A 7 0.18 13.08 -8.35
N MET A 8 0.70 13.63 -9.44
CA MET A 8 1.68 12.92 -10.24
C MET A 8 2.83 12.42 -9.37
N SER A 9 3.49 11.37 -9.86
CA SER A 9 4.60 10.78 -9.15
C SER A 9 5.38 9.84 -10.06
N GLY A 10 6.69 9.89 -9.95
CA GLY A 10 7.56 9.05 -10.76
C GLY A 10 7.37 7.58 -10.40
N GLY A 11 8.27 6.76 -10.92
CA GLY A 11 8.22 5.33 -10.68
C GLY A 11 9.61 4.76 -10.41
N GLY A 12 9.66 3.79 -9.50
CA GLY A 12 10.92 3.16 -9.14
C GLY A 12 11.54 3.84 -7.93
N VAL A 13 11.91 3.03 -6.96
CA VAL A 13 12.52 3.54 -5.74
C VAL A 13 13.47 2.49 -5.17
N ILE A 14 14.67 2.95 -4.83
CA ILE A 14 15.68 2.05 -4.27
C ILE A 14 15.74 0.78 -5.12
N ARG A 15 16.32 -0.26 -4.51
CA ARG A 15 16.45 -1.54 -5.20
C ARG A 15 15.14 -1.90 -5.91
N GLY A 16 15.27 -2.14 -7.20
CA GLY A 16 14.10 -2.50 -8.01
C GLY A 16 13.57 -3.87 -7.61
N PRO A 17 12.26 -4.09 -7.93
CA PRO A 17 11.63 -5.36 -7.62
C PRO A 17 12.09 -6.46 -8.57
N ALA A 18 11.65 -7.68 -8.29
CA ALA A 18 12.00 -8.82 -9.11
C ALA A 18 10.80 -9.77 -9.21
N GLY A 19 10.35 -10.22 -8.06
CA GLY A 19 9.21 -11.13 -8.01
C GLY A 19 9.55 -12.37 -7.18
N ASN A 20 9.55 -12.20 -5.87
CA ASN A 20 9.85 -13.30 -4.97
C ASN A 20 8.68 -13.49 -4.00
N ASN A 21 8.32 -12.40 -3.33
CA ASN A 21 7.23 -12.42 -2.37
C ASN A 21 6.53 -11.07 -2.37
N ASP A 22 7.33 -10.03 -2.12
CA ASP A 22 6.80 -8.68 -2.07
C ASP A 22 5.78 -8.57 -0.94
N CYS A 23 6.24 -8.02 0.17
CA CYS A 23 5.39 -7.85 1.34
C CYS A 23 5.47 -6.38 1.79
N ARG A 24 5.61 -5.51 0.81
CA ARG A 24 5.70 -4.09 1.08
C ARG A 24 4.55 -3.34 0.40
N ILE A 25 3.81 -2.58 1.20
CA ILE A 25 2.70 -1.81 0.70
C ILE A 25 2.87 -0.34 1.07
N TYR A 26 2.16 0.52 0.35
CA TYR A 26 2.23 1.94 0.60
C TYR A 26 0.86 2.51 0.96
N VAL A 27 0.83 3.23 2.07
CA VAL A 27 -0.41 3.83 2.54
C VAL A 27 -0.35 5.34 2.33
N GLY A 28 -1.27 5.83 1.50
CA GLY A 28 -1.33 7.25 1.22
C GLY A 28 -2.62 7.87 1.76
N ASN A 29 -2.75 9.17 1.57
CA ASN A 29 -3.92 9.89 2.03
C ASN A 29 -4.15 9.58 3.52
N LEU A 30 -3.30 10.17 4.34
CA LEU A 30 -3.39 9.96 5.78
C LEU A 30 -3.70 11.30 6.46
N PRO A 31 -4.24 11.19 7.71
CA PRO A 31 -4.58 12.39 8.47
C PRO A 31 -3.31 13.06 9.03
N PRO A 32 -3.51 14.31 9.52
CA PRO A 32 -2.40 15.07 10.07
C PRO A 32 -2.02 14.55 11.46
N ASP A 33 -3.01 14.01 12.15
CA ASP A 33 -2.80 13.48 13.48
C ASP A 33 -2.79 11.95 13.42
N ILE A 34 -2.01 11.43 12.48
CA ILE A 34 -1.90 9.99 12.30
C ILE A 34 -0.66 9.49 13.04
N ARG A 35 -0.69 8.20 13.36
CA ARG A 35 0.42 7.58 14.07
C ARG A 35 0.81 6.27 13.40
N THR A 36 2.11 6.01 13.38
CA THR A 36 2.63 4.80 12.77
C THR A 36 1.96 3.57 13.37
N LYS A 37 1.81 3.61 14.69
CA LYS A 37 1.19 2.51 15.41
C LYS A 37 -0.26 2.37 14.95
N ASP A 38 -0.99 3.46 15.06
CA ASP A 38 -2.39 3.47 14.66
C ASP A 38 -2.52 2.85 13.27
N ILE A 39 -1.60 3.20 12.41
CA ILE A 39 -1.61 2.68 11.04
C ILE A 39 -1.25 1.19 11.07
N GLU A 40 -0.50 0.82 12.09
CA GLU A 40 -0.08 -0.57 12.24
C GLU A 40 -1.26 -1.43 12.70
N ASP A 41 -1.73 -1.14 13.91
CA ASP A 41 -2.85 -1.87 14.47
C ASP A 41 -3.91 -2.08 13.38
N VAL A 42 -4.25 -0.99 12.71
CA VAL A 42 -5.25 -1.04 11.67
C VAL A 42 -5.00 -2.27 10.78
N PHE A 43 -3.87 -2.25 10.10
CA PHE A 43 -3.50 -3.35 9.22
C PHE A 43 -3.27 -4.63 10.03
N TYR A 44 -2.79 -4.44 11.25
CA TYR A 44 -2.52 -5.57 12.13
C TYR A 44 -3.76 -6.47 12.27
N LYS A 45 -4.90 -5.90 11.92
CA LYS A 45 -6.15 -6.63 12.00
C LYS A 45 -6.04 -7.91 11.16
N TYR A 46 -5.07 -7.91 10.26
CA TYR A 46 -4.85 -9.06 9.40
C TYR A 46 -3.75 -9.96 9.96
N GLY A 47 -2.59 -9.36 10.20
CA GLY A 47 -1.46 -10.09 10.73
C GLY A 47 -0.54 -9.19 11.54
N ALA A 48 0.75 -9.35 11.33
CA ALA A 48 1.75 -8.56 12.03
C ALA A 48 2.63 -7.84 11.02
N ILE A 49 3.07 -6.64 11.40
CA ILE A 49 3.93 -5.85 10.53
C ILE A 49 5.39 -6.06 10.92
N ARG A 50 6.24 -6.04 9.92
CA ARG A 50 7.68 -6.23 10.14
C ARG A 50 8.34 -4.90 10.47
N ASP A 51 7.77 -3.83 9.92
CA ASP A 51 8.30 -2.50 10.13
C ASP A 51 7.49 -1.48 9.34
N ILE A 52 7.58 -0.23 9.75
CA ILE A 52 6.86 0.84 9.09
C ILE A 52 7.80 2.02 8.87
N ASP A 53 7.73 2.60 7.68
CA ASP A 53 8.56 3.74 7.34
C ASP A 53 7.67 4.95 7.11
N LEU A 54 7.61 5.81 8.11
CA LEU A 54 6.80 7.02 8.03
C LEU A 54 7.69 8.19 7.60
N LYS A 55 7.35 8.75 6.45
CA LYS A 55 8.10 9.87 5.92
C LYS A 55 7.61 11.17 6.56
N ASN A 56 6.60 11.77 5.93
CA ASN A 56 6.04 13.00 6.44
C ASN A 56 7.10 14.10 6.40
N ARG A 57 7.04 14.90 5.34
CA ARG A 57 7.99 15.98 5.17
C ARG A 57 7.71 16.73 3.86
N ARG A 58 6.61 17.46 3.85
CA ARG A 58 6.22 18.22 2.67
C ARG A 58 6.01 17.28 1.48
N GLY A 59 5.21 17.75 0.53
CA GLY A 59 4.92 16.97 -0.65
C GLY A 59 3.59 16.24 -0.51
N GLY A 60 2.58 16.97 -0.07
CA GLY A 60 1.25 16.41 0.11
C GLY A 60 1.06 15.92 1.55
N PRO A 61 0.14 14.94 1.71
CA PRO A 61 -0.15 14.39 3.02
C PRO A 61 0.97 13.46 3.49
N PRO A 62 0.85 13.01 4.76
CA PRO A 62 1.84 12.12 5.33
C PRO A 62 1.69 10.70 4.78
N PHE A 63 2.80 10.18 4.26
CA PHE A 63 2.81 8.84 3.70
C PHE A 63 3.80 7.95 4.44
N ALA A 64 3.53 6.64 4.38
CA ALA A 64 4.39 5.67 5.04
C ALA A 64 4.19 4.30 4.40
N PHE A 65 5.18 3.45 4.56
CA PHE A 65 5.13 2.11 4.02
C PHE A 65 5.03 1.06 5.12
N VAL A 66 4.38 -0.05 4.80
CA VAL A 66 4.21 -1.13 5.76
C VAL A 66 4.77 -2.42 5.16
N GLU A 67 5.61 -3.08 5.94
CA GLU A 67 6.24 -4.32 5.51
C GLU A 67 5.66 -5.50 6.30
N PHE A 68 4.75 -6.22 5.65
CA PHE A 68 4.12 -7.37 6.27
C PHE A 68 5.08 -8.56 6.33
N GLU A 69 4.75 -9.50 7.20
CA GLU A 69 5.58 -10.69 7.36
C GLU A 69 5.30 -11.69 6.24
N ASP A 70 4.16 -11.49 5.59
CA ASP A 70 3.76 -12.36 4.49
C ASP A 70 3.11 -11.53 3.39
N PRO A 71 3.20 -12.07 2.14
CA PRO A 71 2.62 -11.39 0.99
C PRO A 71 1.09 -11.51 0.99
N ARG A 72 0.63 -12.74 1.12
CA ARG A 72 -0.79 -13.01 1.14
C ARG A 72 -1.53 -11.91 1.89
N ASP A 73 -1.15 -11.75 3.15
CA ASP A 73 -1.77 -10.75 4.00
C ASP A 73 -1.56 -9.36 3.37
N ALA A 74 -0.29 -9.01 3.19
CA ALA A 74 0.05 -7.73 2.60
C ALA A 74 -0.87 -7.45 1.42
N GLU A 75 -1.24 -8.51 0.73
CA GLU A 75 -2.11 -8.40 -0.43
C GLU A 75 -3.56 -8.22 0.02
N ASP A 76 -4.02 -9.16 0.84
CA ASP A 76 -5.37 -9.13 1.34
C ASP A 76 -5.61 -7.80 2.07
N ALA A 77 -4.51 -7.16 2.44
CA ALA A 77 -4.59 -5.89 3.14
C ALA A 77 -4.61 -4.76 2.11
N VAL A 78 -3.52 -4.65 1.35
CA VAL A 78 -3.42 -3.62 0.34
C VAL A 78 -4.74 -3.53 -0.44
N TYR A 79 -5.38 -4.68 -0.60
CA TYR A 79 -6.64 -4.73 -1.30
C TYR A 79 -7.79 -4.24 -0.42
N GLY A 80 -7.78 -4.72 0.82
CA GLY A 80 -8.81 -4.34 1.78
C GLY A 80 -8.66 -2.87 2.20
N ARG A 81 -7.64 -2.63 3.02
CA ARG A 81 -7.36 -1.28 3.50
C ARG A 81 -7.60 -0.26 2.38
N ASP A 82 -7.15 -0.62 1.19
CA ASP A 82 -7.31 0.24 0.04
C ASP A 82 -8.73 0.81 0.01
N GLY A 83 -8.86 2.01 0.54
CA GLY A 83 -10.16 2.67 0.57
C GLY A 83 -10.75 2.63 1.99
N TYR A 84 -9.86 2.68 2.98
CA TYR A 84 -10.28 2.65 4.35
C TYR A 84 -10.81 4.02 4.80
N ASP A 85 -11.50 4.00 5.93
CA ASP A 85 -12.07 5.24 6.47
C ASP A 85 -11.54 5.46 7.89
N TYR A 86 -10.54 6.33 7.98
CA TYR A 86 -9.93 6.64 9.27
C TYR A 86 -10.53 7.93 9.84
N ASP A 87 -11.54 7.76 10.66
CA ASP A 87 -12.20 8.90 11.30
C ASP A 87 -12.61 9.90 10.22
N GLY A 88 -13.04 9.36 9.09
CA GLY A 88 -13.46 10.20 7.98
C GLY A 88 -12.36 10.30 6.91
N TYR A 89 -11.13 10.39 7.39
CA TYR A 89 -9.99 10.48 6.50
C TYR A 89 -9.79 9.18 5.73
N ARG A 90 -10.14 9.21 4.45
CA ARG A 90 -9.99 8.04 3.60
C ARG A 90 -8.52 7.80 3.28
N LEU A 91 -8.11 6.55 3.42
CA LEU A 91 -6.73 6.17 3.14
C LEU A 91 -6.66 5.50 1.77
N ARG A 92 -5.53 5.71 1.10
CA ARG A 92 -5.32 5.13 -0.21
C ARG A 92 -4.12 4.19 -0.19
N VAL A 93 -4.42 2.90 -0.06
CA VAL A 93 -3.39 1.89 -0.02
C VAL A 93 -3.20 1.31 -1.42
N GLU A 94 -1.95 1.22 -1.84
CA GLU A 94 -1.62 0.68 -3.15
C GLU A 94 -0.16 0.24 -3.20
N PHE A 95 0.10 -0.75 -4.04
CA PHE A 95 1.45 -1.28 -4.18
C PHE A 95 2.35 -0.26 -4.89
N PRO A 96 3.66 -0.33 -4.54
CA PRO A 96 4.65 0.57 -5.13
C PRO A 96 4.98 0.16 -6.57
N ARG A 97 3.98 0.33 -7.43
CA ARG A 97 4.15 -0.02 -8.84
C ARG A 97 4.49 -1.50 -8.98
N SER A 98 3.43 -2.30 -9.05
CA SER A 98 3.60 -3.74 -9.19
C SER A 98 4.39 -4.05 -10.46
N GLY A 99 3.82 -3.68 -11.60
CA GLY A 99 4.45 -3.92 -12.88
C GLY A 99 3.86 -5.14 -13.56
N ARG A 100 3.36 -4.93 -14.77
CA ARG A 100 2.77 -6.01 -15.54
C ARG A 100 3.85 -6.75 -16.33
N GLY A 101 4.04 -8.01 -15.96
CA GLY A 101 5.04 -8.83 -16.64
C GLY A 101 4.38 -9.92 -17.49
N THR A 102 5.21 -10.66 -18.21
CA THR A 102 4.71 -11.73 -19.06
C THR A 102 5.61 -12.95 -18.94
N GLY A 103 4.99 -14.08 -18.62
CA GLY A 103 5.72 -15.33 -18.47
C GLY A 103 4.81 -16.43 -17.91
N SER A 104 4.55 -17.43 -18.75
CA SER A 104 3.72 -18.54 -18.35
C SER A 104 4.49 -19.85 -18.49
N GLY A 105 3.90 -20.90 -17.92
CA GLY A 105 4.53 -22.21 -17.97
C GLY A 105 3.87 -23.16 -16.96
N PRO A 106 2.64 -23.61 -17.31
CA PRO A 106 1.90 -24.52 -16.46
C PRO A 106 2.47 -25.94 -16.53
N SER A 107 2.57 -26.44 -17.75
CA SER A 107 3.09 -27.77 -17.98
C SER A 107 2.24 -28.80 -17.24
N SER A 108 2.48 -30.07 -17.55
CA SER A 108 1.75 -31.15 -16.92
C SER A 108 2.70 -32.29 -16.57
N GLY A 109 3.36 -32.81 -17.59
CA GLY A 109 4.31 -33.90 -17.40
C GLY A 109 4.05 -35.02 -18.41
#